data_3MP3
#
_entry.id   3MP3
#
_cell.length_a   197.370
_cell.length_b   117.000
_cell.length_c   86.870
_cell.angle_alpha   90.00
_cell.angle_beta   112.31
_cell.angle_gamma   90.00
#
_symmetry.space_group_name_H-M   'C 1 2 1'
#
loop_
_entity.id
_entity.type
_entity.pdbx_description
1 polymer 'Hydroxymethylglutaryl-CoA lyase'
2 non-polymer '3-HYDROXYPENTANEDIOIC ACID'
3 non-polymer 'MAGNESIUM ION'
4 non-polymer '(3R,5S,9R,21S)-1-[(2R,3S,4R,5R)-5-(6-amino-9H-purin-9-yl)-4-hydroxy-3-(phosphonooxy)tetrahydrofuran-2-yl]-3,5,9,21-tetrahydroxy-8,8-dimethyl-10,14,19-trioxo-2,4,6-trioxa-18-thia-11,15-diaza-3,5-diphosphatricosan-23-oic acid 3,5-dioxide'
5 water water
#
_entity_poly.entity_id   1
_entity_poly.type   'polypeptide(L)'
_entity_poly.pdbx_seq_one_letter_code
;TLPKRVKIVEVGPRDGLQNEKNIVSTPVKIKLIDMLSEAGLSVIETTSFVSPKWVPQMGDHTEVLKGIQKFPGINYPVLT
PNLKGFEAAVAAGAKEVVIFGAASELFTKKNINCSIEESFQRFDAILKAAQSANISVRGYVSCALGCPYEGKISPAKVAE
VTKKFYSMGCYEISLGDTIGVGTPGIMKDMLSAVMQEVPLAALAVHCHDTYGQALANTLMALQMGVSVVDSSVAGLGGCP
YAQGASGNLATEDLVYMLEGLGIHTGVNLQKLLEAGNFICQALNRKTSSKVAQATCKL
;
_entity_poly.pdbx_strand_id   A,B,C,D,E,F
#
loop_
_chem_comp.id
_chem_comp.type
_chem_comp.name
_chem_comp.formula
3HG non-polymer '3-HYDROXYPENTANEDIOIC ACID' 'C5 H8 O5'
HGG non-polymer '(3R,5S,9R,21S)-1-[(2R,3S,4R,5R)-5-(6-amino-9H-purin-9-yl)-4-hydroxy-3-(phosphonooxy)tetrahydrofuran-2-yl]-3,5,9,21-tetrahydroxy-8,8-dimethyl-10,14,19-trioxo-2,4,6-trioxa-18-thia-11,15-diaza-3,5-diphosphatricosan-23-oic acid 3,5-dioxide' 'C26 H42 N7 O20 P3 S'
MG non-polymer 'MAGNESIUM ION' 'Mg 2'
#
# COMPACT_ATOMS: atom_id res chain seq x y z
N THR A 1 20.93 19.55 0.42
CA THR A 1 20.73 18.52 1.44
C THR A 1 20.78 17.11 0.84
N LEU A 2 20.83 16.12 1.73
CA LEU A 2 20.91 14.72 1.34
C LEU A 2 19.88 14.17 0.36
N PRO A 3 20.34 13.36 -0.61
CA PRO A 3 19.55 12.72 -1.67
C PRO A 3 18.60 11.69 -1.07
N LYS A 4 17.46 11.47 -1.72
CA LYS A 4 16.47 10.51 -1.23
C LYS A 4 16.96 9.08 -1.42
N ARG A 5 17.81 8.87 -2.43
CA ARG A 5 18.38 7.56 -2.71
C ARG A 5 19.79 7.61 -3.28
N VAL A 6 20.56 6.57 -2.94
CA VAL A 6 21.95 6.43 -3.36
C VAL A 6 22.18 5.11 -4.06
N LYS A 7 22.93 5.16 -5.16
CA LYS A 7 23.26 3.98 -5.92
C LYS A 7 24.63 3.53 -5.45
N ILE A 8 24.69 2.40 -4.75
CA ILE A 8 25.97 1.88 -4.29
C ILE A 8 26.62 1.09 -5.42
N VAL A 9 27.89 1.33 -5.66
CA VAL A 9 28.63 0.61 -6.69
C VAL A 9 29.60 -0.30 -5.96
N GLU A 10 29.26 -1.58 -5.93
CA GLU A 10 30.05 -2.60 -5.25
C GLU A 10 31.26 -3.00 -6.08
N VAL A 11 32.46 -2.80 -5.53
CA VAL A 11 33.67 -3.14 -6.25
C VAL A 11 34.42 -4.30 -5.61
N GLY A 12 33.79 -4.95 -4.64
CA GLY A 12 34.42 -6.06 -3.94
C GLY A 12 35.14 -7.10 -4.79
N PRO A 13 34.54 -7.56 -5.90
CA PRO A 13 35.23 -8.56 -6.73
C PRO A 13 36.33 -8.07 -7.69
N ARG A 14 36.45 -6.77 -7.92
CA ARG A 14 37.52 -6.29 -8.81
C ARG A 14 38.54 -5.42 -8.06
N ASP A 15 38.11 -4.25 -7.57
CA ASP A 15 38.99 -3.37 -6.80
C ASP A 15 39.42 -4.10 -5.51
N GLY A 16 38.47 -4.79 -4.88
CA GLY A 16 38.78 -5.50 -3.65
C GLY A 16 39.66 -6.71 -3.84
N LEU A 17 39.15 -7.70 -4.57
CA LEU A 17 39.91 -8.92 -4.82
C LEU A 17 41.27 -8.69 -5.48
N GLN A 18 41.33 -7.75 -6.44
CA GLN A 18 42.58 -7.48 -7.14
C GLN A 18 43.70 -7.10 -6.19
N ASN A 19 43.36 -6.33 -5.16
CA ASN A 19 44.33 -5.90 -4.19
C ASN A 19 44.29 -6.68 -2.91
N GLU A 20 44.04 -7.97 -3.02
CA GLU A 20 44.00 -8.85 -1.86
C GLU A 20 45.23 -9.75 -1.96
N LYS A 21 45.78 -10.17 -0.83
CA LYS A 21 46.97 -11.01 -0.81
C LYS A 21 46.73 -12.44 -1.32
N ASN A 22 45.71 -13.11 -0.81
CA ASN A 22 45.40 -14.47 -1.24
C ASN A 22 44.51 -14.41 -2.47
N ILE A 23 44.56 -15.42 -3.30
CA ILE A 23 43.71 -15.45 -4.48
C ILE A 23 42.60 -16.45 -4.21
N VAL A 24 41.49 -16.34 -4.94
CA VAL A 24 40.39 -17.29 -4.78
C VAL A 24 40.06 -17.91 -6.12
N SER A 25 39.56 -19.13 -6.08
CA SER A 25 39.17 -19.84 -7.28
C SER A 25 38.02 -19.16 -8.02
N THR A 26 37.94 -19.41 -9.33
CA THR A 26 36.87 -18.84 -10.17
C THR A 26 35.48 -19.11 -9.59
N PRO A 27 35.19 -20.37 -9.22
CA PRO A 27 33.87 -20.65 -8.66
C PRO A 27 33.56 -19.85 -7.40
N VAL A 28 34.60 -19.47 -6.66
CA VAL A 28 34.41 -18.66 -5.45
C VAL A 28 34.04 -17.24 -5.86
N LYS A 29 34.75 -16.72 -6.87
CA LYS A 29 34.50 -15.37 -7.39
C LYS A 29 33.06 -15.29 -7.89
N ILE A 30 32.64 -16.29 -8.64
CA ILE A 30 31.29 -16.30 -9.16
C ILE A 30 30.27 -16.39 -8.02
N LYS A 31 30.55 -17.21 -7.02
CA LYS A 31 29.63 -17.32 -5.89
C LYS A 31 29.48 -15.96 -5.20
N LEU A 32 30.60 -15.28 -4.98
CA LEU A 32 30.62 -13.96 -4.34
C LEU A 32 29.79 -12.95 -5.11
N ILE A 33 29.97 -12.91 -6.43
CA ILE A 33 29.22 -11.98 -7.24
C ILE A 33 27.74 -12.34 -7.21
N ASP A 34 27.44 -13.63 -7.20
CA ASP A 34 26.03 -14.04 -7.17
C ASP A 34 25.40 -13.66 -5.84
N MET A 35 26.19 -13.70 -4.78
CA MET A 35 25.68 -13.32 -3.46
C MET A 35 25.43 -11.82 -3.38
N LEU A 36 26.33 -11.06 -4.00
CA LEU A 36 26.20 -9.61 -4.02
C LEU A 36 24.97 -9.24 -4.84
N SER A 37 24.73 -9.96 -5.95
CA SER A 37 23.55 -9.71 -6.79
C SER A 37 22.29 -9.98 -5.98
N GLU A 38 22.30 -11.04 -5.20
CA GLU A 38 21.15 -11.38 -4.38
C GLU A 38 21.03 -10.50 -3.16
N ALA A 39 22.13 -9.85 -2.80
CA ALA A 39 22.14 -8.96 -1.65
C ALA A 39 21.38 -7.69 -1.98
N GLY A 40 21.20 -7.40 -3.26
CA GLY A 40 20.47 -6.20 -3.65
C GLY A 40 21.21 -5.20 -4.51
N LEU A 41 22.54 -5.17 -4.45
CA LEU A 41 23.32 -4.23 -5.26
C LEU A 41 22.82 -4.17 -6.71
N SER A 42 22.78 -2.96 -7.28
CA SER A 42 22.33 -2.75 -8.66
C SER A 42 23.51 -2.60 -9.62
N VAL A 43 24.72 -2.58 -9.09
CA VAL A 43 25.90 -2.49 -9.92
C VAL A 43 27.02 -3.21 -9.20
N ILE A 44 27.65 -4.15 -9.89
CA ILE A 44 28.74 -4.91 -9.29
C ILE A 44 29.92 -4.96 -10.27
N GLU A 45 31.06 -4.42 -9.85
CA GLU A 45 32.24 -4.44 -10.70
C GLU A 45 32.72 -5.89 -10.71
N THR A 46 32.55 -6.57 -11.84
CA THR A 46 32.87 -8.00 -11.95
C THR A 46 34.32 -8.50 -12.13
N THR A 47 35.08 -7.82 -12.98
CA THR A 47 36.46 -8.21 -13.20
C THR A 47 37.15 -7.11 -14.00
N SER A 48 38.28 -7.44 -14.62
CA SER A 48 39.06 -6.50 -15.41
C SER A 48 39.74 -7.28 -16.53
N PHE A 49 39.47 -6.92 -17.78
CA PHE A 49 40.08 -7.62 -18.90
C PHE A 49 41.46 -7.04 -19.12
N VAL A 50 42.36 -7.47 -18.26
CA VAL A 50 43.74 -7.01 -18.26
C VAL A 50 44.71 -8.18 -18.50
N SER A 51 45.82 -7.88 -19.19
CA SER A 51 46.83 -8.88 -19.49
C SER A 51 47.20 -9.64 -18.25
N PRO A 52 47.12 -10.98 -18.30
CA PRO A 52 47.46 -11.81 -17.14
C PRO A 52 48.90 -11.58 -16.68
N LYS A 53 49.75 -11.17 -17.62
CA LYS A 53 51.16 -10.92 -17.33
C LYS A 53 51.32 -9.88 -16.23
N TRP A 54 50.42 -8.90 -16.20
CA TRP A 54 50.52 -7.84 -15.20
C TRP A 54 49.72 -8.08 -13.93
N VAL A 55 48.39 -8.04 -14.01
CA VAL A 55 47.58 -8.29 -12.82
C VAL A 55 46.96 -9.67 -12.93
N PRO A 56 47.63 -10.69 -12.36
CA PRO A 56 47.17 -12.07 -12.39
C PRO A 56 46.03 -12.48 -11.45
N GLN A 57 45.58 -11.58 -10.59
CA GLN A 57 44.47 -11.92 -9.71
C GLN A 57 43.17 -11.89 -10.50
N MET A 58 43.22 -11.21 -11.66
CA MET A 58 42.09 -11.04 -12.56
C MET A 58 42.16 -11.89 -13.83
N GLY A 59 43.13 -12.80 -13.89
CA GLY A 59 43.28 -13.64 -15.09
C GLY A 59 42.06 -14.42 -15.57
N ASP A 60 41.10 -14.67 -14.67
CA ASP A 60 39.90 -15.43 -15.04
C ASP A 60 38.77 -14.51 -15.44
N HIS A 61 39.12 -13.32 -15.91
CA HIS A 61 38.13 -12.33 -16.31
C HIS A 61 37.14 -12.85 -17.35
N THR A 62 37.62 -13.65 -18.29
CA THR A 62 36.69 -14.15 -19.29
C THR A 62 35.66 -15.12 -18.68
N GLU A 63 36.13 -16.19 -18.06
CA GLU A 63 35.22 -17.16 -17.46
C GLU A 63 34.37 -16.64 -16.30
N VAL A 64 34.80 -15.57 -15.65
CA VAL A 64 34.01 -15.03 -14.55
C VAL A 64 32.83 -14.20 -15.06
N LEU A 65 33.03 -13.49 -16.17
CA LEU A 65 31.96 -12.69 -16.73
C LEU A 65 30.87 -13.56 -17.37
N LYS A 66 31.25 -14.70 -17.94
CA LYS A 66 30.26 -15.58 -18.54
C LYS A 66 29.64 -16.56 -17.54
N GLY A 67 30.19 -16.63 -16.34
CA GLY A 67 29.67 -17.59 -15.37
C GLY A 67 28.73 -17.08 -14.30
N ILE A 68 28.69 -15.77 -14.11
CA ILE A 68 27.81 -15.17 -13.11
C ILE A 68 26.39 -15.00 -13.63
N GLN A 69 25.43 -15.06 -12.71
CA GLN A 69 24.02 -14.89 -13.06
C GLN A 69 23.70 -13.43 -13.29
N LYS A 70 23.30 -13.09 -14.51
CA LYS A 70 22.97 -11.72 -14.82
C LYS A 70 21.59 -11.39 -14.27
N PHE A 71 21.50 -10.93 -13.03
CA PHE A 71 20.21 -10.57 -12.45
C PHE A 71 19.62 -9.40 -13.23
N PRO A 72 18.30 -9.38 -13.40
CA PRO A 72 17.59 -8.33 -14.13
C PRO A 72 17.77 -6.93 -13.56
N GLY A 73 18.31 -6.02 -14.36
CA GLY A 73 18.49 -4.65 -13.89
C GLY A 73 19.85 -4.35 -13.28
N ILE A 74 20.49 -5.36 -12.72
CA ILE A 74 21.81 -5.18 -12.13
C ILE A 74 22.84 -4.99 -13.24
N ASN A 75 23.83 -4.14 -13.00
CA ASN A 75 24.90 -3.88 -13.97
C ASN A 75 26.17 -4.55 -13.51
N TYR A 76 26.92 -5.11 -14.46
CA TYR A 76 28.18 -5.80 -14.15
C TYR A 76 29.30 -5.23 -14.99
N PRO A 77 29.68 -3.97 -14.73
CA PRO A 77 30.75 -3.27 -15.44
C PRO A 77 32.09 -3.94 -15.25
N VAL A 78 32.91 -3.87 -16.30
CA VAL A 78 34.24 -4.45 -16.27
C VAL A 78 35.30 -3.42 -16.66
N LEU A 79 36.52 -3.63 -16.21
CA LEU A 79 37.59 -2.71 -16.52
C LEU A 79 38.23 -3.15 -17.81
N THR A 80 38.59 -2.17 -18.63
CA THR A 80 39.24 -2.44 -19.91
C THR A 80 40.32 -1.40 -20.12
N PRO A 81 41.55 -1.71 -19.68
CA PRO A 81 42.73 -0.84 -19.78
C PRO A 81 43.05 -0.38 -21.20
N ASN A 82 42.83 -1.27 -22.16
CA ASN A 82 43.13 -0.94 -23.54
C ASN A 82 42.22 -1.61 -24.54
N LEU A 83 42.30 -1.11 -25.77
CA LEU A 83 41.50 -1.57 -26.88
C LEU A 83 41.41 -3.09 -26.90
N LYS A 84 42.56 -3.75 -26.72
CA LYS A 84 42.61 -5.20 -26.73
C LYS A 84 41.69 -5.81 -25.68
N GLY A 85 41.77 -5.31 -24.46
CA GLY A 85 40.92 -5.82 -23.40
C GLY A 85 39.47 -5.47 -23.68
N PHE A 86 39.24 -4.25 -24.12
CA PHE A 86 37.88 -3.81 -24.43
C PHE A 86 37.29 -4.74 -25.49
N GLU A 87 38.15 -5.27 -26.35
CA GLU A 87 37.73 -6.19 -27.40
C GLU A 87 37.32 -7.52 -26.77
N ALA A 88 38.06 -7.92 -25.73
CA ALA A 88 37.81 -9.17 -25.04
C ALA A 88 36.55 -9.09 -24.18
N ALA A 89 36.31 -7.92 -23.61
CA ALA A 89 35.15 -7.70 -22.77
C ALA A 89 33.89 -7.77 -23.59
N VAL A 90 33.91 -7.10 -24.74
CA VAL A 90 32.77 -7.09 -25.64
C VAL A 90 32.33 -8.50 -26.01
N ALA A 91 33.26 -9.25 -26.61
CA ALA A 91 33.03 -10.61 -27.07
C ALA A 91 32.70 -11.56 -25.93
N ALA A 92 32.86 -11.08 -24.70
CA ALA A 92 32.58 -11.91 -23.53
C ALA A 92 31.23 -11.56 -22.92
N GLY A 93 30.54 -10.59 -23.53
CA GLY A 93 29.23 -10.19 -23.05
C GLY A 93 29.11 -8.91 -22.23
N ALA A 94 30.22 -8.25 -21.95
CA ALA A 94 30.17 -7.00 -21.17
C ALA A 94 29.29 -5.97 -21.88
N LYS A 95 28.51 -5.21 -21.11
CA LYS A 95 27.62 -4.20 -21.66
C LYS A 95 27.92 -2.80 -21.12
N GLU A 96 28.92 -2.73 -20.26
CA GLU A 96 29.41 -1.50 -19.67
C GLU A 96 30.85 -1.71 -19.27
N VAL A 97 31.72 -0.78 -19.64
CA VAL A 97 33.14 -0.90 -19.32
C VAL A 97 33.64 0.29 -18.55
N VAL A 98 34.71 0.08 -17.80
CA VAL A 98 35.31 1.12 -16.96
C VAL A 98 36.75 1.44 -17.37
N ILE A 99 37.07 2.73 -17.39
CA ILE A 99 38.42 3.17 -17.72
C ILE A 99 38.93 4.02 -16.55
N PHE A 100 40.24 4.01 -16.32
CA PHE A 100 40.78 4.77 -15.21
C PHE A 100 41.92 5.73 -15.55
N GLY A 101 41.83 6.94 -15.00
CA GLY A 101 42.84 7.95 -15.21
C GLY A 101 43.20 8.59 -13.87
N ALA A 102 43.91 9.70 -13.91
CA ALA A 102 44.32 10.37 -12.69
C ALA A 102 44.40 11.87 -12.87
N ALA A 103 44.18 12.61 -11.79
CA ALA A 103 44.26 14.07 -11.88
C ALA A 103 45.68 14.48 -11.48
N SER A 104 46.60 13.50 -11.52
CA SER A 104 48.00 13.69 -11.15
C SER A 104 48.93 13.28 -12.28
N GLU A 105 49.88 14.16 -12.65
CA GLU A 105 50.83 13.85 -13.71
C GLU A 105 51.83 12.77 -13.29
N LEU A 106 52.53 12.99 -12.18
CA LEU A 106 53.51 11.99 -11.71
C LEU A 106 52.92 10.60 -11.59
N PHE A 107 51.68 10.50 -11.15
CA PHE A 107 51.04 9.19 -11.02
C PHE A 107 50.83 8.56 -12.38
N THR A 108 50.40 9.36 -13.36
CA THR A 108 50.17 8.82 -14.69
C THR A 108 51.47 8.37 -15.33
N LYS A 109 52.51 9.19 -15.28
CA LYS A 109 53.79 8.82 -15.88
C LYS A 109 54.41 7.57 -15.24
N LYS A 110 54.33 7.46 -13.91
CA LYS A 110 54.88 6.30 -13.22
C LYS A 110 54.01 5.05 -13.38
N ASN A 111 52.86 5.21 -14.03
CA ASN A 111 51.97 4.07 -14.23
C ASN A 111 51.58 3.81 -15.68
N ILE A 112 52.12 4.62 -16.59
CA ILE A 112 51.83 4.48 -18.01
C ILE A 112 52.66 5.40 -18.94
N ASN A 113 53.76 5.93 -18.41
CA ASN A 113 54.68 6.80 -19.17
C ASN A 113 54.06 7.92 -19.99
N CYS A 114 52.75 8.10 -19.88
CA CYS A 114 52.07 9.13 -20.64
C CYS A 114 51.57 10.28 -19.79
N SER A 115 51.81 11.51 -20.24
CA SER A 115 51.35 12.68 -19.50
C SER A 115 49.84 12.53 -19.40
N ILE A 116 49.21 13.32 -18.54
CA ILE A 116 47.76 13.25 -18.38
C ILE A 116 46.99 13.39 -19.69
N GLU A 117 47.55 14.09 -20.68
CA GLU A 117 46.85 14.25 -21.98
C GLU A 117 47.15 13.01 -22.81
N GLU A 118 48.42 12.61 -22.85
CA GLU A 118 48.78 11.43 -23.60
C GLU A 118 47.82 10.24 -23.33
N SER A 119 47.26 10.21 -22.12
CA SER A 119 46.37 9.14 -21.69
C SER A 119 44.97 9.23 -22.28
N PHE A 120 44.58 10.41 -22.74
CA PHE A 120 43.27 10.61 -23.33
C PHE A 120 43.13 10.00 -24.71
N GLN A 121 44.23 9.95 -25.46
CA GLN A 121 44.19 9.37 -26.78
C GLN A 121 43.75 7.93 -26.64
N ARG A 122 44.50 7.21 -25.82
CA ARG A 122 44.26 5.80 -25.54
C ARG A 122 42.80 5.56 -25.15
N PHE A 123 42.30 6.36 -24.22
CA PHE A 123 40.92 6.23 -23.78
C PHE A 123 40.02 6.52 -24.99
N ASP A 124 40.33 7.60 -25.70
CA ASP A 124 39.56 8.00 -26.87
C ASP A 124 39.27 6.81 -27.77
N ALA A 125 40.29 5.99 -28.01
CA ALA A 125 40.14 4.80 -28.85
C ALA A 125 38.98 3.92 -28.34
N ILE A 126 39.02 3.63 -27.03
CA ILE A 126 38.00 2.81 -26.39
C ILE A 126 36.62 3.47 -26.44
N LEU A 127 36.56 4.77 -26.12
CA LEU A 127 35.29 5.48 -26.13
C LEU A 127 34.65 5.58 -27.52
N LYS A 128 35.47 5.47 -28.55
CA LYS A 128 34.99 5.52 -29.92
C LYS A 128 34.46 4.12 -30.28
N ALA A 129 35.20 3.10 -29.85
CA ALA A 129 34.82 1.72 -30.13
C ALA A 129 33.60 1.30 -29.29
N ALA A 130 33.41 1.97 -28.16
CA ALA A 130 32.30 1.65 -27.29
C ALA A 130 30.99 2.26 -27.75
N GLN A 131 31.08 3.43 -28.38
CA GLN A 131 29.86 4.09 -28.84
C GLN A 131 29.20 3.31 -29.96
N SER A 132 29.95 3.09 -31.04
CA SER A 132 29.42 2.35 -32.19
C SER A 132 28.98 0.97 -31.76
N ALA A 133 29.57 0.48 -30.68
CA ALA A 133 29.22 -0.84 -30.15
C ALA A 133 28.01 -0.74 -29.22
N ASN A 134 27.63 0.49 -28.89
CA ASN A 134 26.49 0.76 -28.02
C ASN A 134 26.75 0.34 -26.57
N ILE A 135 28.00 0.36 -26.18
CA ILE A 135 28.39 -0.03 -24.83
C ILE A 135 28.72 1.18 -23.97
N SER A 136 28.24 1.19 -22.73
CA SER A 136 28.48 2.30 -21.83
C SER A 136 29.91 2.29 -21.31
N VAL A 137 30.39 3.46 -20.90
CA VAL A 137 31.73 3.59 -20.34
C VAL A 137 31.74 4.45 -19.08
N ARG A 138 32.26 3.88 -18.00
CA ARG A 138 32.35 4.60 -16.72
C ARG A 138 33.80 5.03 -16.59
N GLY A 139 34.03 6.18 -15.97
CA GLY A 139 35.39 6.64 -15.79
C GLY A 139 35.87 6.63 -14.35
N TYR A 140 37.18 6.54 -14.16
CA TYR A 140 37.78 6.56 -12.83
C TYR A 140 38.82 7.66 -12.84
N VAL A 141 38.79 8.53 -11.83
CA VAL A 141 39.77 9.60 -11.72
C VAL A 141 40.35 9.52 -10.34
N SER A 142 41.47 8.82 -10.23
CA SER A 142 42.16 8.64 -8.96
C SER A 142 42.97 9.86 -8.56
N CYS A 143 43.45 9.85 -7.32
CA CYS A 143 44.24 10.96 -6.78
C CYS A 143 43.38 12.22 -6.65
N ALA A 144 42.07 12.04 -6.54
CA ALA A 144 41.15 13.16 -6.44
C ALA A 144 41.35 13.99 -5.18
N LEU A 145 41.77 13.35 -4.09
CA LEU A 145 41.97 14.07 -2.84
C LEU A 145 43.42 14.16 -2.43
N GLY A 146 44.30 13.81 -3.36
CA GLY A 146 45.72 13.85 -3.08
C GLY A 146 46.42 12.73 -3.82
N CYS A 147 47.72 12.89 -4.03
CA CYS A 147 48.54 11.91 -4.74
C CYS A 147 49.72 11.47 -3.88
N PRO A 148 50.14 10.19 -3.97
CA PRO A 148 51.27 9.73 -3.17
C PRO A 148 52.60 10.31 -3.65
N TYR A 149 52.57 10.96 -4.82
CA TYR A 149 53.77 11.56 -5.39
C TYR A 149 53.74 13.09 -5.32
N GLU A 150 52.79 13.71 -6.00
CA GLU A 150 52.69 15.18 -6.02
C GLU A 150 52.15 15.73 -4.71
N GLY A 151 51.43 14.91 -3.97
CA GLY A 151 50.85 15.38 -2.72
C GLY A 151 49.49 15.99 -2.98
N LYS A 152 49.27 17.23 -2.53
CA LYS A 152 48.00 17.88 -2.75
C LYS A 152 47.75 18.07 -4.24
N ILE A 153 46.50 17.91 -4.65
CA ILE A 153 46.08 18.05 -6.03
C ILE A 153 45.03 19.17 -6.08
N SER A 154 45.23 20.11 -7.00
CA SER A 154 44.32 21.24 -7.15
C SER A 154 42.92 20.80 -7.53
N PRO A 155 41.89 21.35 -6.87
CA PRO A 155 40.54 20.92 -7.26
C PRO A 155 40.41 21.18 -8.75
N ALA A 156 40.89 22.34 -9.16
CA ALA A 156 40.85 22.74 -10.57
C ALA A 156 41.27 21.61 -11.50
N LYS A 157 42.37 20.93 -11.18
CA LYS A 157 42.83 19.85 -12.05
C LYS A 157 41.84 18.69 -12.09
N VAL A 158 41.39 18.24 -10.92
CA VAL A 158 40.44 17.15 -10.82
C VAL A 158 39.23 17.44 -11.70
N ALA A 159 38.79 18.69 -11.72
CA ALA A 159 37.64 19.07 -12.51
C ALA A 159 37.95 19.02 -14.01
N GLU A 160 39.11 19.55 -14.37
CA GLU A 160 39.54 19.58 -15.77
C GLU A 160 39.54 18.18 -16.40
N VAL A 161 40.14 17.23 -15.68
CA VAL A 161 40.23 15.86 -16.15
C VAL A 161 38.88 15.15 -16.14
N THR A 162 38.01 15.52 -15.20
CA THR A 162 36.68 14.91 -15.16
C THR A 162 35.85 15.45 -16.31
N LYS A 163 35.96 16.75 -16.57
CA LYS A 163 35.19 17.35 -17.65
C LYS A 163 35.60 16.66 -18.94
N LYS A 164 36.92 16.50 -19.12
CA LYS A 164 37.47 15.84 -20.31
C LYS A 164 36.90 14.43 -20.44
N PHE A 165 36.68 13.78 -19.30
CA PHE A 165 36.12 12.43 -19.24
C PHE A 165 34.64 12.41 -19.63
N TYR A 166 33.89 13.32 -19.04
CA TYR A 166 32.45 13.42 -19.30
C TYR A 166 32.15 13.79 -20.76
N SER A 167 32.83 14.82 -21.25
CA SER A 167 32.65 15.31 -22.60
C SER A 167 33.17 14.31 -23.62
N MET A 168 34.08 13.46 -23.20
CA MET A 168 34.65 12.47 -24.08
C MET A 168 33.75 11.26 -24.27
N GLY A 169 32.76 11.10 -23.39
CA GLY A 169 31.85 9.96 -23.52
C GLY A 169 31.37 9.30 -22.24
N CYS A 170 32.22 9.23 -21.22
CA CYS A 170 31.84 8.62 -19.94
C CYS A 170 30.55 9.21 -19.40
N TYR A 171 29.58 8.36 -19.13
CA TYR A 171 28.30 8.84 -18.62
C TYR A 171 28.41 9.13 -17.13
N GLU A 172 29.47 8.65 -16.52
CA GLU A 172 29.66 8.82 -15.09
C GLU A 172 31.14 8.75 -14.71
N ILE A 173 31.56 9.59 -13.78
CA ILE A 173 32.94 9.54 -13.36
C ILE A 173 33.09 9.31 -11.86
N SER A 174 33.97 8.41 -11.50
CA SER A 174 34.19 8.14 -10.09
C SER A 174 35.42 8.90 -9.62
N LEU A 175 35.17 9.89 -8.78
CA LEU A 175 36.23 10.70 -8.19
C LEU A 175 36.72 9.83 -7.04
N GLY A 176 37.95 9.34 -7.14
CA GLY A 176 38.43 8.49 -6.08
C GLY A 176 39.57 8.98 -5.21
N ASP A 177 39.49 8.64 -3.93
CA ASP A 177 40.55 9.01 -3.01
C ASP A 177 41.39 7.75 -2.87
N THR A 178 42.09 7.44 -3.95
CA THR A 178 42.95 6.27 -4.06
C THR A 178 43.79 5.88 -2.84
N ILE A 179 44.50 6.85 -2.25
CA ILE A 179 45.34 6.56 -1.10
C ILE A 179 44.68 6.89 0.25
N GLY A 180 43.42 7.30 0.20
CA GLY A 180 42.68 7.63 1.41
C GLY A 180 43.24 8.69 2.33
N VAL A 181 43.90 9.71 1.78
CA VAL A 181 44.49 10.75 2.60
C VAL A 181 43.63 12.00 2.77
N GLY A 182 42.52 12.05 2.04
CA GLY A 182 41.66 13.21 2.15
C GLY A 182 40.85 13.28 3.43
N THR A 183 40.37 14.49 3.72
CA THR A 183 39.56 14.76 4.87
C THR A 183 38.38 15.54 4.33
N PRO A 184 37.24 15.53 5.03
CA PRO A 184 36.05 16.26 4.56
C PRO A 184 36.28 17.61 3.87
N GLY A 185 37.24 18.38 4.36
CA GLY A 185 37.51 19.66 3.74
C GLY A 185 37.91 19.55 2.29
N ILE A 186 38.79 18.59 2.00
CA ILE A 186 39.25 18.38 0.64
C ILE A 186 38.15 17.85 -0.25
N MET A 187 37.36 16.90 0.26
CA MET A 187 36.25 16.35 -0.50
C MET A 187 35.38 17.49 -0.96
N LYS A 188 34.98 18.33 -0.02
CA LYS A 188 34.15 19.48 -0.33
C LYS A 188 34.78 20.34 -1.43
N ASP A 189 35.97 20.86 -1.19
CA ASP A 189 36.65 21.71 -2.15
C ASP A 189 36.77 21.07 -3.53
N MET A 190 37.10 19.80 -3.58
CA MET A 190 37.24 19.08 -4.84
C MET A 190 35.91 19.01 -5.58
N LEU A 191 34.87 18.59 -4.86
CA LEU A 191 33.54 18.45 -5.42
C LEU A 191 32.97 19.77 -5.93
N SER A 192 33.27 20.85 -5.22
CA SER A 192 32.78 22.17 -5.62
C SER A 192 33.32 22.51 -6.98
N ALA A 193 34.61 22.27 -7.20
CA ALA A 193 35.20 22.58 -8.47
C ALA A 193 34.54 21.74 -9.58
N VAL A 194 34.46 20.43 -9.36
CA VAL A 194 33.88 19.55 -10.35
C VAL A 194 32.42 19.85 -10.74
N MET A 195 31.57 20.14 -9.76
CA MET A 195 30.17 20.43 -10.06
C MET A 195 29.94 21.60 -11.01
N GLN A 196 30.92 22.50 -11.11
CA GLN A 196 30.81 23.67 -11.97
C GLN A 196 30.83 23.29 -13.44
N GLU A 197 31.53 22.21 -13.74
CA GLU A 197 31.67 21.78 -15.13
C GLU A 197 31.00 20.46 -15.51
N VAL A 198 30.65 19.66 -14.51
CA VAL A 198 30.01 18.39 -14.77
C VAL A 198 28.74 18.26 -13.97
N PRO A 199 27.63 17.85 -14.62
CA PRO A 199 26.35 17.69 -13.96
C PRO A 199 26.35 16.62 -12.87
N LEU A 200 25.96 17.05 -11.68
CA LEU A 200 25.91 16.19 -10.50
C LEU A 200 25.55 14.73 -10.70
N ALA A 201 24.42 14.44 -11.32
CA ALA A 201 24.01 13.05 -11.54
C ALA A 201 25.10 12.15 -12.10
N ALA A 202 26.09 12.72 -12.77
CA ALA A 202 27.16 11.92 -13.38
C ALA A 202 28.37 11.71 -12.46
N LEU A 203 28.27 12.21 -11.23
CA LEU A 203 29.36 12.08 -10.27
C LEU A 203 29.25 10.94 -9.27
N ALA A 204 30.40 10.33 -8.97
CA ALA A 204 30.51 9.22 -8.04
C ALA A 204 31.74 9.44 -7.17
N VAL A 205 31.73 8.85 -5.98
CA VAL A 205 32.82 8.98 -5.02
C VAL A 205 33.37 7.58 -4.72
N HIS A 206 34.70 7.48 -4.64
CA HIS A 206 35.41 6.22 -4.41
C HIS A 206 36.49 6.50 -3.35
N CYS A 207 36.14 6.35 -2.08
CA CYS A 207 37.08 6.64 -1.01
C CYS A 207 37.67 5.43 -0.32
N HIS A 208 38.98 5.45 -0.10
CA HIS A 208 39.65 4.35 0.57
C HIS A 208 39.81 4.75 2.03
N ASP A 209 39.60 3.79 2.93
CA ASP A 209 39.67 4.05 4.36
C ASP A 209 41.04 3.86 4.96
N THR A 210 42.07 4.12 4.16
CA THR A 210 43.44 3.97 4.63
C THR A 210 43.75 4.70 5.95
N TYR A 211 43.09 5.85 6.19
CA TYR A 211 43.32 6.60 7.43
C TYR A 211 42.08 6.78 8.32
N GLY A 212 41.01 6.05 8.01
CA GLY A 212 39.77 6.14 8.77
C GLY A 212 38.94 7.35 8.39
N GLN A 213 39.09 7.81 7.14
CA GLN A 213 38.38 8.99 6.67
C GLN A 213 37.31 8.72 5.61
N ALA A 214 37.27 7.49 5.09
CA ALA A 214 36.34 7.13 4.03
C ALA A 214 34.86 7.49 4.24
N LEU A 215 34.27 7.05 5.35
CA LEU A 215 32.87 7.34 5.61
C LEU A 215 32.59 8.83 5.75
N ALA A 216 33.39 9.52 6.56
CA ALA A 216 33.26 10.96 6.78
C ALA A 216 33.37 11.74 5.46
N ASN A 217 34.31 11.35 4.60
CA ASN A 217 34.48 12.01 3.30
C ASN A 217 33.28 11.70 2.42
N THR A 218 32.78 10.48 2.54
CA THR A 218 31.62 10.07 1.78
C THR A 218 30.39 10.87 2.21
N LEU A 219 30.23 11.04 3.53
CA LEU A 219 29.10 11.80 4.05
C LEU A 219 29.11 13.21 3.46
N MET A 220 30.28 13.84 3.41
CA MET A 220 30.43 15.18 2.87
C MET A 220 29.99 15.22 1.43
N ALA A 221 30.34 14.19 0.67
CA ALA A 221 29.94 14.11 -0.73
C ALA A 221 28.39 14.12 -0.80
N LEU A 222 27.75 13.23 -0.04
CA LEU A 222 26.30 13.15 0.01
C LEU A 222 25.64 14.48 0.34
N GLN A 223 26.30 15.26 1.18
CA GLN A 223 25.80 16.55 1.58
C GLN A 223 25.96 17.52 0.43
N MET A 224 26.91 17.22 -0.45
CA MET A 224 27.16 18.05 -1.62
C MET A 224 26.14 17.69 -2.72
N GLY A 225 25.54 16.52 -2.62
CA GLY A 225 24.56 16.12 -3.62
C GLY A 225 24.88 14.88 -4.43
N VAL A 226 26.10 14.39 -4.32
CA VAL A 226 26.52 13.19 -5.04
C VAL A 226 25.56 12.07 -4.63
N SER A 227 25.14 11.25 -5.60
CA SER A 227 24.19 10.19 -5.31
C SER A 227 24.69 8.79 -5.60
N VAL A 228 25.97 8.65 -5.88
CA VAL A 228 26.50 7.31 -6.11
C VAL A 228 27.88 7.19 -5.48
N VAL A 229 28.08 6.14 -4.69
CA VAL A 229 29.36 5.93 -4.03
C VAL A 229 29.83 4.47 -4.15
N ASP A 230 31.13 4.28 -4.34
CA ASP A 230 31.72 2.95 -4.47
C ASP A 230 32.13 2.36 -3.11
N SER A 231 32.16 1.03 -3.02
CA SER A 231 32.56 0.38 -1.79
C SER A 231 32.80 -1.10 -2.02
N SER A 232 33.69 -1.67 -1.22
CA SER A 232 34.05 -3.07 -1.30
C SER A 232 33.31 -3.81 -0.20
N VAL A 233 32.97 -5.07 -0.40
CA VAL A 233 32.23 -5.82 0.60
C VAL A 233 32.82 -5.80 2.00
N ALA A 234 33.65 -6.76 2.34
CA ALA A 234 34.18 -6.77 3.69
C ALA A 234 35.28 -5.73 3.91
N GLY A 235 35.29 -4.67 3.12
CA GLY A 235 36.34 -3.69 3.25
C GLY A 235 37.54 -4.27 2.55
N LEU A 236 37.30 -5.27 1.70
CA LEU A 236 38.38 -5.89 0.94
C LEU A 236 39.04 -4.81 0.12
N GLY A 237 40.26 -5.08 -0.33
CA GLY A 237 40.95 -4.11 -1.14
C GLY A 237 42.26 -3.64 -0.53
N GLY A 238 42.67 -2.45 -0.89
CA GLY A 238 43.91 -1.94 -0.35
C GLY A 238 44.61 -1.21 -1.46
N CYS A 239 45.51 -0.30 -1.11
CA CYS A 239 46.22 0.44 -2.15
C CYS A 239 47.70 0.11 -2.11
N PRO A 240 48.29 -0.11 -3.29
CA PRO A 240 49.71 -0.44 -3.39
C PRO A 240 50.61 0.72 -2.96
N TYR A 241 50.13 1.96 -3.11
CA TYR A 241 50.90 3.15 -2.73
C TYR A 241 50.72 3.57 -1.27
N ALA A 242 50.08 2.74 -0.47
CA ALA A 242 49.83 3.03 0.95
C ALA A 242 50.29 1.84 1.80
N GLN A 243 50.89 2.13 2.96
CA GLN A 243 51.39 1.08 3.84
C GLN A 243 50.33 0.03 4.23
N GLY A 244 50.72 -0.88 5.11
CA GLY A 244 49.84 -1.94 5.54
C GLY A 244 48.40 -1.66 6.01
N ALA A 245 47.98 -0.40 6.06
CA ALA A 245 46.63 -0.11 6.51
C ALA A 245 45.55 -0.74 5.61
N SER A 246 44.37 -0.14 5.56
CA SER A 246 43.28 -0.68 4.77
C SER A 246 43.10 -0.15 3.35
N GLY A 247 42.04 -0.63 2.69
CA GLY A 247 41.75 -0.23 1.34
C GLY A 247 40.41 0.45 1.13
N ASN A 248 39.44 -0.26 0.57
CA ASN A 248 38.13 0.34 0.29
C ASN A 248 37.19 0.46 1.47
N LEU A 249 36.25 1.39 1.34
CA LEU A 249 35.22 1.64 2.36
C LEU A 249 34.41 0.35 2.45
N ALA A 250 33.95 -0.01 3.65
CA ALA A 250 33.19 -1.24 3.82
C ALA A 250 31.71 -1.06 3.54
N THR A 251 31.26 -1.62 2.40
CA THR A 251 29.85 -1.54 1.97
C THR A 251 28.88 -1.77 3.11
N GLU A 252 29.09 -2.80 3.92
CA GLU A 252 28.20 -3.06 5.04
C GLU A 252 28.14 -1.86 5.97
N ASP A 253 29.24 -1.13 6.08
CA ASP A 253 29.28 0.04 6.95
C ASP A 253 28.62 1.26 6.33
N LEU A 254 28.63 1.32 4.99
CA LEU A 254 28.01 2.42 4.26
C LEU A 254 26.49 2.29 4.27
N VAL A 255 25.99 1.09 4.00
CA VAL A 255 24.54 0.91 3.96
C VAL A 255 23.98 1.10 5.35
N TYR A 256 24.81 0.87 6.36
CA TYR A 256 24.38 1.05 7.74
C TYR A 256 24.05 2.53 7.95
N MET A 257 25.01 3.38 7.59
CA MET A 257 24.81 4.82 7.74
C MET A 257 23.59 5.24 6.91
N LEU A 258 23.56 4.79 5.66
CA LEU A 258 22.45 5.12 4.76
C LEU A 258 21.07 4.75 5.32
N GLU A 259 20.98 3.61 6.00
CA GLU A 259 19.70 3.20 6.57
C GLU A 259 19.34 4.06 7.76
N GLY A 260 20.31 4.36 8.62
CA GLY A 260 20.02 5.22 9.76
C GLY A 260 19.50 6.56 9.26
N LEU A 261 19.99 6.95 8.10
CA LEU A 261 19.61 8.20 7.45
C LEU A 261 18.31 8.06 6.72
N GLY A 262 17.76 6.84 6.71
CA GLY A 262 16.53 6.63 5.99
C GLY A 262 16.72 6.89 4.49
N ILE A 263 17.91 6.59 3.99
CA ILE A 263 18.17 6.78 2.57
C ILE A 263 18.05 5.44 1.87
N HIS A 264 17.24 5.40 0.83
CA HIS A 264 17.02 4.16 0.10
C HIS A 264 18.29 3.69 -0.63
N THR A 265 18.56 2.39 -0.55
CA THR A 265 19.71 1.80 -1.21
C THR A 265 19.31 0.52 -1.93
N GLY A 266 18.20 -0.07 -1.48
CA GLY A 266 17.69 -1.29 -2.09
C GLY A 266 18.54 -2.50 -1.77
N VAL A 267 19.53 -2.32 -0.90
CA VAL A 267 20.39 -3.42 -0.50
C VAL A 267 19.89 -4.09 0.79
N ASN A 268 20.07 -5.41 0.87
CA ASN A 268 19.67 -6.17 2.04
C ASN A 268 20.94 -6.36 2.86
N LEU A 269 21.03 -5.67 3.99
CA LEU A 269 22.22 -5.75 4.83
C LEU A 269 22.58 -7.16 5.25
N GLN A 270 21.61 -7.90 5.77
CA GLN A 270 21.90 -9.27 6.21
C GLN A 270 22.44 -10.11 5.07
N LYS A 271 21.77 -10.14 3.92
CA LYS A 271 22.30 -10.94 2.82
C LYS A 271 23.67 -10.43 2.38
N LEU A 272 23.95 -9.16 2.67
CA LEU A 272 25.23 -8.59 2.27
C LEU A 272 26.33 -9.05 3.21
N LEU A 273 26.08 -8.96 4.52
CA LEU A 273 27.05 -9.39 5.51
C LEU A 273 27.39 -10.85 5.22
N GLU A 274 26.40 -11.62 4.78
CA GLU A 274 26.60 -13.02 4.43
C GLU A 274 27.64 -13.15 3.31
N ALA A 275 27.51 -12.32 2.28
CA ALA A 275 28.45 -12.34 1.18
C ALA A 275 29.82 -11.93 1.72
N GLY A 276 29.84 -10.96 2.62
CA GLY A 276 31.10 -10.51 3.20
C GLY A 276 31.79 -11.63 3.97
N ASN A 277 31.03 -12.32 4.80
CA ASN A 277 31.59 -13.41 5.58
C ASN A 277 32.12 -14.50 4.64
N PHE A 278 31.34 -14.87 3.63
CA PHE A 278 31.74 -15.88 2.67
C PHE A 278 33.09 -15.62 2.05
N ILE A 279 33.23 -14.52 1.34
CA ILE A 279 34.48 -14.17 0.67
C ILE A 279 35.62 -14.07 1.68
N CYS A 280 35.33 -13.60 2.89
CA CYS A 280 36.38 -13.50 3.90
C CYS A 280 36.94 -14.85 4.31
N GLN A 281 36.09 -15.88 4.37
CA GLN A 281 36.57 -17.20 4.77
C GLN A 281 37.35 -17.81 3.61
N ALA A 282 36.82 -17.69 2.42
CA ALA A 282 37.50 -18.23 1.23
C ALA A 282 38.84 -17.54 1.03
N LEU A 283 39.02 -16.42 1.71
CA LEU A 283 40.23 -15.59 1.57
C LEU A 283 41.09 -15.71 2.81
N ASN A 284 40.58 -16.44 3.79
CA ASN A 284 41.27 -16.62 5.06
C ASN A 284 41.68 -15.29 5.66
N ARG A 285 40.75 -14.35 5.75
CA ARG A 285 41.04 -13.05 6.32
C ARG A 285 39.91 -12.62 7.25
N LYS A 286 40.15 -11.56 8.01
CA LYS A 286 39.13 -11.04 8.90
C LYS A 286 38.51 -9.83 8.20
N THR A 287 37.18 -9.74 8.25
CA THR A 287 36.48 -8.64 7.63
C THR A 287 36.98 -7.31 8.17
N SER A 288 36.79 -6.26 7.38
CA SER A 288 37.19 -4.93 7.80
C SER A 288 35.95 -4.08 7.94
N SER A 289 34.82 -4.73 8.09
CA SER A 289 33.55 -4.05 8.27
C SER A 289 33.28 -4.08 9.78
N LYS A 290 33.11 -2.90 10.38
CA LYS A 290 32.84 -2.83 11.82
C LYS A 290 31.45 -3.38 12.09
N VAL A 291 30.55 -3.16 11.14
CA VAL A 291 29.19 -3.64 11.28
C VAL A 291 29.20 -5.15 11.36
N ALA A 292 29.99 -5.76 10.49
CA ALA A 292 30.11 -7.22 10.46
C ALA A 292 30.67 -7.72 11.78
N GLN A 293 31.64 -6.99 12.32
CA GLN A 293 32.29 -7.36 13.56
C GLN A 293 31.35 -7.28 14.76
N ALA A 294 30.46 -6.29 14.74
CA ALA A 294 29.51 -6.11 15.82
C ALA A 294 28.35 -7.10 15.71
N THR A 295 28.44 -8.03 14.76
CA THR A 295 27.39 -9.03 14.57
C THR A 295 27.90 -10.46 14.83
N CYS A 296 29.22 -10.66 14.71
CA CYS A 296 29.82 -11.98 14.94
C CYS A 296 29.96 -12.31 16.42
N THR B 1 29.09 26.72 11.24
CA THR B 1 29.81 25.56 10.62
C THR B 1 30.85 25.01 11.59
N LEU B 2 31.97 24.51 11.05
CA LEU B 2 33.04 23.93 11.87
C LEU B 2 33.73 24.97 12.75
N PRO B 3 34.12 24.57 13.96
CA PRO B 3 34.80 25.48 14.88
C PRO B 3 36.27 25.68 14.51
N LYS B 4 36.84 26.81 14.94
CA LYS B 4 38.23 27.13 14.65
C LYS B 4 39.20 26.23 15.40
N ARG B 5 38.82 25.84 16.60
CA ARG B 5 39.64 24.95 17.41
C ARG B 5 38.78 23.97 18.18
N VAL B 6 39.34 22.81 18.49
CA VAL B 6 38.60 21.77 19.20
C VAL B 6 39.35 21.16 20.37
N LYS B 7 38.67 21.06 21.50
CA LYS B 7 39.26 20.47 22.68
C LYS B 7 38.95 18.97 22.65
N ILE B 8 40.00 18.17 22.47
CA ILE B 8 39.90 16.73 22.43
C ILE B 8 40.06 16.20 23.86
N VAL B 9 39.08 15.46 24.35
CA VAL B 9 39.20 14.92 25.69
C VAL B 9 39.71 13.49 25.52
N GLU B 10 40.92 13.24 26.00
CA GLU B 10 41.52 11.92 25.89
C GLU B 10 41.02 11.02 27.02
N VAL B 11 40.29 9.96 26.66
CA VAL B 11 39.75 9.03 27.65
C VAL B 11 40.37 7.64 27.57
N GLY B 12 41.54 7.54 26.93
CA GLY B 12 42.23 6.27 26.81
C GLY B 12 42.47 5.60 28.15
N PRO B 13 43.19 6.24 29.07
CA PRO B 13 43.47 5.67 30.40
C PRO B 13 42.25 5.31 31.24
N ARG B 14 41.11 5.92 30.97
CA ARG B 14 39.91 5.63 31.75
C ARG B 14 38.90 4.82 30.95
N ASP B 15 38.13 5.48 30.09
CA ASP B 15 37.14 4.77 29.29
C ASP B 15 37.76 3.62 28.52
N GLY B 16 38.85 3.89 27.81
CA GLY B 16 39.48 2.85 27.02
C GLY B 16 40.06 1.68 27.77
N LEU B 17 40.69 1.94 28.89
CA LEU B 17 41.34 0.89 29.67
C LEU B 17 40.38 0.08 30.53
N GLN B 18 39.36 0.74 31.04
CA GLN B 18 38.34 0.11 31.88
C GLN B 18 37.56 -0.95 31.12
N ASN B 19 37.44 -0.75 29.80
CA ASN B 19 36.70 -1.68 28.94
C ASN B 19 37.62 -2.56 28.12
N GLU B 20 38.70 -3.03 28.74
CA GLU B 20 39.64 -3.91 28.06
C GLU B 20 39.87 -5.15 28.93
N LYS B 21 40.02 -6.29 28.27
CA LYS B 21 40.22 -7.58 28.96
C LYS B 21 41.50 -7.67 29.79
N ASN B 22 42.65 -7.49 29.14
CA ASN B 22 43.93 -7.56 29.85
C ASN B 22 44.09 -6.32 30.72
N ILE B 23 44.37 -6.53 32.00
CA ILE B 23 44.54 -5.42 32.92
C ILE B 23 46.00 -4.95 32.88
N VAL B 24 46.24 -3.73 33.33
CA VAL B 24 47.60 -3.22 33.33
C VAL B 24 48.08 -2.79 34.71
N SER B 25 49.41 -2.68 34.83
CA SER B 25 50.06 -2.29 36.07
C SER B 25 49.85 -0.81 36.32
N THR B 26 50.00 -0.40 37.57
CA THR B 26 49.86 0.99 37.93
C THR B 26 50.91 1.84 37.18
N PRO B 27 52.15 1.37 37.11
CA PRO B 27 53.19 2.14 36.43
C PRO B 27 53.03 2.28 34.93
N VAL B 28 52.27 1.38 34.31
CA VAL B 28 52.03 1.47 32.86
C VAL B 28 51.02 2.58 32.63
N LYS B 29 49.91 2.52 33.36
CA LYS B 29 48.89 3.54 33.24
C LYS B 29 49.58 4.89 33.39
N ILE B 30 50.30 5.06 34.49
CA ILE B 30 51.01 6.30 34.77
C ILE B 30 51.86 6.79 33.60
N LYS B 31 52.52 5.86 32.91
CA LYS B 31 53.38 6.22 31.79
C LYS B 31 52.52 6.59 30.57
N LEU B 32 51.39 5.91 30.41
CA LEU B 32 50.48 6.20 29.30
C LEU B 32 49.98 7.63 29.42
N ILE B 33 49.55 8.00 30.62
CA ILE B 33 49.04 9.35 30.89
C ILE B 33 50.16 10.36 30.70
N ASP B 34 51.32 10.09 31.28
CA ASP B 34 52.47 10.98 31.13
C ASP B 34 52.79 11.17 29.63
N MET B 35 52.79 10.08 28.87
CA MET B 35 53.04 10.14 27.44
C MET B 35 51.96 10.94 26.75
N LEU B 36 50.72 10.74 27.17
CA LEU B 36 49.63 11.50 26.57
C LEU B 36 49.88 12.98 26.83
N SER B 37 50.22 13.31 28.08
CA SER B 37 50.51 14.70 28.44
C SER B 37 51.53 15.33 27.49
N GLU B 38 52.54 14.54 27.14
CA GLU B 38 53.58 15.00 26.26
C GLU B 38 53.11 15.09 24.82
N ALA B 39 52.15 14.24 24.48
CA ALA B 39 51.63 14.23 23.13
C ALA B 39 51.00 15.58 22.78
N GLY B 40 50.42 16.22 23.79
CA GLY B 40 49.82 17.52 23.56
C GLY B 40 48.38 17.70 24.02
N LEU B 41 47.74 16.62 24.47
CA LEU B 41 46.36 16.71 24.93
C LEU B 41 46.26 17.75 26.04
N SER B 42 45.09 18.38 26.16
CA SER B 42 44.89 19.40 27.20
C SER B 42 44.01 18.88 28.30
N VAL B 43 43.50 17.66 28.11
CA VAL B 43 42.65 17.03 29.10
C VAL B 43 42.71 15.53 28.90
N ILE B 44 43.10 14.81 29.95
CA ILE B 44 43.23 13.36 29.90
C ILE B 44 42.46 12.74 31.05
N GLU B 45 41.35 12.08 30.74
CA GLU B 45 40.55 11.44 31.78
C GLU B 45 41.48 10.41 32.41
N THR B 46 41.96 10.72 33.61
CA THR B 46 42.92 9.87 34.31
C THR B 46 42.42 8.54 34.86
N THR B 47 41.40 8.56 35.70
CA THR B 47 40.90 7.32 36.29
C THR B 47 39.48 7.50 36.82
N SER B 48 39.04 6.52 37.61
CA SER B 48 37.71 6.55 38.20
C SER B 48 37.71 6.04 39.63
N PHE B 49 37.33 6.91 40.57
CA PHE B 49 37.28 6.52 41.97
C PHE B 49 35.97 5.80 42.13
N VAL B 50 36.03 4.51 41.88
CA VAL B 50 34.87 3.65 41.93
C VAL B 50 35.18 2.33 42.60
N SER B 51 34.16 1.71 43.18
CA SER B 51 34.31 0.43 43.85
C SER B 51 35.20 -0.54 43.08
N PRO B 52 36.16 -1.17 43.78
CA PRO B 52 37.03 -2.11 43.08
C PRO B 52 36.22 -3.35 42.72
N LYS B 53 35.02 -3.44 43.32
CA LYS B 53 34.11 -4.55 43.07
C LYS B 53 33.53 -4.49 41.66
N TRP B 54 32.81 -3.40 41.37
CA TRP B 54 32.22 -3.23 40.05
C TRP B 54 33.30 -3.21 38.97
N VAL B 55 34.27 -2.29 39.11
CA VAL B 55 35.34 -2.20 38.14
C VAL B 55 36.73 -2.16 38.81
N PRO B 56 37.44 -3.29 38.79
CA PRO B 56 38.77 -3.40 39.39
C PRO B 56 39.89 -2.89 38.50
N GLN B 57 39.63 -2.66 37.22
CA GLN B 57 40.67 -2.14 36.36
C GLN B 57 40.94 -0.73 36.80
N MET B 58 40.01 -0.15 37.56
CA MET B 58 40.16 1.21 38.04
C MET B 58 40.52 1.30 39.51
N GLY B 59 40.81 0.17 40.12
CA GLY B 59 41.16 0.15 41.54
C GLY B 59 42.33 0.99 42.00
N ASP B 60 43.38 1.06 41.18
CA ASP B 60 44.59 1.84 41.50
C ASP B 60 44.42 3.34 41.30
N HIS B 61 43.16 3.79 41.29
CA HIS B 61 42.80 5.18 41.07
C HIS B 61 43.47 6.25 41.93
N THR B 62 43.69 5.99 43.21
CA THR B 62 44.31 7.01 44.05
C THR B 62 45.78 7.17 43.75
N GLU B 63 46.51 6.06 43.79
CA GLU B 63 47.93 6.12 43.52
C GLU B 63 48.19 6.61 42.09
N VAL B 64 47.30 6.31 41.16
CA VAL B 64 47.46 6.72 39.77
C VAL B 64 47.41 8.25 39.64
N LEU B 65 46.34 8.83 40.14
CA LEU B 65 46.19 10.27 40.08
C LEU B 65 47.35 10.97 40.79
N LYS B 66 47.86 10.35 41.85
CA LYS B 66 48.97 10.90 42.65
C LYS B 66 50.34 10.75 42.02
N GLY B 67 50.52 9.67 41.25
CA GLY B 67 51.81 9.42 40.62
C GLY B 67 52.03 10.05 39.26
N ILE B 68 50.96 10.42 38.57
CA ILE B 68 51.11 11.01 37.26
C ILE B 68 51.69 12.43 37.36
N GLN B 69 52.43 12.84 36.34
CA GLN B 69 52.99 14.17 36.37
C GLN B 69 51.83 15.12 36.11
N LYS B 70 51.91 16.32 36.64
CA LYS B 70 50.84 17.27 36.39
C LYS B 70 51.37 18.35 35.47
N PHE B 71 51.34 18.06 34.17
CA PHE B 71 51.83 19.02 33.18
C PHE B 71 51.05 20.30 33.33
N PRO B 72 51.73 21.44 33.17
CA PRO B 72 51.11 22.75 33.27
C PRO B 72 50.04 23.01 32.21
N GLY B 73 48.87 23.48 32.65
CA GLY B 73 47.81 23.76 31.72
C GLY B 73 47.03 22.56 31.22
N ILE B 74 47.34 21.36 31.69
CA ILE B 74 46.59 20.17 31.27
C ILE B 74 45.70 19.65 32.40
N ASN B 75 44.42 19.43 32.11
CA ASN B 75 43.47 18.95 33.12
C ASN B 75 43.41 17.44 33.18
N TYR B 76 43.20 16.89 34.37
CA TYR B 76 43.12 15.44 34.54
C TYR B 76 41.84 14.99 35.23
N PRO B 77 40.68 15.23 34.60
CA PRO B 77 39.41 14.81 35.21
C PRO B 77 39.37 13.37 35.69
N VAL B 78 38.52 13.09 36.67
CA VAL B 78 38.39 11.73 37.18
C VAL B 78 36.93 11.47 37.49
N LEU B 79 36.48 10.24 37.24
CA LEU B 79 35.09 9.89 37.48
C LEU B 79 34.80 9.71 38.96
N THR B 80 33.66 10.25 39.36
CA THR B 80 33.20 10.20 40.74
C THR B 80 31.69 9.91 40.74
N PRO B 81 31.30 8.70 41.18
CA PRO B 81 29.89 8.30 41.23
C PRO B 81 29.16 8.90 42.41
N ASN B 82 29.43 8.36 43.59
CA ASN B 82 28.79 8.85 44.82
C ASN B 82 29.72 9.87 45.47
N LEU B 83 29.30 10.40 46.61
CA LEU B 83 30.10 11.40 47.33
C LEU B 83 31.36 10.76 47.90
N LYS B 84 31.29 9.45 48.12
CA LYS B 84 32.44 8.71 48.65
C LYS B 84 33.61 8.87 47.70
N GLY B 85 33.35 8.66 46.41
CA GLY B 85 34.39 8.77 45.40
C GLY B 85 34.92 10.16 45.21
N PHE B 86 34.02 11.14 45.26
CA PHE B 86 34.41 12.51 45.11
C PHE B 86 35.27 12.98 46.28
N GLU B 87 34.86 12.63 47.49
CA GLU B 87 35.60 13.04 48.68
C GLU B 87 36.92 12.28 48.78
N ALA B 88 37.17 11.40 47.82
CA ALA B 88 38.40 10.63 47.80
C ALA B 88 39.32 11.19 46.71
N ALA B 89 38.73 11.95 45.80
CA ALA B 89 39.46 12.56 44.69
C ALA B 89 40.09 13.84 45.14
N VAL B 90 39.31 14.63 45.88
CA VAL B 90 39.83 15.89 46.37
C VAL B 90 41.04 15.58 47.21
N ALA B 91 40.99 14.46 47.93
CA ALA B 91 42.10 14.05 48.77
C ALA B 91 43.32 13.75 47.88
N ALA B 92 43.09 12.93 46.86
CA ALA B 92 44.12 12.52 45.92
C ALA B 92 44.59 13.67 45.03
N GLY B 93 44.02 14.86 45.22
CA GLY B 93 44.43 16.02 44.46
C GLY B 93 43.58 16.44 43.26
N ALA B 94 42.57 15.65 42.94
CA ALA B 94 41.70 15.95 41.81
C ALA B 94 41.23 17.41 41.82
N LYS B 95 41.37 18.06 40.68
CA LYS B 95 40.95 19.45 40.50
C LYS B 95 39.60 19.46 39.75
N GLU B 96 39.31 18.34 39.09
CA GLU B 96 38.07 18.20 38.32
C GLU B 96 37.50 16.79 38.43
N VAL B 97 36.19 16.68 38.55
CA VAL B 97 35.52 15.38 38.68
C VAL B 97 34.46 15.18 37.59
N VAL B 98 34.13 13.91 37.34
CA VAL B 98 33.16 13.56 36.31
C VAL B 98 32.02 12.71 36.83
N ILE B 99 30.83 13.30 36.94
CA ILE B 99 29.66 12.52 37.37
C ILE B 99 29.17 11.88 36.08
N PHE B 100 28.47 10.76 36.16
CA PHE B 100 28.02 10.10 34.93
C PHE B 100 26.65 9.43 34.99
N GLY B 101 25.74 9.93 34.17
CA GLY B 101 24.40 9.38 34.13
C GLY B 101 24.06 8.78 32.77
N ALA B 102 22.79 8.82 32.43
CA ALA B 102 22.32 8.30 31.16
C ALA B 102 20.87 8.74 30.94
N ALA B 103 20.48 8.89 29.68
CA ALA B 103 19.11 9.28 29.38
C ALA B 103 18.25 8.02 29.44
N SER B 104 18.90 6.86 29.41
CA SER B 104 18.20 5.59 29.47
C SER B 104 17.98 5.18 30.92
N GLU B 105 16.73 4.94 31.29
CA GLU B 105 16.38 4.54 32.65
C GLU B 105 16.94 3.16 32.98
N LEU B 106 16.62 2.19 32.13
CA LEU B 106 17.05 0.82 32.27
C LEU B 106 18.57 0.70 32.34
N PHE B 107 19.27 1.62 31.69
CA PHE B 107 20.72 1.60 31.70
C PHE B 107 21.25 2.08 33.05
N THR B 108 20.75 3.22 33.50
CA THR B 108 21.17 3.79 34.78
C THR B 108 21.14 2.72 35.87
N LYS B 109 20.10 1.89 35.85
CA LYS B 109 19.98 0.83 36.84
C LYS B 109 21.26 0.01 36.91
N LYS B 110 21.64 -0.56 35.77
CA LYS B 110 22.83 -1.41 35.68
C LYS B 110 24.21 -0.75 35.84
N ASN B 111 24.32 0.56 35.63
CA ASN B 111 25.64 1.19 35.74
C ASN B 111 25.94 1.74 37.14
N ILE B 112 25.08 2.61 37.65
CA ILE B 112 25.27 3.20 38.97
C ILE B 112 24.29 2.63 39.99
N ASN B 113 23.61 1.57 39.62
CA ASN B 113 22.67 0.90 40.51
C ASN B 113 21.29 1.52 40.70
N CYS B 114 21.20 2.85 40.61
CA CYS B 114 19.92 3.53 40.83
C CYS B 114 19.20 4.05 39.59
N SER B 115 18.11 4.79 39.81
CA SER B 115 17.30 5.37 38.75
C SER B 115 17.79 6.76 38.42
N ILE B 116 17.16 7.39 37.43
CA ILE B 116 17.55 8.72 37.00
C ILE B 116 17.39 9.79 38.08
N GLU B 117 16.22 9.91 38.71
CA GLU B 117 16.09 10.96 39.74
C GLU B 117 16.96 10.60 40.95
N GLU B 118 17.08 9.31 41.24
CA GLU B 118 17.92 8.90 42.35
C GLU B 118 19.38 9.21 42.04
N SER B 119 19.68 9.64 40.82
CA SER B 119 21.08 9.96 40.48
C SER B 119 21.25 11.46 40.60
N PHE B 120 20.13 12.19 40.58
CA PHE B 120 20.13 13.65 40.69
C PHE B 120 20.38 14.06 42.13
N GLN B 121 20.14 13.12 43.04
CA GLN B 121 20.34 13.34 44.47
C GLN B 121 21.85 13.28 44.68
N ARG B 122 22.39 12.12 44.34
CA ARG B 122 23.80 11.87 44.47
C ARG B 122 24.66 12.95 43.85
N PHE B 123 24.33 13.35 42.63
CA PHE B 123 25.12 14.37 41.94
C PHE B 123 24.98 15.73 42.60
N ASP B 124 23.76 16.09 42.96
CA ASP B 124 23.54 17.39 43.59
C ASP B 124 24.49 17.52 44.77
N ALA B 125 24.64 16.43 45.50
CA ALA B 125 25.53 16.40 46.65
C ALA B 125 26.94 16.78 46.21
N ILE B 126 27.44 16.04 45.22
CA ILE B 126 28.79 16.26 44.69
C ILE B 126 29.02 17.67 44.18
N LEU B 127 28.07 18.16 43.38
CA LEU B 127 28.16 19.50 42.80
C LEU B 127 28.08 20.59 43.87
N LYS B 128 27.48 20.27 45.01
CA LYS B 128 27.38 21.22 46.09
C LYS B 128 28.75 21.43 46.71
N ALA B 129 29.34 20.34 47.18
CA ALA B 129 30.66 20.36 47.81
C ALA B 129 31.77 20.86 46.89
N ALA B 130 31.67 20.52 45.60
CA ALA B 130 32.67 20.93 44.63
C ALA B 130 32.69 22.44 44.31
N GLN B 131 31.54 23.09 44.38
CA GLN B 131 31.46 24.52 44.07
C GLN B 131 32.17 25.38 45.11
N SER B 132 31.92 25.10 46.39
CA SER B 132 32.55 25.84 47.49
C SER B 132 33.91 25.19 47.75
N ALA B 133 34.70 25.08 46.69
CA ALA B 133 36.03 24.45 46.76
C ALA B 133 36.74 24.70 45.44
N ASN B 134 35.96 25.03 44.41
CA ASN B 134 36.48 25.30 43.08
C ASN B 134 36.92 24.01 42.38
N ILE B 135 36.05 23.01 42.38
CA ILE B 135 36.35 21.75 41.72
C ILE B 135 35.37 21.52 40.58
N SER B 136 35.79 21.86 39.37
CA SER B 136 34.96 21.68 38.18
C SER B 136 34.26 20.32 38.16
N VAL B 137 33.12 20.24 37.49
CA VAL B 137 32.37 18.99 37.39
C VAL B 137 31.79 18.77 36.01
N ARG B 138 32.21 17.69 35.36
CA ARG B 138 31.72 17.34 34.05
C ARG B 138 30.74 16.19 34.24
N GLY B 139 29.92 15.94 33.24
CA GLY B 139 28.97 14.85 33.34
C GLY B 139 28.85 14.07 32.06
N TYR B 140 28.47 12.81 32.18
CA TYR B 140 28.29 11.95 31.03
C TYR B 140 26.84 11.53 30.91
N VAL B 141 26.28 11.66 29.71
CA VAL B 141 24.92 11.23 29.48
C VAL B 141 25.01 10.10 28.48
N SER B 142 25.06 8.87 28.99
CA SER B 142 25.15 7.68 28.16
C SER B 142 23.85 7.41 27.40
N CYS B 143 23.95 6.66 26.31
CA CYS B 143 22.78 6.33 25.50
C CYS B 143 22.21 7.54 24.75
N ALA B 144 22.96 8.63 24.69
CA ALA B 144 22.49 9.84 24.01
C ALA B 144 21.89 9.54 22.62
N LEU B 145 22.35 8.49 21.96
CA LEU B 145 21.82 8.16 20.64
C LEU B 145 21.25 6.75 20.64
N GLY B 146 20.72 6.35 21.79
CA GLY B 146 20.14 5.03 21.91
C GLY B 146 20.69 4.26 23.08
N CYS B 147 19.92 3.27 23.52
CA CYS B 147 20.30 2.41 24.65
C CYS B 147 20.29 0.96 24.19
N PRO B 148 21.13 0.13 24.82
CA PRO B 148 21.25 -1.30 24.50
C PRO B 148 20.14 -2.12 25.13
N TYR B 149 19.39 -1.48 26.04
CA TYR B 149 18.30 -2.15 26.74
C TYR B 149 16.92 -1.62 26.39
N GLU B 150 16.84 -0.31 26.18
CA GLU B 150 15.56 0.32 25.85
C GLU B 150 15.40 0.60 24.37
N GLY B 151 16.47 0.42 23.60
CA GLY B 151 16.39 0.70 22.18
C GLY B 151 16.36 2.20 21.96
N LYS B 152 15.56 2.66 20.99
CA LYS B 152 15.48 4.09 20.69
C LYS B 152 15.37 4.98 21.92
N ILE B 153 16.07 6.10 21.87
CA ILE B 153 16.05 7.07 22.95
C ILE B 153 15.68 8.43 22.38
N SER B 154 14.66 9.04 22.99
CA SER B 154 14.16 10.33 22.55
C SER B 154 15.13 11.51 22.69
N PRO B 155 15.20 12.40 21.68
CA PRO B 155 16.10 13.55 21.75
C PRO B 155 15.77 14.50 22.91
N ALA B 156 14.48 14.61 23.22
CA ALA B 156 14.02 15.51 24.30
C ALA B 156 14.36 14.92 25.66
N LYS B 157 14.29 13.61 25.79
CA LYS B 157 14.61 12.95 27.04
C LYS B 157 16.09 13.20 27.36
N VAL B 158 16.89 13.30 26.30
CA VAL B 158 18.33 13.54 26.42
C VAL B 158 18.58 15.02 26.63
N ALA B 159 17.63 15.86 26.21
CA ALA B 159 17.76 17.30 26.40
C ALA B 159 17.37 17.60 27.85
N GLU B 160 16.47 16.78 28.37
CA GLU B 160 16.00 16.93 29.74
C GLU B 160 17.13 16.70 30.74
N VAL B 161 17.79 15.55 30.64
CA VAL B 161 18.90 15.20 31.53
C VAL B 161 20.12 16.08 31.37
N THR B 162 20.35 16.58 30.16
CA THR B 162 21.48 17.46 29.93
C THR B 162 21.20 18.82 30.56
N LYS B 163 19.95 19.27 30.45
CA LYS B 163 19.55 20.55 31.03
C LYS B 163 19.78 20.49 32.53
N LYS B 164 19.30 19.40 33.13
CA LYS B 164 19.42 19.18 34.56
C LYS B 164 20.87 19.26 35.03
N PHE B 165 21.73 18.47 34.41
CA PHE B 165 23.15 18.48 34.77
C PHE B 165 23.72 19.89 34.68
N TYR B 166 23.39 20.58 33.58
CA TYR B 166 23.86 21.94 33.36
C TYR B 166 23.28 22.91 34.37
N SER B 167 22.05 22.66 34.81
CA SER B 167 21.38 23.51 35.77
C SER B 167 21.84 23.30 37.21
N MET B 168 22.60 22.23 37.44
CA MET B 168 23.10 21.96 38.78
C MET B 168 24.52 22.50 38.98
N GLY B 169 25.34 22.44 37.94
CA GLY B 169 26.68 22.94 38.07
C GLY B 169 27.73 22.33 37.17
N CYS B 170 27.30 21.49 36.23
CA CYS B 170 28.24 20.89 35.29
C CYS B 170 28.65 21.98 34.32
N TYR B 171 29.94 22.27 34.28
CA TYR B 171 30.42 23.29 33.37
C TYR B 171 30.32 22.78 31.96
N GLU B 172 30.34 21.45 31.83
CA GLU B 172 30.27 20.80 30.53
C GLU B 172 29.63 19.41 30.63
N ILE B 173 28.96 18.99 29.56
CA ILE B 173 28.32 17.68 29.53
C ILE B 173 28.69 16.92 28.26
N SER B 174 29.02 15.66 28.43
CA SER B 174 29.41 14.80 27.33
C SER B 174 28.29 13.83 27.00
N LEU B 175 27.70 13.98 25.81
CA LEU B 175 26.63 13.12 25.35
C LEU B 175 27.30 11.93 24.66
N GLY B 176 27.03 10.72 25.12
CA GLY B 176 27.70 9.58 24.51
C GLY B 176 26.88 8.51 23.82
N ASP B 177 27.47 7.95 22.76
CA ASP B 177 26.84 6.86 22.01
C ASP B 177 27.52 5.62 22.52
N THR B 178 27.24 5.35 23.80
CA THR B 178 27.77 4.21 24.51
C THR B 178 27.95 2.97 23.62
N ILE B 179 26.95 2.69 22.78
CA ILE B 179 27.02 1.52 21.90
C ILE B 179 27.23 1.84 20.41
N GLY B 180 27.69 3.05 20.12
CA GLY B 180 27.96 3.47 18.74
C GLY B 180 26.94 3.18 17.66
N VAL B 181 25.66 3.12 18.01
CA VAL B 181 24.62 2.82 17.02
C VAL B 181 24.07 4.03 16.28
N GLY B 182 24.68 5.19 16.51
CA GLY B 182 24.20 6.39 15.85
C GLY B 182 24.65 6.62 14.41
N THR B 183 23.89 7.47 13.73
CA THR B 183 24.17 7.86 12.35
C THR B 183 23.99 9.38 12.35
N PRO B 184 24.68 10.08 11.43
CA PRO B 184 24.56 11.53 11.37
C PRO B 184 23.18 12.13 11.67
N GLY B 185 22.13 11.60 11.05
CA GLY B 185 20.80 12.12 11.26
C GLY B 185 20.34 12.14 12.71
N ILE B 186 20.60 11.05 13.42
CA ILE B 186 20.23 10.90 14.82
C ILE B 186 21.04 11.84 15.72
N MET B 187 22.33 11.97 15.43
CA MET B 187 23.20 12.86 16.19
C MET B 187 22.64 14.26 16.03
N LYS B 188 22.35 14.63 14.78
CA LYS B 188 21.81 15.95 14.49
C LYS B 188 20.48 16.22 15.21
N ASP B 189 19.62 15.21 15.31
CA ASP B 189 18.33 15.42 15.99
C ASP B 189 18.57 15.60 17.48
N MET B 190 19.43 14.76 18.02
CA MET B 190 19.77 14.80 19.45
C MET B 190 20.40 16.14 19.81
N LEU B 191 21.47 16.51 19.10
CA LEU B 191 22.16 17.77 19.37
C LEU B 191 21.24 18.96 19.31
N SER B 192 20.26 18.87 18.43
CA SER B 192 19.29 19.94 18.21
C SER B 192 18.37 20.21 19.39
N ALA B 193 17.73 19.17 19.90
CA ALA B 193 16.82 19.32 21.02
C ALA B 193 17.62 19.87 22.19
N VAL B 194 18.82 19.35 22.35
CA VAL B 194 19.73 19.75 23.42
C VAL B 194 20.16 21.23 23.37
N MET B 195 20.56 21.72 22.20
CA MET B 195 20.98 23.11 22.09
C MET B 195 19.89 24.12 22.41
N GLN B 196 18.67 23.64 22.64
CA GLN B 196 17.54 24.52 22.95
C GLN B 196 17.58 24.83 24.44
N GLU B 197 18.02 23.83 25.19
CA GLU B 197 18.09 23.90 26.63
C GLU B 197 19.44 24.31 27.17
N VAL B 198 20.51 23.81 26.55
CA VAL B 198 21.89 24.08 27.00
C VAL B 198 22.78 24.80 25.98
N PRO B 199 23.57 25.79 26.42
CA PRO B 199 24.46 26.50 25.50
C PRO B 199 25.46 25.56 24.87
N LEU B 200 25.93 25.93 23.69
CA LEU B 200 26.85 25.16 22.87
C LEU B 200 28.26 24.94 23.40
N ALA B 201 28.76 25.88 24.19
CA ALA B 201 30.11 25.75 24.72
C ALA B 201 30.20 24.70 25.81
N ALA B 202 29.08 24.38 26.44
CA ALA B 202 29.06 23.38 27.49
C ALA B 202 28.76 21.98 26.95
N LEU B 203 28.74 21.84 25.63
CA LEU B 203 28.45 20.56 24.99
C LEU B 203 29.64 19.78 24.43
N ALA B 204 29.59 18.45 24.55
CA ALA B 204 30.64 17.57 24.04
C ALA B 204 30.05 16.25 23.55
N VAL B 205 30.76 15.57 22.66
CA VAL B 205 30.29 14.30 22.15
C VAL B 205 31.25 13.15 22.42
N HIS B 206 30.69 11.99 22.74
CA HIS B 206 31.45 10.79 23.05
C HIS B 206 30.93 9.65 22.17
N CYS B 207 31.51 9.47 20.99
CA CYS B 207 31.06 8.43 20.06
C CYS B 207 31.87 7.15 20.05
N HIS B 208 31.21 6.01 20.11
CA HIS B 208 31.90 4.73 20.05
C HIS B 208 31.84 4.26 18.60
N ASP B 209 32.87 3.57 18.14
CA ASP B 209 32.93 3.13 16.75
C ASP B 209 32.56 1.67 16.47
N THR B 210 31.72 1.09 17.31
CA THR B 210 31.29 -0.29 17.12
C THR B 210 30.87 -0.55 15.68
N TYR B 211 30.01 0.33 15.14
CA TYR B 211 29.53 0.18 13.78
C TYR B 211 30.23 1.08 12.76
N GLY B 212 31.43 1.54 13.09
CA GLY B 212 32.18 2.41 12.19
C GLY B 212 31.55 3.76 11.90
N GLN B 213 30.67 4.24 12.79
CA GLN B 213 30.00 5.54 12.60
C GLN B 213 30.60 6.71 13.39
N ALA B 214 31.43 6.40 14.39
CA ALA B 214 32.03 7.40 15.27
C ALA B 214 32.57 8.69 14.64
N LEU B 215 33.45 8.57 13.65
CA LEU B 215 34.00 9.78 13.04
C LEU B 215 32.97 10.57 12.25
N ALA B 216 32.04 9.88 11.60
CA ALA B 216 31.01 10.60 10.85
C ALA B 216 30.04 11.29 11.83
N ASN B 217 29.59 10.60 12.88
CA ASN B 217 28.70 11.21 13.87
C ASN B 217 29.38 12.44 14.47
N THR B 218 30.69 12.30 14.70
CA THR B 218 31.46 13.40 15.26
C THR B 218 31.44 14.61 14.33
N LEU B 219 31.68 14.38 13.05
CA LEU B 219 31.68 15.46 12.05
C LEU B 219 30.33 16.16 12.01
N MET B 220 29.25 15.42 12.27
CA MET B 220 27.94 16.05 12.27
C MET B 220 27.92 17.01 13.46
N ALA B 221 28.45 16.55 14.59
CA ALA B 221 28.50 17.38 15.80
C ALA B 221 29.29 18.64 15.53
N LEU B 222 30.41 18.50 14.83
CA LEU B 222 31.23 19.65 14.51
C LEU B 222 30.43 20.66 13.66
N GLN B 223 29.75 20.16 12.64
CA GLN B 223 28.96 21.04 11.76
C GLN B 223 27.83 21.66 12.54
N MET B 224 27.44 21.01 13.63
CA MET B 224 26.36 21.49 14.47
C MET B 224 26.85 22.59 15.41
N GLY B 225 28.16 22.69 15.56
CA GLY B 225 28.72 23.72 16.41
C GLY B 225 29.58 23.24 17.57
N VAL B 226 29.32 22.05 18.06
CA VAL B 226 30.08 21.47 19.17
C VAL B 226 31.57 21.55 18.87
N SER B 227 32.38 21.85 19.88
CA SER B 227 33.82 21.99 19.69
C SER B 227 34.72 21.18 20.63
N VAL B 228 34.14 20.20 21.33
CA VAL B 228 34.94 19.37 22.22
C VAL B 228 34.44 17.92 22.09
N VAL B 229 35.33 17.01 21.71
CA VAL B 229 34.94 15.61 21.52
C VAL B 229 35.85 14.59 22.20
N ASP B 230 35.24 13.49 22.65
CA ASP B 230 35.97 12.42 23.32
C ASP B 230 36.46 11.34 22.36
N SER B 231 37.68 10.85 22.62
CA SER B 231 38.31 9.82 21.82
C SER B 231 39.31 9.07 22.70
N SER B 232 39.67 7.86 22.29
CA SER B 232 40.60 7.04 23.05
C SER B 232 41.80 6.63 22.19
N VAL B 233 43.00 6.78 22.77
CA VAL B 233 44.29 6.49 22.13
C VAL B 233 44.35 5.54 20.95
N ALA B 234 44.60 4.26 21.18
CA ALA B 234 44.68 3.36 20.05
C ALA B 234 43.32 2.78 19.74
N GLY B 235 42.27 3.56 20.00
CA GLY B 235 40.93 3.06 19.77
C GLY B 235 40.58 2.06 20.85
N LEU B 236 41.24 2.21 22.00
CA LEU B 236 41.05 1.35 23.17
C LEU B 236 39.60 1.34 23.62
N GLY B 237 39.23 0.29 24.32
CA GLY B 237 37.87 0.16 24.80
C GLY B 237 37.12 -0.81 23.92
N GLY B 238 35.83 -0.93 24.16
CA GLY B 238 35.03 -1.83 23.37
C GLY B 238 33.58 -1.65 23.75
N CYS B 239 32.69 -2.33 23.03
CA CYS B 239 31.28 -2.26 23.31
C CYS B 239 31.01 -3.52 24.14
N PRO B 240 31.02 -3.40 25.47
CA PRO B 240 30.78 -4.57 26.35
C PRO B 240 29.38 -5.16 26.18
N TYR B 241 28.43 -4.32 25.73
CA TYR B 241 27.04 -4.76 25.54
C TYR B 241 26.81 -5.32 24.14
N ALA B 242 27.73 -5.04 23.22
CA ALA B 242 27.63 -5.54 21.85
C ALA B 242 28.82 -6.46 21.56
N GLN B 243 28.73 -7.21 20.46
CA GLN B 243 29.77 -8.15 20.06
C GLN B 243 31.21 -7.61 20.24
N GLY B 244 32.16 -8.53 20.40
CA GLY B 244 33.56 -8.16 20.59
C GLY B 244 34.16 -7.36 19.45
N ALA B 245 33.70 -6.12 19.30
CA ALA B 245 34.18 -5.24 18.24
C ALA B 245 34.66 -3.89 18.77
N SER B 246 35.04 -3.03 17.84
CA SER B 246 35.55 -1.68 18.12
C SER B 246 34.99 -1.00 19.35
N GLY B 247 35.81 -0.12 19.93
CA GLY B 247 35.41 0.61 21.12
C GLY B 247 35.21 2.11 20.91
N ASN B 248 36.18 2.91 21.34
CA ASN B 248 36.09 4.36 21.21
C ASN B 248 36.65 4.85 19.90
N LEU B 249 36.38 6.11 19.59
CA LEU B 249 36.88 6.72 18.38
C LEU B 249 38.37 6.90 18.57
N ALA B 250 39.15 6.42 17.61
CA ALA B 250 40.60 6.52 17.68
C ALA B 250 41.03 7.97 17.71
N THR B 251 41.64 8.40 18.82
CA THR B 251 42.12 9.78 18.96
C THR B 251 43.00 10.20 17.76
N GLU B 252 43.87 9.31 17.29
CA GLU B 252 44.75 9.63 16.16
C GLU B 252 44.02 9.91 14.87
N ASP B 253 42.95 9.16 14.60
CA ASP B 253 42.19 9.32 13.37
C ASP B 253 41.36 10.58 13.42
N LEU B 254 41.05 11.00 14.65
CA LEU B 254 40.29 12.22 14.89
C LEU B 254 41.17 13.45 14.67
N VAL B 255 42.40 13.46 15.17
CA VAL B 255 43.25 14.62 14.99
C VAL B 255 43.71 14.68 13.54
N TYR B 256 43.59 13.57 12.83
CA TYR B 256 43.98 13.52 11.43
C TYR B 256 42.94 14.29 10.63
N MET B 257 41.68 14.12 11.00
CA MET B 257 40.59 14.80 10.30
C MET B 257 40.68 16.28 10.61
N LEU B 258 40.73 16.61 11.89
CA LEU B 258 40.79 17.98 12.34
C LEU B 258 41.95 18.76 11.73
N GLU B 259 43.11 18.14 11.60
CA GLU B 259 44.26 18.83 11.02
C GLU B 259 44.09 19.03 9.51
N GLY B 260 43.46 18.07 8.85
CA GLY B 260 43.25 18.21 7.42
C GLY B 260 42.20 19.27 7.20
N LEU B 261 41.38 19.48 8.24
CA LEU B 261 40.31 20.47 8.21
C LEU B 261 40.90 21.78 8.72
N GLY B 262 42.21 21.83 8.87
CA GLY B 262 42.86 23.05 9.34
C GLY B 262 42.40 23.54 10.70
N ILE B 263 41.84 22.63 11.51
CA ILE B 263 41.37 22.97 12.85
C ILE B 263 42.48 22.76 13.87
N HIS B 264 42.61 23.70 14.80
CA HIS B 264 43.63 23.62 15.84
C HIS B 264 43.25 22.62 16.94
N THR B 265 44.18 21.73 17.27
CA THR B 265 43.91 20.74 18.31
C THR B 265 45.00 20.80 19.39
N GLY B 266 46.15 21.32 19.01
CA GLY B 266 47.28 21.44 19.93
C GLY B 266 48.01 20.15 20.21
N VAL B 267 47.69 19.09 19.46
CA VAL B 267 48.30 17.79 19.66
C VAL B 267 49.35 17.42 18.61
N ASN B 268 50.44 16.83 19.08
CA ASN B 268 51.55 16.38 18.22
C ASN B 268 51.25 14.92 17.90
N LEU B 269 50.67 14.68 16.73
CA LEU B 269 50.29 13.33 16.31
C LEU B 269 51.38 12.24 16.34
N GLN B 270 52.62 12.64 16.18
CA GLN B 270 53.72 11.69 16.19
C GLN B 270 53.91 11.12 17.59
N LYS B 271 53.81 11.98 18.59
CA LYS B 271 53.98 11.52 19.96
C LYS B 271 52.74 10.78 20.44
N LEU B 272 51.59 11.17 19.89
CA LEU B 272 50.33 10.54 20.26
C LEU B 272 50.41 9.09 19.79
N LEU B 273 50.94 8.90 18.58
CA LEU B 273 51.06 7.57 18.01
C LEU B 273 51.97 6.75 18.88
N GLU B 274 53.01 7.40 19.41
CA GLU B 274 53.96 6.73 20.30
C GLU B 274 53.25 6.22 21.55
N ALA B 275 52.48 7.09 22.19
CA ALA B 275 51.76 6.68 23.38
C ALA B 275 50.85 5.52 23.01
N GLY B 276 50.28 5.60 21.81
CA GLY B 276 49.38 4.55 21.34
C GLY B 276 50.13 3.23 21.24
N ASN B 277 51.30 3.27 20.61
CA ASN B 277 52.10 2.07 20.48
C ASN B 277 52.49 1.50 21.84
N PHE B 278 52.80 2.39 22.79
CA PHE B 278 53.20 1.95 24.12
C PHE B 278 52.15 1.11 24.85
N ILE B 279 50.94 1.64 24.98
CA ILE B 279 49.88 0.92 25.68
C ILE B 279 49.39 -0.29 24.91
N CYS B 280 49.46 -0.23 23.59
CA CYS B 280 49.02 -1.36 22.79
C CYS B 280 49.91 -2.56 23.06
N GLN B 281 51.19 -2.31 23.23
CA GLN B 281 52.09 -3.41 23.50
C GLN B 281 51.92 -3.84 24.95
N ALA B 282 51.75 -2.89 25.84
CA ALA B 282 51.57 -3.23 27.25
C ALA B 282 50.34 -4.13 27.31
N LEU B 283 49.31 -3.79 26.55
CA LEU B 283 48.09 -4.57 26.53
C LEU B 283 48.20 -5.79 25.61
N ASN B 284 49.26 -5.83 24.83
CA ASN B 284 49.51 -6.94 23.90
C ASN B 284 48.52 -7.00 22.73
N ARG B 285 47.89 -5.88 22.40
CA ARG B 285 46.93 -5.85 21.30
C ARG B 285 47.43 -5.05 20.10
N LYS B 286 46.62 -5.02 19.05
CA LYS B 286 46.94 -4.25 17.85
C LYS B 286 46.10 -2.98 17.95
N THR B 287 46.63 -1.89 17.43
CA THR B 287 45.92 -0.62 17.48
C THR B 287 44.69 -0.62 16.56
N SER B 288 43.65 0.11 16.95
CA SER B 288 42.43 0.22 16.16
C SER B 288 42.48 1.51 15.39
N SER B 289 43.59 2.24 15.53
CA SER B 289 43.76 3.49 14.83
C SER B 289 44.19 3.21 13.41
N LYS B 290 43.39 3.65 12.45
CA LYS B 290 43.67 3.44 11.05
C LYS B 290 44.92 4.22 10.63
N VAL B 291 45.09 5.42 11.20
CA VAL B 291 46.25 6.27 10.89
C VAL B 291 47.55 5.65 11.40
N ALA B 292 47.48 4.99 12.54
CA ALA B 292 48.64 4.33 13.12
C ALA B 292 49.09 3.19 12.20
N GLN B 293 48.11 2.44 11.71
CA GLN B 293 48.33 1.31 10.79
C GLN B 293 48.93 1.81 9.47
N ALA B 294 48.53 3.00 9.06
CA ALA B 294 49.03 3.56 7.82
C ALA B 294 50.41 4.22 8.02
N THR B 295 50.71 4.59 9.26
CA THR B 295 51.97 5.25 9.60
C THR B 295 53.16 4.30 9.69
N CYS B 296 52.88 3.01 9.90
CA CYS B 296 53.90 1.94 10.01
C CYS B 296 53.65 1.17 11.30
N THR C 1 -44.09 19.03 16.24
CA THR C 1 -43.09 18.70 17.30
C THR C 1 -42.92 17.20 17.39
N LEU C 2 -42.77 16.69 18.60
CA LEU C 2 -42.63 15.27 18.82
C LEU C 2 -44.03 14.69 18.99
N PRO C 3 -44.21 13.43 18.57
CA PRO C 3 -45.52 12.81 18.72
C PRO C 3 -45.81 12.45 20.17
N LYS C 4 -47.09 12.47 20.54
CA LYS C 4 -47.48 12.14 21.91
C LYS C 4 -47.30 10.64 22.13
N ARG C 5 -47.29 9.87 21.05
CA ARG C 5 -47.13 8.43 21.16
C ARG C 5 -46.58 7.74 19.90
N VAL C 6 -45.73 6.75 20.09
CA VAL C 6 -45.10 6.01 18.99
C VAL C 6 -45.45 4.53 18.94
N LYS C 7 -45.76 4.03 17.76
CA LYS C 7 -46.08 2.62 17.60
C LYS C 7 -44.83 1.84 17.19
N ILE C 8 -44.25 1.11 18.13
CA ILE C 8 -43.05 0.31 17.85
C ILE C 8 -43.48 -1.00 17.19
N VAL C 9 -42.85 -1.34 16.08
CA VAL C 9 -43.13 -2.57 15.37
C VAL C 9 -42.00 -3.53 15.70
N GLU C 10 -42.22 -4.50 16.57
CA GLU C 10 -41.17 -5.46 16.93
C GLU C 10 -40.96 -6.48 15.83
N VAL C 11 -39.82 -6.41 15.15
CA VAL C 11 -39.54 -7.31 14.04
C VAL C 11 -38.46 -8.36 14.31
N GLY C 12 -38.08 -8.51 15.58
CA GLY C 12 -37.07 -9.50 15.92
C GLY C 12 -37.41 -10.90 15.40
N PRO C 13 -38.55 -11.48 15.78
CA PRO C 13 -38.94 -12.82 15.33
C PRO C 13 -38.88 -13.08 13.83
N ARG C 14 -38.77 -12.03 13.02
CA ARG C 14 -38.66 -12.21 11.57
C ARG C 14 -37.37 -11.60 11.04
N ASP C 15 -37.35 -10.28 10.82
CA ASP C 15 -36.16 -9.60 10.31
C ASP C 15 -34.92 -10.00 11.10
N GLY C 16 -35.05 -9.96 12.43
CA GLY C 16 -33.92 -10.33 13.27
C GLY C 16 -33.47 -11.77 13.07
N LEU C 17 -34.29 -12.72 13.51
CA LEU C 17 -33.98 -14.14 13.38
C LEU C 17 -33.59 -14.53 11.96
N GLN C 18 -34.34 -14.05 10.97
CA GLN C 18 -34.02 -14.37 9.58
C GLN C 18 -32.54 -14.10 9.31
N ASN C 19 -32.07 -12.91 9.61
CA ASN C 19 -30.67 -12.54 9.37
C ASN C 19 -29.75 -12.86 10.53
N GLU C 20 -30.19 -13.76 11.39
CA GLU C 20 -29.38 -14.16 12.53
C GLU C 20 -28.57 -15.39 12.12
N LYS C 21 -27.38 -15.55 12.69
CA LYS C 21 -26.49 -16.66 12.37
C LYS C 21 -27.02 -18.02 12.85
N ASN C 22 -27.68 -18.01 14.00
CA ASN C 22 -28.21 -19.23 14.58
C ASN C 22 -29.71 -19.42 14.35
N ILE C 23 -30.13 -20.68 14.26
CA ILE C 23 -31.53 -21.02 14.03
C ILE C 23 -32.13 -21.73 15.26
N VAL C 24 -33.29 -21.26 15.71
CA VAL C 24 -33.97 -21.85 16.86
C VAL C 24 -35.18 -22.71 16.47
N SER C 25 -35.64 -23.53 17.41
CA SER C 25 -36.77 -24.43 17.16
C SER C 25 -38.08 -23.69 17.05
N THR C 26 -39.05 -24.29 16.36
CA THR C 26 -40.35 -23.68 16.17
C THR C 26 -41.02 -23.33 17.50
N PRO C 27 -40.91 -24.21 18.51
CA PRO C 27 -41.55 -23.83 19.77
C PRO C 27 -40.79 -22.65 20.38
N VAL C 28 -39.50 -22.55 20.09
CA VAL C 28 -38.71 -21.44 20.62
C VAL C 28 -39.17 -20.11 20.00
N LYS C 29 -39.36 -20.09 18.69
CA LYS C 29 -39.78 -18.86 18.02
C LYS C 29 -41.10 -18.39 18.61
N ILE C 30 -42.03 -19.33 18.75
CA ILE C 30 -43.35 -19.02 19.28
C ILE C 30 -43.33 -18.49 20.71
N LYS C 31 -42.40 -18.98 21.53
CA LYS C 31 -42.34 -18.51 22.91
C LYS C 31 -41.95 -17.04 22.96
N LEU C 32 -40.91 -16.69 22.21
CA LEU C 32 -40.40 -15.31 22.11
C LEU C 32 -41.55 -14.33 21.82
N ILE C 33 -42.16 -14.52 20.65
CA ILE C 33 -43.27 -13.70 20.20
C ILE C 33 -44.30 -13.43 21.29
N ASP C 34 -44.92 -14.49 21.81
CA ASP C 34 -45.92 -14.33 22.86
C ASP C 34 -45.35 -13.71 24.12
N MET C 35 -44.05 -13.88 24.33
CA MET C 35 -43.38 -13.30 25.49
C MET C 35 -43.28 -11.80 25.22
N LEU C 36 -43.10 -11.45 23.95
CA LEU C 36 -43.02 -10.06 23.50
C LEU C 36 -44.44 -9.47 23.58
N SER C 37 -45.42 -10.34 23.33
CA SER C 37 -46.83 -9.96 23.37
C SER C 37 -47.22 -9.60 24.79
N GLU C 38 -46.47 -10.14 25.74
CA GLU C 38 -46.73 -9.88 27.14
C GLU C 38 -45.96 -8.67 27.60
N ALA C 39 -45.09 -8.18 26.73
CA ALA C 39 -44.29 -7.02 27.05
C ALA C 39 -45.04 -5.75 26.66
N GLY C 40 -46.12 -5.90 25.91
CA GLY C 40 -46.92 -4.75 25.51
C GLY C 40 -46.74 -4.29 24.07
N LEU C 41 -45.81 -4.90 23.35
CA LEU C 41 -45.63 -4.52 21.96
C LEU C 41 -46.99 -4.69 21.32
N SER C 42 -47.43 -3.71 20.53
CA SER C 42 -48.73 -3.79 19.89
C SER C 42 -48.63 -4.37 18.48
N VAL C 43 -47.41 -4.49 17.98
CA VAL C 43 -47.21 -5.05 16.65
C VAL C 43 -45.92 -5.87 16.64
N ILE C 44 -46.04 -7.12 16.20
CA ILE C 44 -44.90 -8.02 16.15
C ILE C 44 -44.82 -8.79 14.85
N GLU C 45 -43.79 -8.49 14.06
CA GLU C 45 -43.59 -9.17 12.80
C GLU C 45 -43.32 -10.62 13.20
N THR C 46 -44.27 -11.50 12.90
CA THR C 46 -44.19 -12.91 13.30
C THR C 46 -43.34 -13.84 12.44
N THR C 47 -43.55 -13.82 11.12
CA THR C 47 -42.77 -14.69 10.25
C THR C 47 -42.79 -14.29 8.78
N SER C 48 -42.28 -15.18 7.93
CA SER C 48 -42.24 -14.93 6.49
C SER C 48 -42.64 -16.20 5.74
N PHE C 49 -43.72 -16.11 4.95
CA PHE C 49 -44.21 -17.24 4.16
C PHE C 49 -43.52 -17.36 2.81
N VAL C 50 -42.21 -17.59 2.85
CA VAL C 50 -41.41 -17.72 1.63
C VAL C 50 -40.84 -19.13 1.49
N SER C 51 -40.52 -19.52 0.26
CA SER C 51 -39.96 -20.84 -0.03
C SER C 51 -38.92 -21.26 1.01
N PRO C 52 -39.10 -22.43 1.64
CA PRO C 52 -38.15 -22.92 2.65
C PRO C 52 -36.81 -23.21 2.00
N LYS C 53 -36.84 -23.37 0.68
CA LYS C 53 -35.67 -23.66 -0.11
C LYS C 53 -34.72 -22.46 -0.14
N TRP C 54 -35.29 -21.26 -0.10
CA TRP C 54 -34.50 -20.03 -0.12
C TRP C 54 -34.15 -19.49 1.25
N VAL C 55 -35.17 -19.26 2.06
CA VAL C 55 -34.96 -18.76 3.42
C VAL C 55 -35.60 -19.76 4.38
N PRO C 56 -34.83 -20.80 4.78
CA PRO C 56 -35.25 -21.86 5.69
C PRO C 56 -35.38 -21.49 7.16
N GLN C 57 -34.82 -20.36 7.58
CA GLN C 57 -34.92 -19.94 8.98
C GLN C 57 -36.38 -19.57 9.25
N MET C 58 -37.09 -19.28 8.18
CA MET C 58 -38.49 -18.92 8.25
C MET C 58 -39.30 -20.15 7.87
N GLY C 59 -38.58 -21.22 7.53
CA GLY C 59 -39.22 -22.46 7.11
C GLY C 59 -40.50 -22.85 7.83
N ASP C 60 -40.49 -22.77 9.16
CA ASP C 60 -41.64 -23.14 9.98
C ASP C 60 -42.76 -22.10 10.04
N HIS C 61 -42.78 -21.18 9.08
CA HIS C 61 -43.78 -20.12 9.06
C HIS C 61 -45.24 -20.49 9.28
N THR C 62 -45.63 -21.71 8.91
CA THR C 62 -47.02 -22.09 9.10
C THR C 62 -47.32 -22.44 10.55
N GLU C 63 -46.48 -23.27 11.16
CA GLU C 63 -46.66 -23.68 12.55
C GLU C 63 -46.44 -22.56 13.54
N VAL C 64 -45.81 -21.48 13.10
CA VAL C 64 -45.54 -20.37 13.99
C VAL C 64 -46.70 -19.36 14.05
N LEU C 65 -47.32 -19.07 12.91
CA LEU C 65 -48.43 -18.13 12.90
C LEU C 65 -49.61 -18.77 13.61
N LYS C 66 -49.81 -20.06 13.35
CA LYS C 66 -50.90 -20.77 13.98
C LYS C 66 -50.58 -21.02 15.44
N GLY C 67 -49.30 -21.16 15.75
CA GLY C 67 -48.86 -21.42 17.11
C GLY C 67 -49.05 -20.34 18.15
N ILE C 68 -48.53 -19.15 17.87
CA ILE C 68 -48.61 -18.01 18.78
C ILE C 68 -49.99 -17.67 19.33
N GLN C 69 -50.02 -17.08 20.51
CA GLN C 69 -51.28 -16.68 21.11
C GLN C 69 -51.68 -15.37 20.44
N LYS C 70 -52.97 -15.24 20.16
CA LYS C 70 -53.47 -14.04 19.56
C LYS C 70 -53.95 -13.18 20.73
N PHE C 71 -53.09 -12.28 21.19
CA PHE C 71 -53.45 -11.40 22.30
C PHE C 71 -54.33 -10.29 21.74
N PRO C 72 -55.28 -9.79 22.54
CA PRO C 72 -56.19 -8.73 22.11
C PRO C 72 -55.45 -7.44 21.72
N GLY C 73 -56.02 -6.75 20.74
CA GLY C 73 -55.43 -5.50 20.29
C GLY C 73 -54.00 -5.59 19.77
N ILE C 74 -53.50 -6.80 19.58
CA ILE C 74 -52.15 -6.98 19.05
C ILE C 74 -52.20 -7.56 17.65
N ASN C 75 -51.32 -7.05 16.77
CA ASN C 75 -51.25 -7.50 15.39
C ASN C 75 -49.98 -8.32 15.18
N TYR C 76 -50.10 -9.37 14.38
CA TYR C 76 -48.96 -10.23 14.11
C TYR C 76 -48.82 -10.37 12.61
N PRO C 77 -48.15 -9.39 11.97
CA PRO C 77 -47.94 -9.40 10.52
C PRO C 77 -46.90 -10.40 10.06
N VAL C 78 -47.11 -10.90 8.84
CA VAL C 78 -46.20 -11.86 8.24
C VAL C 78 -45.88 -11.41 6.84
N LEU C 79 -44.67 -11.73 6.38
CA LEU C 79 -44.24 -11.35 5.05
C LEU C 79 -44.77 -12.33 4.03
N THR C 80 -45.21 -11.82 2.89
CA THR C 80 -45.68 -12.70 1.83
C THR C 80 -45.07 -12.27 0.51
N PRO C 81 -43.87 -12.80 0.19
CA PRO C 81 -43.13 -12.49 -1.03
C PRO C 81 -43.97 -12.61 -2.29
N ASN C 82 -44.84 -13.61 -2.35
CA ASN C 82 -45.67 -13.77 -3.53
C ASN C 82 -47.11 -14.16 -3.23
N LEU C 83 -47.79 -14.70 -4.24
CA LEU C 83 -49.19 -15.08 -4.14
C LEU C 83 -49.40 -16.42 -3.44
N LYS C 84 -48.66 -17.44 -3.86
CA LYS C 84 -48.78 -18.75 -3.22
C LYS C 84 -48.48 -18.58 -1.73
N GLY C 85 -47.49 -17.76 -1.42
CA GLY C 85 -47.12 -17.52 -0.05
C GLY C 85 -48.19 -16.75 0.68
N PHE C 86 -48.92 -15.92 -0.05
CA PHE C 86 -49.99 -15.13 0.56
C PHE C 86 -51.10 -16.08 0.99
N GLU C 87 -51.34 -17.10 0.18
CA GLU C 87 -52.37 -18.10 0.48
C GLU C 87 -52.02 -18.69 1.82
N ALA C 88 -50.86 -19.34 1.87
CA ALA C 88 -50.40 -19.96 3.10
C ALA C 88 -50.67 -19.04 4.29
N ALA C 89 -50.38 -17.75 4.12
CA ALA C 89 -50.60 -16.77 5.19
C ALA C 89 -52.05 -16.86 5.67
N VAL C 90 -52.97 -16.58 4.74
CA VAL C 90 -54.38 -16.64 5.05
C VAL C 90 -54.70 -17.96 5.75
N ALA C 91 -54.32 -19.06 5.11
CA ALA C 91 -54.57 -20.41 5.64
C ALA C 91 -54.09 -20.57 7.07
N ALA C 92 -53.00 -19.91 7.41
CA ALA C 92 -52.45 -20.00 8.76
C ALA C 92 -53.11 -18.95 9.64
N GLY C 93 -54.05 -18.21 9.06
CA GLY C 93 -54.79 -17.20 9.79
C GLY C 93 -54.31 -15.76 9.76
N ALA C 94 -53.40 -15.42 8.86
CA ALA C 94 -52.91 -14.05 8.79
C ALA C 94 -54.04 -13.06 8.61
N LYS C 95 -53.94 -11.94 9.32
CA LYS C 95 -54.93 -10.88 9.22
C LYS C 95 -54.24 -9.66 8.61
N GLU C 96 -52.95 -9.80 8.32
CA GLU C 96 -52.14 -8.72 7.76
C GLU C 96 -50.82 -9.26 7.21
N VAL C 97 -50.52 -8.94 5.94
CA VAL C 97 -49.29 -9.40 5.33
C VAL C 97 -48.35 -8.24 5.00
N VAL C 98 -47.10 -8.55 4.68
CA VAL C 98 -46.14 -7.50 4.36
C VAL C 98 -45.51 -7.76 2.99
N ILE C 99 -45.56 -6.77 2.11
CA ILE C 99 -44.92 -6.92 0.82
C ILE C 99 -43.71 -6.01 0.90
N PHE C 100 -42.64 -6.38 0.21
CA PHE C 100 -41.42 -5.58 0.27
C PHE C 100 -40.79 -5.15 -1.05
N GLY C 101 -40.60 -3.83 -1.19
CA GLY C 101 -39.99 -3.24 -2.37
C GLY C 101 -38.60 -2.66 -2.09
N ALA C 102 -38.20 -1.66 -2.87
CA ALA C 102 -36.89 -1.01 -2.71
C ALA C 102 -36.82 0.19 -3.66
N ALA C 103 -36.13 1.24 -3.24
CA ALA C 103 -36.00 2.43 -4.09
C ALA C 103 -34.79 2.37 -5.03
N SER C 104 -34.17 1.19 -5.12
CA SER C 104 -32.98 1.00 -5.94
C SER C 104 -33.10 -0.09 -7.00
N GLU C 105 -32.99 0.31 -8.27
CA GLU C 105 -33.07 -0.61 -9.42
C GLU C 105 -32.09 -1.78 -9.32
N LEU C 106 -30.82 -1.46 -9.07
CA LEU C 106 -29.78 -2.47 -8.95
C LEU C 106 -30.04 -3.38 -7.77
N PHE C 107 -30.70 -2.87 -6.73
CA PHE C 107 -30.97 -3.72 -5.59
C PHE C 107 -32.13 -4.66 -5.94
N THR C 108 -33.08 -4.16 -6.71
CA THR C 108 -34.23 -4.96 -7.13
C THR C 108 -33.80 -6.01 -8.15
N LYS C 109 -32.88 -5.64 -9.05
CA LYS C 109 -32.41 -6.60 -10.06
C LYS C 109 -31.49 -7.65 -9.45
N LYS C 110 -30.82 -7.31 -8.35
CA LYS C 110 -29.92 -8.24 -7.68
C LYS C 110 -30.69 -9.30 -6.89
N ASN C 111 -32.00 -9.11 -6.77
CA ASN C 111 -32.82 -10.07 -6.03
C ASN C 111 -33.90 -10.73 -6.90
N ILE C 112 -34.64 -9.95 -7.69
CA ILE C 112 -35.69 -10.53 -8.53
C ILE C 112 -35.64 -10.20 -10.02
N ASN C 113 -34.43 -10.09 -10.58
CA ASN C 113 -34.24 -9.79 -12.01
C ASN C 113 -35.34 -8.99 -12.73
N CYS C 114 -35.88 -7.98 -12.06
CA CYS C 114 -36.92 -7.14 -12.66
C CYS C 114 -36.81 -5.72 -12.14
N SER C 115 -37.09 -4.76 -13.02
CA SER C 115 -37.03 -3.34 -12.67
C SER C 115 -37.90 -3.07 -11.45
N ILE C 116 -37.87 -1.83 -10.96
CA ILE C 116 -38.66 -1.45 -9.80
C ILE C 116 -40.15 -1.43 -10.14
N GLU C 117 -40.50 -1.18 -11.40
CA GLU C 117 -41.90 -1.14 -11.80
C GLU C 117 -42.48 -2.55 -11.93
N GLU C 118 -41.65 -3.49 -12.38
CA GLU C 118 -42.15 -4.84 -12.50
C GLU C 118 -42.50 -5.38 -11.13
N SER C 119 -41.65 -5.10 -10.14
CA SER C 119 -41.89 -5.55 -8.77
C SER C 119 -43.31 -5.22 -8.34
N PHE C 120 -43.86 -4.13 -8.87
CA PHE C 120 -45.22 -3.71 -8.53
C PHE C 120 -46.27 -4.56 -9.22
N GLN C 121 -45.89 -5.21 -10.31
CA GLN C 121 -46.82 -6.07 -11.04
C GLN C 121 -47.14 -7.24 -10.12
N ARG C 122 -46.08 -7.91 -9.69
CA ARG C 122 -46.15 -9.07 -8.80
C ARG C 122 -46.95 -8.78 -7.53
N PHE C 123 -46.92 -7.53 -7.09
CA PHE C 123 -47.62 -7.10 -5.88
C PHE C 123 -49.10 -6.88 -6.10
N ASP C 124 -49.46 -6.43 -7.31
CA ASP C 124 -50.85 -6.15 -7.64
C ASP C 124 -51.82 -7.31 -7.43
N ALA C 125 -51.33 -8.54 -7.55
CA ALA C 125 -52.19 -9.71 -7.34
C ALA C 125 -52.45 -9.83 -5.85
N ILE C 126 -51.37 -9.79 -5.07
CA ILE C 126 -51.50 -9.91 -3.63
C ILE C 126 -52.46 -8.86 -3.10
N LEU C 127 -52.16 -7.60 -3.39
CA LEU C 127 -52.99 -6.48 -2.95
C LEU C 127 -54.43 -6.62 -3.39
N LYS C 128 -54.66 -7.19 -4.57
CA LYS C 128 -56.03 -7.36 -5.07
C LYS C 128 -56.74 -8.50 -4.32
N ALA C 129 -56.00 -9.55 -4.00
CA ALA C 129 -56.57 -10.67 -3.27
C ALA C 129 -56.75 -10.23 -1.82
N ALA C 130 -55.69 -9.66 -1.26
CA ALA C 130 -55.69 -9.19 0.12
C ALA C 130 -56.89 -8.32 0.46
N GLN C 131 -57.18 -7.34 -0.39
CA GLN C 131 -58.29 -6.42 -0.16
C GLN C 131 -59.62 -7.15 -0.25
N SER C 132 -59.63 -8.23 -1.02
CA SER C 132 -60.83 -9.03 -1.19
C SER C 132 -61.16 -9.71 0.14
N ALA C 133 -60.17 -10.38 0.72
CA ALA C 133 -60.35 -11.09 2.00
C ALA C 133 -60.04 -10.19 3.18
N ASN C 134 -60.38 -8.90 3.05
CA ASN C 134 -60.13 -7.92 4.11
C ASN C 134 -58.85 -8.17 4.89
N ILE C 135 -57.72 -8.13 4.20
CA ILE C 135 -56.42 -8.32 4.84
C ILE C 135 -55.62 -7.03 4.71
N SER C 136 -54.92 -6.67 5.78
CA SER C 136 -54.10 -5.46 5.79
C SER C 136 -52.75 -5.76 5.16
N VAL C 137 -52.29 -4.84 4.33
CA VAL C 137 -51.02 -5.02 3.65
C VAL C 137 -50.07 -3.91 4.03
N ARG C 138 -48.93 -4.28 4.60
CA ARG C 138 -47.94 -3.26 4.98
C ARG C 138 -46.89 -3.23 3.90
N GLY C 139 -46.16 -2.12 3.81
CA GLY C 139 -45.14 -2.02 2.80
C GLY C 139 -43.77 -1.67 3.31
N TYR C 140 -42.76 -2.30 2.72
CA TYR C 140 -41.38 -2.06 3.08
C TYR C 140 -40.72 -1.48 1.82
N VAL C 141 -40.00 -0.38 1.98
CA VAL C 141 -39.24 0.20 0.87
C VAL C 141 -37.83 0.28 1.46
N SER C 142 -36.94 -0.54 0.95
CA SER C 142 -35.57 -0.59 1.44
C SER C 142 -34.63 0.35 0.68
N CYS C 143 -33.46 0.59 1.24
CA CYS C 143 -32.47 1.47 0.62
C CYS C 143 -32.97 2.92 0.52
N ALA C 144 -33.62 3.43 1.56
CA ALA C 144 -34.16 4.79 1.53
C ALA C 144 -33.12 5.83 1.91
N LEU C 145 -32.05 5.36 2.55
CA LEU C 145 -30.98 6.24 2.99
C LEU C 145 -29.69 5.82 2.32
N GLY C 146 -29.80 5.12 1.20
CA GLY C 146 -28.61 4.69 0.49
C GLY C 146 -28.69 3.25 0.02
N CYS C 147 -27.90 2.92 -1.00
CA CYS C 147 -27.88 1.57 -1.55
C CYS C 147 -26.45 1.03 -1.61
N PRO C 148 -26.28 -0.25 -1.24
CA PRO C 148 -24.94 -0.83 -1.28
C PRO C 148 -24.44 -0.98 -2.72
N TYR C 149 -25.30 -0.67 -3.68
CA TYR C 149 -24.93 -0.79 -5.10
C TYR C 149 -24.93 0.54 -5.83
N GLU C 150 -26.00 1.30 -5.69
CA GLU C 150 -26.08 2.60 -6.37
C GLU C 150 -25.45 3.72 -5.56
N GLY C 151 -25.21 3.47 -4.29
CA GLY C 151 -24.63 4.49 -3.44
C GLY C 151 -25.74 5.39 -2.93
N LYS C 152 -25.83 6.61 -3.45
CA LYS C 152 -26.86 7.53 -3.02
C LYS C 152 -28.21 7.28 -3.69
N ILE C 153 -29.27 7.46 -2.93
CA ILE C 153 -30.62 7.26 -3.44
C ILE C 153 -31.33 8.57 -3.25
N SER C 154 -31.83 9.12 -4.36
CA SER C 154 -32.50 10.41 -4.30
C SER C 154 -33.83 10.29 -3.55
N PRO C 155 -34.17 11.33 -2.77
CA PRO C 155 -35.40 11.38 -1.98
C PRO C 155 -36.62 11.28 -2.89
N ALA C 156 -36.57 12.00 -4.01
CA ALA C 156 -37.65 12.00 -4.98
C ALA C 156 -37.95 10.58 -5.44
N LYS C 157 -36.95 9.73 -5.45
CA LYS C 157 -37.14 8.34 -5.87
C LYS C 157 -37.70 7.50 -4.73
N VAL C 158 -37.40 7.89 -3.50
CA VAL C 158 -37.91 7.15 -2.36
C VAL C 158 -39.36 7.53 -2.15
N ALA C 159 -39.66 8.81 -2.29
CA ALA C 159 -41.03 9.30 -2.13
C ALA C 159 -41.92 8.63 -3.16
N GLU C 160 -41.39 8.56 -4.37
CA GLU C 160 -42.08 7.98 -5.52
C GLU C 160 -42.50 6.53 -5.36
N VAL C 161 -41.61 5.70 -4.82
CA VAL C 161 -41.94 4.29 -4.65
C VAL C 161 -42.90 4.12 -3.46
N THR C 162 -42.71 4.97 -2.46
CA THR C 162 -43.55 4.93 -1.28
C THR C 162 -44.96 5.26 -1.70
N LYS C 163 -45.05 6.20 -2.63
CA LYS C 163 -46.33 6.64 -3.16
C LYS C 163 -47.05 5.50 -3.87
N LYS C 164 -46.31 4.80 -4.74
CA LYS C 164 -46.91 3.70 -5.48
C LYS C 164 -47.46 2.64 -4.52
N PHE C 165 -46.69 2.22 -3.52
CA PHE C 165 -47.18 1.25 -2.55
C PHE C 165 -48.45 1.74 -1.87
N TYR C 166 -48.43 3.03 -1.53
CA TYR C 166 -49.55 3.62 -0.85
C TYR C 166 -50.80 3.65 -1.70
N SER C 167 -50.67 4.17 -2.92
CA SER C 167 -51.81 4.25 -3.83
C SER C 167 -52.28 2.85 -4.30
N MET C 168 -51.37 1.89 -4.22
CA MET C 168 -51.64 0.52 -4.65
C MET C 168 -52.36 -0.34 -3.61
N GLY C 169 -52.43 0.14 -2.37
CA GLY C 169 -53.10 -0.61 -1.32
C GLY C 169 -52.52 -0.48 0.08
N CYS C 170 -51.20 -0.55 0.20
CA CYS C 170 -50.54 -0.46 1.49
C CYS C 170 -51.08 0.65 2.37
N TYR C 171 -51.42 0.31 3.61
CA TYR C 171 -51.95 1.30 4.53
C TYR C 171 -50.83 1.98 5.30
N GLU C 172 -49.63 1.41 5.17
CA GLU C 172 -48.46 1.92 5.87
C GLU C 172 -47.19 1.46 5.18
N ILE C 173 -46.29 2.38 4.90
CA ILE C 173 -45.05 1.97 4.25
C ILE C 173 -43.84 2.19 5.19
N SER C 174 -43.01 1.18 5.31
CA SER C 174 -41.85 1.26 6.19
C SER C 174 -40.59 1.63 5.43
N LEU C 175 -40.11 2.85 5.65
CA LEU C 175 -38.93 3.33 4.96
C LEU C 175 -37.73 2.74 5.65
N GLY C 176 -37.08 1.79 4.99
CA GLY C 176 -35.93 1.15 5.61
C GLY C 176 -34.54 1.58 5.14
N ASP C 177 -33.65 1.78 6.10
CA ASP C 177 -32.28 2.11 5.80
C ASP C 177 -31.58 0.80 6.07
N THR C 178 -31.71 -0.07 5.07
CA THR C 178 -31.17 -1.42 5.07
C THR C 178 -29.76 -1.55 5.61
N ILE C 179 -28.83 -0.83 5.01
CA ILE C 179 -27.43 -0.87 5.41
C ILE C 179 -27.04 0.00 6.61
N GLY C 180 -27.96 0.85 7.07
CA GLY C 180 -27.68 1.71 8.21
C GLY C 180 -26.59 2.75 7.99
N VAL C 181 -26.45 3.21 6.76
CA VAL C 181 -25.42 4.20 6.39
C VAL C 181 -25.91 5.64 6.48
N GLY C 182 -27.21 5.84 6.65
CA GLY C 182 -27.73 7.19 6.71
C GLY C 182 -27.33 8.06 7.89
N THR C 183 -27.40 9.37 7.66
CA THR C 183 -27.11 10.36 8.69
C THR C 183 -28.35 11.24 8.75
N PRO C 184 -28.62 11.87 9.89
CA PRO C 184 -29.80 12.72 10.07
C PRO C 184 -30.14 13.71 8.95
N GLY C 185 -29.15 14.12 8.17
CA GLY C 185 -29.42 15.05 7.09
C GLY C 185 -30.10 14.34 5.92
N ILE C 186 -29.63 13.13 5.64
CA ILE C 186 -30.18 12.31 4.56
C ILE C 186 -31.58 11.87 4.96
N MET C 187 -31.71 11.41 6.20
CA MET C 187 -33.00 10.96 6.72
C MET C 187 -34.05 12.06 6.59
N LYS C 188 -33.63 13.30 6.86
CA LYS C 188 -34.52 14.44 6.80
C LYS C 188 -34.94 14.82 5.38
N ASP C 189 -34.03 14.73 4.41
CA ASP C 189 -34.41 15.08 3.04
C ASP C 189 -35.37 14.06 2.45
N MET C 190 -35.18 12.80 2.82
CA MET C 190 -36.02 11.72 2.31
C MET C 190 -37.42 11.78 2.93
N LEU C 191 -37.49 11.87 4.25
CA LEU C 191 -38.79 11.93 4.91
C LEU C 191 -39.56 13.11 4.39
N SER C 192 -38.86 14.22 4.14
CA SER C 192 -39.47 15.43 3.62
C SER C 192 -40.14 15.22 2.27
N ALA C 193 -39.43 14.58 1.34
CA ALA C 193 -39.98 14.31 0.00
C ALA C 193 -41.17 13.35 0.06
N VAL C 194 -41.04 12.29 0.85
CA VAL C 194 -42.11 11.30 1.00
C VAL C 194 -43.38 11.94 1.56
N MET C 195 -43.20 12.76 2.58
CA MET C 195 -44.32 13.46 3.23
C MET C 195 -45.11 14.32 2.27
N GLN C 196 -44.50 14.68 1.15
CA GLN C 196 -45.19 15.52 0.17
C GLN C 196 -46.27 14.67 -0.48
N GLU C 197 -45.99 13.39 -0.68
CA GLU C 197 -46.90 12.48 -1.36
C GLU C 197 -47.74 11.52 -0.52
N VAL C 198 -47.25 11.18 0.67
CA VAL C 198 -47.94 10.22 1.53
C VAL C 198 -48.20 10.76 2.93
N PRO C 199 -49.46 10.67 3.42
CA PRO C 199 -49.77 11.15 4.76
C PRO C 199 -48.78 10.60 5.79
N LEU C 200 -48.46 11.43 6.76
CA LEU C 200 -47.51 11.12 7.80
C LEU C 200 -47.81 9.86 8.60
N ALA C 201 -49.04 9.72 9.08
CA ALA C 201 -49.42 8.58 9.89
C ALA C 201 -49.14 7.24 9.23
N ALA C 202 -49.25 7.19 7.90
CA ALA C 202 -49.01 5.95 7.16
C ALA C 202 -47.53 5.71 6.89
N LEU C 203 -46.66 6.53 7.50
CA LEU C 203 -45.23 6.38 7.31
C LEU C 203 -44.51 5.82 8.51
N ALA C 204 -43.55 4.92 8.28
CA ALA C 204 -42.78 4.33 9.35
C ALA C 204 -41.30 4.37 9.00
N VAL C 205 -40.45 4.15 9.99
CA VAL C 205 -39.01 4.14 9.79
C VAL C 205 -38.41 2.85 10.36
N HIS C 206 -37.37 2.36 9.71
CA HIS C 206 -36.72 1.11 10.12
C HIS C 206 -35.22 1.30 9.85
N CYS C 207 -34.47 1.57 10.92
CA CYS C 207 -33.05 1.82 10.79
C CYS C 207 -32.14 0.74 11.37
N HIS C 208 -31.05 0.44 10.67
CA HIS C 208 -30.08 -0.53 11.15
C HIS C 208 -28.93 0.25 11.79
N ASP C 209 -28.40 -0.27 12.89
CA ASP C 209 -27.35 0.42 13.62
C ASP C 209 -25.94 0.13 13.15
N THR C 210 -25.80 -0.36 11.94
CA THR C 210 -24.49 -0.70 11.40
C THR C 210 -23.39 0.33 11.67
N TYR C 211 -23.74 1.60 11.57
CA TYR C 211 -22.77 2.66 11.78
C TYR C 211 -23.06 3.49 13.01
N GLY C 212 -23.91 2.98 13.89
CA GLY C 212 -24.24 3.70 15.10
C GLY C 212 -25.11 4.93 14.81
N GLN C 213 -25.92 4.84 13.77
CA GLN C 213 -26.76 5.96 13.40
C GLN C 213 -28.26 5.71 13.57
N ALA C 214 -28.64 4.47 13.88
CA ALA C 214 -30.05 4.11 14.01
C ALA C 214 -30.92 4.97 14.92
N LEU C 215 -30.52 5.10 16.17
CA LEU C 215 -31.34 5.88 17.11
C LEU C 215 -31.32 7.39 16.84
N ALA C 216 -30.23 7.88 16.24
CA ALA C 216 -30.12 9.28 15.92
C ALA C 216 -31.04 9.54 14.73
N ASN C 217 -30.92 8.72 13.68
CA ASN C 217 -31.78 8.86 12.51
C ASN C 217 -33.24 8.72 12.93
N THR C 218 -33.49 7.82 13.89
CA THR C 218 -34.84 7.64 14.37
C THR C 218 -35.37 8.90 15.04
N LEU C 219 -34.51 9.55 15.83
CA LEU C 219 -34.87 10.77 16.52
C LEU C 219 -35.24 11.81 15.47
N MET C 220 -34.40 11.93 14.46
CA MET C 220 -34.64 12.91 13.39
C MET C 220 -36.00 12.64 12.79
N ALA C 221 -36.31 11.36 12.60
CA ALA C 221 -37.60 11.00 12.03
C ALA C 221 -38.74 11.44 12.94
N LEU C 222 -38.56 11.26 14.24
CA LEU C 222 -39.59 11.64 15.22
C LEU C 222 -39.85 13.13 15.14
N GLN C 223 -38.78 13.91 15.11
CA GLN C 223 -38.88 15.36 15.02
C GLN C 223 -39.66 15.77 13.78
N MET C 224 -39.71 14.90 12.78
CA MET C 224 -40.42 15.16 11.54
C MET C 224 -41.91 14.78 11.66
N GLY C 225 -42.26 14.02 12.67
CA GLY C 225 -43.66 13.64 12.84
C GLY C 225 -43.99 12.17 12.62
N VAL C 226 -42.97 11.35 12.40
CA VAL C 226 -43.17 9.92 12.20
C VAL C 226 -43.50 9.32 13.57
N SER C 227 -44.62 8.58 13.66
CA SER C 227 -45.07 7.99 14.91
C SER C 227 -45.04 6.46 14.98
N VAL C 228 -44.34 5.83 14.05
CA VAL C 228 -44.20 4.38 14.07
C VAL C 228 -42.81 4.00 13.56
N VAL C 229 -42.06 3.29 14.40
CA VAL C 229 -40.69 2.87 14.05
C VAL C 229 -40.42 1.40 14.34
N ASP C 230 -39.65 0.76 13.45
CA ASP C 230 -39.29 -0.65 13.57
C ASP C 230 -38.02 -0.80 14.41
N SER C 231 -37.88 -1.98 15.02
CA SER C 231 -36.74 -2.29 15.86
C SER C 231 -36.76 -3.77 16.18
N SER C 232 -35.60 -4.32 16.52
CA SER C 232 -35.51 -5.74 16.84
C SER C 232 -35.34 -5.97 18.32
N VAL C 233 -35.93 -7.06 18.80
CA VAL C 233 -35.90 -7.46 20.20
C VAL C 233 -34.67 -7.06 21.00
N ALA C 234 -33.50 -7.58 20.63
CA ALA C 234 -32.30 -7.25 21.37
C ALA C 234 -31.14 -7.03 20.41
N GLY C 235 -31.41 -6.29 19.35
CA GLY C 235 -30.38 -6.05 18.35
C GLY C 235 -30.22 -7.31 17.53
N LEU C 236 -31.32 -8.04 17.34
CA LEU C 236 -31.28 -9.27 16.55
C LEU C 236 -31.20 -8.97 15.08
N GLY C 237 -30.44 -9.80 14.37
CA GLY C 237 -30.32 -9.65 12.93
C GLY C 237 -29.28 -8.66 12.44
N GLY C 238 -28.21 -9.17 11.83
CA GLY C 238 -27.20 -8.29 11.29
C GLY C 238 -27.59 -8.00 9.86
N CYS C 239 -26.67 -7.46 9.06
CA CYS C 239 -27.00 -7.18 7.67
C CYS C 239 -26.16 -8.04 6.73
N PRO C 240 -26.78 -8.55 5.65
CA PRO C 240 -26.08 -9.38 4.68
C PRO C 240 -25.05 -8.58 3.90
N TYR C 241 -25.51 -7.49 3.28
CA TYR C 241 -24.64 -6.61 2.49
C TYR C 241 -23.96 -5.60 3.41
N ALA C 242 -23.57 -6.04 4.60
CA ALA C 242 -22.90 -5.17 5.57
C ALA C 242 -21.94 -5.93 6.47
N GLN C 243 -20.65 -5.60 6.39
CA GLN C 243 -19.59 -6.25 7.19
C GLN C 243 -20.00 -6.57 8.63
N GLY C 244 -19.72 -7.81 9.04
CA GLY C 244 -20.03 -8.33 10.37
C GLY C 244 -20.22 -7.38 11.55
N ALA C 245 -21.01 -6.32 11.36
CA ALA C 245 -21.27 -5.35 12.42
C ALA C 245 -22.66 -5.55 12.97
N SER C 246 -23.45 -4.49 13.01
CA SER C 246 -24.81 -4.59 13.53
C SER C 246 -25.89 -4.72 12.48
N GLY C 247 -27.12 -4.82 12.97
CA GLY C 247 -28.27 -4.94 12.11
C GLY C 247 -29.36 -4.02 12.63
N ASN C 248 -30.54 -4.56 12.88
CA ASN C 248 -31.68 -3.78 13.37
C ASN C 248 -31.39 -3.05 14.68
N LEU C 249 -32.08 -1.93 14.88
CA LEU C 249 -31.96 -1.11 16.08
C LEU C 249 -32.57 -1.94 17.20
N ALA C 250 -31.94 -1.93 18.37
CA ALA C 250 -32.47 -2.71 19.49
C ALA C 250 -33.66 -1.99 20.13
N THR C 251 -34.76 -2.71 20.30
CA THR C 251 -36.00 -2.14 20.87
C THR C 251 -35.90 -1.62 22.32
N GLU C 252 -35.06 -2.23 23.15
CA GLU C 252 -34.92 -1.77 24.54
C GLU C 252 -34.24 -0.40 24.59
N ASP C 253 -33.26 -0.19 23.71
CA ASP C 253 -32.55 1.09 23.66
C ASP C 253 -33.48 2.18 23.12
N LEU C 254 -34.42 1.79 22.28
CA LEU C 254 -35.39 2.70 21.69
C LEU C 254 -36.57 3.08 22.60
N VAL C 255 -37.04 2.14 23.44
CA VAL C 255 -38.15 2.48 24.33
C VAL C 255 -37.52 3.33 25.41
N TYR C 256 -36.26 3.06 25.73
CA TYR C 256 -35.58 3.86 26.75
C TYR C 256 -35.60 5.33 26.34
N MET C 257 -35.20 5.62 25.10
CA MET C 257 -35.21 6.98 24.61
C MET C 257 -36.63 7.53 24.64
N LEU C 258 -37.58 6.77 24.12
CA LEU C 258 -38.97 7.19 24.09
C LEU C 258 -39.54 7.43 25.47
N GLU C 259 -39.31 6.50 26.39
CA GLU C 259 -39.82 6.67 27.76
C GLU C 259 -39.21 7.91 28.37
N GLY C 260 -37.89 8.02 28.33
CA GLY C 260 -37.24 9.19 28.89
C GLY C 260 -37.66 10.45 28.14
N LEU C 261 -38.14 10.25 26.93
CA LEU C 261 -38.59 11.34 26.07
C LEU C 261 -39.99 11.80 26.44
N GLY C 262 -40.70 10.99 27.21
CA GLY C 262 -42.04 11.34 27.62
C GLY C 262 -43.08 10.87 26.63
N ILE C 263 -42.68 10.01 25.72
CA ILE C 263 -43.59 9.51 24.69
C ILE C 263 -44.19 8.14 25.03
N HIS C 264 -45.49 8.03 24.91
CA HIS C 264 -46.17 6.78 25.20
C HIS C 264 -45.71 5.67 24.24
N THR C 265 -45.70 4.44 24.74
CA THR C 265 -45.30 3.29 23.95
C THR C 265 -46.17 2.09 24.31
N GLY C 266 -46.57 2.01 25.57
CA GLY C 266 -47.39 0.91 26.04
C GLY C 266 -46.56 -0.34 26.24
N VAL C 267 -45.24 -0.17 26.25
CA VAL C 267 -44.32 -1.28 26.42
C VAL C 267 -43.73 -1.34 27.83
N ASN C 268 -43.73 -2.53 28.40
CA ASN C 268 -43.20 -2.80 29.73
C ASN C 268 -41.73 -3.20 29.52
N LEU C 269 -40.82 -2.29 29.82
CA LEU C 269 -39.39 -2.53 29.61
C LEU C 269 -38.79 -3.77 30.27
N GLN C 270 -39.24 -4.09 31.48
CA GLN C 270 -38.72 -5.26 32.16
C GLN C 270 -39.08 -6.51 31.39
N LYS C 271 -40.36 -6.65 31.07
CA LYS C 271 -40.83 -7.80 30.30
C LYS C 271 -40.00 -7.93 29.03
N LEU C 272 -39.83 -6.81 28.32
CA LEU C 272 -39.05 -6.77 27.08
C LEU C 272 -37.61 -7.21 27.32
N LEU C 273 -36.96 -6.62 28.33
CA LEU C 273 -35.58 -6.97 28.65
C LEU C 273 -35.44 -8.47 28.91
N GLU C 274 -36.49 -9.07 29.49
CA GLU C 274 -36.50 -10.49 29.78
C GLU C 274 -36.58 -11.20 28.44
N ALA C 275 -37.66 -10.93 27.71
CA ALA C 275 -37.86 -11.53 26.40
C ALA C 275 -36.58 -11.42 25.58
N GLY C 276 -35.86 -10.33 25.75
CA GLY C 276 -34.64 -10.13 25.01
C GLY C 276 -33.61 -11.20 25.33
N ASN C 277 -33.39 -11.41 26.63
CA ASN C 277 -32.42 -12.39 27.07
C ASN C 277 -32.84 -13.82 26.70
N PHE C 278 -34.13 -14.13 26.80
CA PHE C 278 -34.64 -15.46 26.47
C PHE C 278 -34.17 -15.90 25.08
N ILE C 279 -34.44 -15.08 24.08
CA ILE C 279 -34.06 -15.36 22.71
C ILE C 279 -32.54 -15.38 22.53
N CYS C 280 -31.82 -14.54 23.29
CA CYS C 280 -30.36 -14.49 23.17
C CYS C 280 -29.74 -15.79 23.60
N GLN C 281 -30.18 -16.28 24.76
CA GLN C 281 -29.67 -17.53 25.29
C GLN C 281 -29.98 -18.66 24.33
N ALA C 282 -31.28 -18.80 24.02
CA ALA C 282 -31.77 -19.83 23.11
C ALA C 282 -30.90 -19.88 21.86
N LEU C 283 -30.68 -18.69 21.30
CA LEU C 283 -29.88 -18.50 20.10
C LEU C 283 -28.38 -18.59 20.39
N ASN C 284 -28.01 -18.55 21.67
CA ASN C 284 -26.60 -18.60 22.08
C ASN C 284 -25.84 -17.40 21.52
N ARG C 285 -26.20 -16.21 22.00
CA ARG C 285 -25.56 -14.97 21.56
C ARG C 285 -25.73 -13.88 22.61
N LYS C 286 -25.05 -12.77 22.41
CA LYS C 286 -25.11 -11.65 23.35
C LYS C 286 -26.11 -10.60 22.87
N THR C 287 -26.90 -10.07 23.79
CA THR C 287 -27.85 -9.03 23.43
C THR C 287 -27.05 -7.81 22.95
N SER C 288 -27.58 -7.12 21.95
CA SER C 288 -26.91 -5.94 21.41
C SER C 288 -27.39 -4.68 22.12
N SER C 289 -28.57 -4.74 22.69
CA SER C 289 -29.14 -3.61 23.42
C SER C 289 -28.16 -3.08 24.48
N LYS C 290 -27.64 -1.87 24.27
CA LYS C 290 -26.72 -1.24 25.20
C LYS C 290 -27.36 -1.20 26.58
N VAL C 291 -28.65 -0.88 26.60
CA VAL C 291 -29.40 -0.78 27.85
C VAL C 291 -29.28 -2.07 28.66
N ALA C 292 -29.69 -3.18 28.07
CA ALA C 292 -29.62 -4.48 28.73
C ALA C 292 -28.22 -4.71 29.34
N GLN C 293 -27.20 -4.23 28.64
CA GLN C 293 -25.82 -4.38 29.12
C GLN C 293 -25.64 -3.61 30.42
N ALA C 294 -26.17 -2.40 30.45
CA ALA C 294 -26.05 -1.56 31.63
C ALA C 294 -27.11 -1.89 32.68
N THR C 295 -28.23 -2.48 32.25
CA THR C 295 -29.31 -2.85 33.17
C THR C 295 -29.02 -4.22 33.80
N CYS C 296 -28.72 -5.21 32.95
CA CYS C 296 -28.43 -6.56 33.41
C CYS C 296 -26.97 -6.94 33.17
N THR D 1 -30.03 26.76 13.79
CA THR D 1 -29.74 25.53 13.01
C THR D 1 -28.46 24.80 13.49
N LEU D 2 -27.85 24.03 12.60
CA LEU D 2 -26.64 23.28 12.93
C LEU D 2 -25.37 24.08 12.63
N PRO D 3 -24.32 23.87 13.42
CA PRO D 3 -23.04 24.57 13.23
C PRO D 3 -22.29 24.05 12.02
N LYS D 4 -21.60 24.95 11.32
CA LYS D 4 -20.83 24.60 10.13
C LYS D 4 -19.60 23.79 10.52
N ARG D 5 -18.87 24.27 11.51
CA ARG D 5 -17.66 23.58 11.98
C ARG D 5 -17.86 23.13 13.43
N VAL D 6 -17.40 21.91 13.74
CA VAL D 6 -17.53 21.35 15.08
C VAL D 6 -16.17 20.87 15.56
N LYS D 7 -15.76 21.32 16.74
CA LYS D 7 -14.48 20.94 17.30
C LYS D 7 -14.63 19.66 18.13
N ILE D 8 -14.03 18.57 17.66
CA ILE D 8 -14.09 17.32 18.40
C ILE D 8 -12.94 17.30 19.41
N VAL D 9 -13.22 16.86 20.62
CA VAL D 9 -12.20 16.79 21.66
C VAL D 9 -11.99 15.34 22.05
N GLU D 10 -10.92 14.74 21.53
CA GLU D 10 -10.59 13.35 21.79
C GLU D 10 -10.15 13.11 23.23
N VAL D 11 -10.93 12.34 23.97
CA VAL D 11 -10.62 12.02 25.36
C VAL D 11 -10.34 10.54 25.51
N GLY D 12 -9.90 9.91 24.43
CA GLY D 12 -9.60 8.49 24.46
C GLY D 12 -8.49 8.19 25.45
N PRO D 13 -7.27 8.71 25.19
CA PRO D 13 -6.11 8.50 26.06
C PRO D 13 -6.30 8.81 27.55
N ARG D 14 -7.24 9.68 27.90
CA ARG D 14 -7.47 10.00 29.31
C ARG D 14 -8.72 9.26 29.82
N ASP D 15 -9.90 9.80 29.51
CA ASP D 15 -11.18 9.25 29.94
C ASP D 15 -11.40 7.79 29.55
N GLY D 16 -10.96 7.40 28.35
CA GLY D 16 -11.14 6.03 27.90
C GLY D 16 -10.18 5.01 28.48
N LEU D 17 -8.88 5.32 28.46
CA LEU D 17 -7.85 4.43 28.98
C LEU D 17 -7.98 4.34 30.50
N GLN D 18 -8.22 5.49 31.12
CA GLN D 18 -8.39 5.55 32.56
C GLN D 18 -9.52 4.60 32.95
N ASN D 19 -10.60 4.64 32.17
CA ASN D 19 -11.75 3.80 32.45
C ASN D 19 -11.72 2.46 31.73
N GLU D 20 -10.50 1.97 31.52
CA GLU D 20 -10.29 0.67 30.87
C GLU D 20 -9.45 -0.15 31.84
N LYS D 21 -9.78 -1.43 32.01
CA LYS D 21 -9.03 -2.26 32.95
C LYS D 21 -7.65 -2.63 32.42
N ASN D 22 -7.61 -3.38 31.32
CA ASN D 22 -6.32 -3.76 30.73
C ASN D 22 -5.49 -2.50 30.70
N ILE D 23 -4.43 -2.46 31.50
CA ILE D 23 -3.56 -1.30 31.53
C ILE D 23 -2.47 -1.44 30.47
N VAL D 24 -2.23 -0.34 29.74
CA VAL D 24 -1.21 -0.35 28.70
C VAL D 24 0.02 0.45 29.12
N SER D 25 1.15 0.11 28.50
CA SER D 25 2.43 0.74 28.78
C SER D 25 2.55 2.16 28.29
N THR D 26 3.37 2.93 29.00
CA THR D 26 3.62 4.33 28.66
C THR D 26 3.90 4.56 27.18
N PRO D 27 4.78 3.72 26.59
CA PRO D 27 5.07 3.92 25.16
C PRO D 27 3.84 3.73 24.29
N VAL D 28 2.94 2.84 24.71
CA VAL D 28 1.74 2.60 23.93
C VAL D 28 0.85 3.85 23.88
N LYS D 29 0.85 4.61 24.97
CA LYS D 29 0.05 5.83 25.01
C LYS D 29 0.65 6.88 24.08
N ILE D 30 1.95 7.05 24.16
CA ILE D 30 2.61 8.06 23.33
C ILE D 30 2.45 7.80 21.83
N LYS D 31 2.30 6.55 21.43
CA LYS D 31 2.13 6.27 20.00
C LYS D 31 0.74 6.72 19.60
N LEU D 32 -0.24 6.24 20.37
CA LEU D 32 -1.64 6.57 20.14
C LEU D 32 -1.86 8.06 19.93
N ILE D 33 -1.59 8.85 20.97
CA ILE D 33 -1.74 10.32 20.91
C ILE D 33 -1.13 10.90 19.65
N ASP D 34 -0.01 10.34 19.23
CA ASP D 34 0.63 10.82 18.01
C ASP D 34 -0.23 10.37 16.84
N MET D 35 -0.62 9.10 16.83
CA MET D 35 -1.46 8.62 15.75
C MET D 35 -2.72 9.48 15.69
N LEU D 36 -3.17 9.92 16.86
CA LEU D 36 -4.36 10.76 16.93
C LEU D 36 -4.06 12.17 16.42
N SER D 37 -2.79 12.55 16.42
CA SER D 37 -2.43 13.87 15.93
C SER D 37 -2.38 13.86 14.39
N GLU D 38 -2.03 12.72 13.81
CA GLU D 38 -1.99 12.60 12.35
C GLU D 38 -3.41 12.48 11.82
N ALA D 39 -4.30 11.96 12.66
CA ALA D 39 -5.70 11.80 12.30
C ALA D 39 -6.31 13.18 12.13
N GLY D 40 -5.64 14.19 12.67
CA GLY D 40 -6.13 15.54 12.52
C GLY D 40 -6.93 16.15 13.66
N LEU D 41 -6.94 15.50 14.83
CA LEU D 41 -7.68 16.06 15.96
C LEU D 41 -7.03 17.39 16.35
N SER D 42 -7.85 18.37 16.73
CA SER D 42 -7.33 19.68 17.13
C SER D 42 -7.13 19.82 18.64
N VAL D 43 -7.63 18.86 19.40
CA VAL D 43 -7.48 18.89 20.85
C VAL D 43 -7.58 17.47 21.40
N ILE D 44 -6.51 17.03 22.05
CA ILE D 44 -6.49 15.70 22.60
C ILE D 44 -6.24 15.71 24.11
N GLU D 45 -7.11 15.03 24.86
CA GLU D 45 -6.94 14.96 26.31
C GLU D 45 -5.81 13.99 26.54
N THR D 46 -4.65 14.56 26.87
CA THR D 46 -3.44 13.77 27.09
C THR D 46 -3.39 12.87 28.34
N THR D 47 -3.39 13.46 29.53
CA THR D 47 -3.32 12.64 30.73
C THR D 47 -3.87 13.32 32.00
N SER D 48 -4.01 12.54 33.06
CA SER D 48 -4.52 13.02 34.33
C SER D 48 -3.43 13.11 35.39
N PHE D 49 -3.12 14.32 35.83
CA PHE D 49 -2.12 14.53 36.86
C PHE D 49 -2.81 14.30 38.21
N VAL D 50 -3.19 13.05 38.45
CA VAL D 50 -3.87 12.66 39.67
C VAL D 50 -3.08 11.57 40.41
N SER D 51 -3.32 11.47 41.72
CA SER D 51 -2.67 10.48 42.57
C SER D 51 -2.49 9.14 41.85
N PRO D 52 -1.24 8.67 41.72
CA PRO D 52 -0.89 7.41 41.06
C PRO D 52 -1.43 6.17 41.78
N LYS D 53 -2.14 6.39 42.88
CA LYS D 53 -2.73 5.29 43.64
C LYS D 53 -4.25 5.44 43.62
N TRP D 54 -4.73 6.67 43.74
CA TRP D 54 -6.17 6.93 43.70
C TRP D 54 -6.65 6.39 42.34
N VAL D 55 -5.87 6.72 41.31
CA VAL D 55 -6.14 6.30 39.94
C VAL D 55 -4.78 6.00 39.32
N PRO D 56 -4.48 4.72 39.06
CA PRO D 56 -3.20 4.29 38.48
C PRO D 56 -2.97 4.48 36.98
N GLN D 57 -3.95 4.14 36.15
CA GLN D 57 -3.80 4.25 34.71
C GLN D 57 -3.15 5.56 34.27
N MET D 58 -3.44 6.64 35.00
CA MET D 58 -2.88 7.95 34.68
C MET D 58 -1.73 8.28 35.63
N GLY D 59 -0.96 7.26 36.00
CA GLY D 59 0.14 7.48 36.91
C GLY D 59 1.44 7.84 36.22
N ASP D 60 1.42 7.84 34.90
CA ASP D 60 2.61 8.15 34.09
C ASP D 60 2.43 9.47 33.35
N HIS D 61 1.50 10.27 33.82
CA HIS D 61 1.19 11.56 33.22
C HIS D 61 2.37 12.41 32.74
N THR D 62 3.43 12.49 33.54
CA THR D 62 4.58 13.31 33.17
C THR D 62 5.35 12.81 31.94
N GLU D 63 5.80 11.57 31.98
CA GLU D 63 6.53 11.03 30.86
C GLU D 63 5.64 10.91 29.63
N VAL D 64 4.33 10.94 29.86
CA VAL D 64 3.36 10.84 28.77
C VAL D 64 3.16 12.21 28.14
N LEU D 65 3.05 13.24 28.97
CA LEU D 65 2.86 14.60 28.46
C LEU D 65 4.14 15.08 27.78
N LYS D 66 5.27 14.74 28.39
CA LYS D 66 6.57 15.14 27.88
C LYS D 66 6.94 14.35 26.63
N GLY D 67 6.68 13.04 26.67
CA GLY D 67 7.01 12.16 25.57
C GLY D 67 6.22 12.28 24.27
N ILE D 68 5.17 13.10 24.23
CA ILE D 68 4.39 13.20 23.00
C ILE D 68 4.81 14.28 22.04
N GLN D 69 4.65 14.00 20.74
CA GLN D 69 5.00 14.94 19.68
C GLN D 69 4.03 16.11 19.72
N LYS D 70 4.53 17.25 20.19
CA LYS D 70 3.71 18.44 20.29
C LYS D 70 3.43 19.03 18.91
N PHE D 71 2.40 18.52 18.26
CA PHE D 71 2.01 19.00 16.92
C PHE D 71 1.52 20.43 16.95
N PRO D 72 1.89 21.22 15.93
CA PRO D 72 1.48 22.62 15.83
C PRO D 72 -0.03 22.75 15.70
N GLY D 73 -0.58 23.81 16.29
CA GLY D 73 -2.02 24.04 16.23
C GLY D 73 -2.88 22.95 16.87
N ILE D 74 -2.25 22.07 17.64
CA ILE D 74 -2.99 20.99 18.29
C ILE D 74 -2.81 21.01 19.81
N ASN D 75 -3.89 21.29 20.54
CA ASN D 75 -3.83 21.34 22.00
C ASN D 75 -3.90 19.97 22.64
N TYR D 76 -3.09 19.79 23.69
CA TYR D 76 -3.04 18.54 24.43
C TYR D 76 -3.31 18.86 25.90
N PRO D 77 -4.56 19.22 26.23
CA PRO D 77 -4.93 19.54 27.61
C PRO D 77 -4.70 18.39 28.57
N VAL D 78 -4.67 18.71 29.85
CA VAL D 78 -4.46 17.70 30.89
C VAL D 78 -5.30 18.06 32.12
N LEU D 79 -5.77 17.03 32.84
CA LEU D 79 -6.60 17.23 34.02
C LEU D 79 -5.74 17.47 35.24
N THR D 80 -6.01 18.58 35.92
CA THR D 80 -5.28 18.96 37.10
C THR D 80 -6.25 19.08 38.28
N PRO D 81 -6.40 18.01 39.07
CA PRO D 81 -7.32 18.03 40.22
C PRO D 81 -7.01 19.13 41.24
N ASN D 82 -5.76 19.25 41.64
CA ASN D 82 -5.36 20.25 42.62
C ASN D 82 -4.08 20.94 42.19
N LEU D 83 -3.75 22.05 42.86
CA LEU D 83 -2.55 22.81 42.54
C LEU D 83 -1.32 21.93 42.36
N LYS D 84 -1.09 20.99 43.29
CA LYS D 84 0.06 20.10 43.17
C LYS D 84 0.08 19.49 41.77
N GLY D 85 -1.02 18.82 41.40
CA GLY D 85 -1.14 18.21 40.09
C GLY D 85 -0.98 19.23 38.98
N PHE D 86 -1.38 20.47 39.25
CA PHE D 86 -1.26 21.54 38.27
C PHE D 86 0.22 21.85 38.06
N GLU D 87 0.94 22.05 39.16
CA GLU D 87 2.37 22.34 39.12
C GLU D 87 3.10 21.26 38.32
N ALA D 88 2.76 20.00 38.62
CA ALA D 88 3.36 18.87 37.93
C ALA D 88 3.14 19.06 36.42
N ALA D 89 1.90 19.36 36.05
CA ALA D 89 1.52 19.57 34.65
C ALA D 89 2.32 20.70 34.00
N VAL D 90 2.48 21.81 34.71
CA VAL D 90 3.23 22.93 34.18
C VAL D 90 4.69 22.51 34.05
N ALA D 91 5.07 21.49 34.81
CA ALA D 91 6.43 20.97 34.82
C ALA D 91 6.74 20.19 33.54
N ALA D 92 5.70 19.63 32.93
CA ALA D 92 5.83 18.87 31.71
C ALA D 92 5.47 19.75 30.50
N GLY D 93 5.32 21.04 30.73
CA GLY D 93 4.98 21.96 29.66
C GLY D 93 3.55 21.88 29.18
N ALA D 94 2.61 21.91 30.11
CA ALA D 94 1.19 21.87 29.77
C ALA D 94 0.75 23.31 29.55
N LYS D 95 0.11 23.58 28.41
CA LYS D 95 -0.38 24.91 28.09
C LYS D 95 -1.84 25.10 28.47
N GLU D 96 -2.52 23.98 28.72
CA GLU D 96 -3.93 24.00 29.09
C GLU D 96 -4.23 22.94 30.16
N VAL D 97 -4.95 23.35 31.21
CA VAL D 97 -5.30 22.42 32.27
C VAL D 97 -6.82 22.33 32.34
N VAL D 98 -7.33 21.24 32.91
CA VAL D 98 -8.76 21.04 33.00
C VAL D 98 -9.19 20.61 34.40
N ILE D 99 -9.94 21.46 35.07
CA ILE D 99 -10.45 21.14 36.40
C ILE D 99 -11.72 20.33 36.18
N PHE D 100 -12.27 19.76 37.24
CA PHE D 100 -13.50 18.98 37.07
C PHE D 100 -14.40 18.82 38.29
N GLY D 101 -15.54 19.50 38.22
CA GLY D 101 -16.52 19.46 39.30
C GLY D 101 -17.81 18.85 38.77
N ALA D 102 -18.87 18.90 39.57
CA ALA D 102 -20.15 18.33 39.18
C ALA D 102 -21.30 19.17 39.74
N ALA D 103 -22.52 18.84 39.35
CA ALA D 103 -23.69 19.57 39.85
C ALA D 103 -24.39 18.72 40.91
N SER D 104 -23.74 17.63 41.30
CA SER D 104 -24.27 16.73 42.32
C SER D 104 -23.37 16.75 43.55
N GLU D 105 -23.93 17.19 44.67
CA GLU D 105 -23.20 17.29 45.95
C GLU D 105 -22.95 15.91 46.54
N LEU D 106 -23.90 15.00 46.36
CA LEU D 106 -23.74 13.64 46.86
C LEU D 106 -22.66 12.95 46.03
N PHE D 107 -22.51 13.39 44.79
CA PHE D 107 -21.51 12.82 43.89
C PHE D 107 -20.12 13.38 44.16
N THR D 108 -20.01 14.71 44.23
CA THR D 108 -18.72 15.33 44.50
C THR D 108 -18.10 14.67 45.73
N LYS D 109 -18.75 14.81 46.88
CA LYS D 109 -18.27 14.23 48.14
C LYS D 109 -17.65 12.84 48.02
N LYS D 110 -18.26 11.97 47.20
CA LYS D 110 -17.73 10.62 47.02
C LYS D 110 -16.34 10.64 46.39
N ASN D 111 -16.30 10.77 45.05
CA ASN D 111 -15.05 10.81 44.31
C ASN D 111 -14.03 11.74 45.00
N ILE D 112 -14.14 13.04 44.73
CA ILE D 112 -13.24 14.01 45.33
C ILE D 112 -13.87 14.57 46.62
N ASN D 113 -13.71 13.80 47.70
CA ASN D 113 -14.24 14.15 49.01
C ASN D 113 -14.00 15.63 49.35
N CYS D 114 -15.10 16.33 49.62
CA CYS D 114 -15.11 17.75 49.99
C CYS D 114 -16.48 18.32 49.61
N SER D 115 -16.83 19.44 50.25
CA SER D 115 -18.11 20.12 50.00
C SER D 115 -18.24 20.51 48.52
N ILE D 116 -19.41 21.02 48.14
CA ILE D 116 -19.62 21.42 46.74
C ILE D 116 -18.86 22.71 46.42
N GLU D 117 -19.10 23.77 47.19
CA GLU D 117 -18.39 25.04 46.99
C GLU D 117 -16.94 24.89 47.51
N GLU D 118 -16.66 23.81 48.23
CA GLU D 118 -15.32 23.61 48.77
C GLU D 118 -14.37 22.95 47.75
N SER D 119 -14.90 22.79 46.54
CA SER D 119 -14.15 22.22 45.42
C SER D 119 -13.79 23.45 44.59
N PHE D 120 -14.69 24.45 44.61
CA PHE D 120 -14.48 25.70 43.88
C PHE D 120 -13.37 26.49 44.57
N GLN D 121 -13.12 26.15 45.82
CA GLN D 121 -12.07 26.81 46.58
C GLN D 121 -10.75 26.32 45.99
N ARG D 122 -10.64 24.99 45.91
CA ARG D 122 -9.47 24.32 45.36
C ARG D 122 -9.31 24.64 43.87
N PHE D 123 -10.41 25.09 43.26
CA PHE D 123 -10.42 25.44 41.83
C PHE D 123 -9.94 26.88 41.64
N ASP D 124 -10.31 27.76 42.55
CA ASP D 124 -9.90 29.16 42.44
C ASP D 124 -8.39 29.25 42.53
N ALA D 125 -7.79 28.38 43.33
CA ALA D 125 -6.35 28.33 43.51
C ALA D 125 -5.71 27.94 42.17
N ILE D 126 -6.19 26.83 41.60
CA ILE D 126 -5.70 26.34 40.34
C ILE D 126 -6.03 27.38 39.27
N LEU D 127 -7.26 27.87 39.32
CA LEU D 127 -7.71 28.88 38.36
C LEU D 127 -7.01 30.21 38.56
N LYS D 128 -6.30 30.35 39.68
CA LYS D 128 -5.59 31.58 40.01
C LYS D 128 -4.13 31.41 39.58
N ALA D 129 -3.61 30.21 39.77
CA ALA D 129 -2.24 29.91 39.40
C ALA D 129 -2.11 29.89 37.89
N ALA D 130 -3.05 29.18 37.25
CA ALA D 130 -3.06 29.07 35.80
C ALA D 130 -3.13 30.44 35.15
N GLN D 131 -3.81 31.38 35.82
CA GLN D 131 -3.94 32.72 35.27
C GLN D 131 -2.63 33.49 35.35
N SER D 132 -1.79 33.12 36.30
CA SER D 132 -0.49 33.78 36.47
C SER D 132 0.50 33.21 35.46
N ALA D 133 0.21 32.00 34.99
CA ALA D 133 1.05 31.32 34.02
C ALA D 133 0.46 31.45 32.62
N ASN D 134 -0.63 32.20 32.50
CA ASN D 134 -1.29 32.42 31.22
C ASN D 134 -1.68 31.06 30.58
N ILE D 135 -2.11 30.13 31.43
CA ILE D 135 -2.53 28.80 30.99
C ILE D 135 -4.07 28.70 30.96
N SER D 136 -4.60 28.33 29.80
CA SER D 136 -6.05 28.18 29.60
C SER D 136 -6.65 27.11 30.51
N VAL D 137 -7.92 27.27 30.86
CA VAL D 137 -8.57 26.30 31.73
C VAL D 137 -9.94 25.89 31.24
N ARG D 138 -10.07 24.60 30.96
CA ARG D 138 -11.33 24.01 30.52
C ARG D 138 -11.94 23.48 31.81
N GLY D 139 -13.27 23.37 31.86
CA GLY D 139 -13.92 22.87 33.07
C GLY D 139 -15.01 21.86 32.81
N TYR D 140 -14.98 20.76 33.56
CA TYR D 140 -15.95 19.67 33.44
C TYR D 140 -17.10 19.78 34.44
N VAL D 141 -18.32 19.53 33.99
CA VAL D 141 -19.49 19.55 34.88
C VAL D 141 -20.18 18.18 34.77
N SER D 142 -19.93 17.31 35.73
CA SER D 142 -20.51 15.97 35.74
C SER D 142 -21.95 15.88 36.19
N CYS D 143 -22.60 14.76 35.81
CA CYS D 143 -23.99 14.48 36.15
C CYS D 143 -24.89 15.57 35.64
N ALA D 144 -24.55 16.11 34.48
CA ALA D 144 -25.33 17.19 33.89
C ALA D 144 -26.65 16.69 33.35
N LEU D 145 -26.89 15.39 33.48
CA LEU D 145 -28.12 14.80 32.99
C LEU D 145 -28.67 13.73 33.95
N GLY D 146 -28.23 13.77 35.20
CA GLY D 146 -28.69 12.79 36.18
C GLY D 146 -27.54 12.15 36.92
N CYS D 147 -27.66 12.09 38.25
CA CYS D 147 -26.62 11.49 39.08
C CYS D 147 -27.02 10.13 39.61
N PRO D 148 -26.06 9.21 39.73
CA PRO D 148 -26.33 7.87 40.23
C PRO D 148 -26.46 7.83 41.76
N TYR D 149 -26.39 9.00 42.40
CA TYR D 149 -26.51 9.09 43.85
C TYR D 149 -27.69 10.00 44.21
N GLU D 150 -27.91 11.03 43.40
CA GLU D 150 -29.01 11.95 43.62
C GLU D 150 -30.15 11.65 42.67
N GLY D 151 -29.82 11.07 41.52
CA GLY D 151 -30.82 10.76 40.53
C GLY D 151 -30.97 11.93 39.57
N LYS D 152 -32.13 12.56 39.58
CA LYS D 152 -32.37 13.68 38.69
C LYS D 152 -31.65 14.96 39.12
N ILE D 153 -31.06 15.65 38.14
CA ILE D 153 -30.34 16.89 38.38
C ILE D 153 -31.07 17.99 37.62
N SER D 154 -31.46 19.05 38.34
CA SER D 154 -32.19 20.16 37.75
C SER D 154 -31.40 21.00 36.73
N PRO D 155 -32.07 21.46 35.65
CA PRO D 155 -31.44 22.27 34.62
C PRO D 155 -30.95 23.60 35.19
N ALA D 156 -31.34 23.87 36.42
CA ALA D 156 -30.95 25.11 37.07
C ALA D 156 -29.65 24.94 37.83
N LYS D 157 -29.49 23.79 38.47
CA LYS D 157 -28.29 23.53 39.24
C LYS D 157 -27.08 23.34 38.33
N VAL D 158 -27.33 22.93 37.10
CA VAL D 158 -26.24 22.74 36.15
C VAL D 158 -25.82 24.14 35.67
N ALA D 159 -26.79 25.01 35.43
CA ALA D 159 -26.51 26.37 34.97
C ALA D 159 -25.70 27.12 36.01
N GLU D 160 -26.06 26.93 37.28
CA GLU D 160 -25.38 27.58 38.39
C GLU D 160 -23.88 27.27 38.42
N VAL D 161 -23.57 26.01 38.69
CA VAL D 161 -22.18 25.56 38.77
C VAL D 161 -21.41 25.81 37.47
N THR D 162 -22.16 25.95 36.37
CA THR D 162 -21.58 26.19 35.07
C THR D 162 -21.23 27.66 34.89
N LYS D 163 -22.09 28.54 35.37
CA LYS D 163 -21.83 29.97 35.25
C LYS D 163 -20.76 30.36 36.24
N LYS D 164 -20.66 29.59 37.33
CA LYS D 164 -19.66 29.88 38.35
C LYS D 164 -18.30 29.53 37.78
N PHE D 165 -18.26 28.40 37.07
CA PHE D 165 -17.04 27.93 36.43
C PHE D 165 -16.62 28.91 35.35
N TYR D 166 -17.61 29.47 34.66
CA TYR D 166 -17.36 30.41 33.61
C TYR D 166 -16.78 31.68 34.20
N SER D 167 -17.55 32.34 35.05
CA SER D 167 -17.10 33.58 35.68
C SER D 167 -15.80 33.40 36.47
N MET D 168 -15.49 32.17 36.84
CA MET D 168 -14.29 31.88 37.61
C MET D 168 -13.00 31.90 36.78
N GLY D 169 -13.14 31.89 35.45
CA GLY D 169 -11.97 31.93 34.59
C GLY D 169 -11.95 30.93 33.44
N CYS D 170 -12.56 29.77 33.61
CA CYS D 170 -12.60 28.77 32.54
C CYS D 170 -13.13 29.38 31.25
N TYR D 171 -12.57 28.97 30.12
CA TYR D 171 -13.00 29.50 28.83
C TYR D 171 -13.99 28.56 28.16
N GLU D 172 -13.97 27.31 28.58
CA GLU D 172 -14.84 26.30 27.99
C GLU D 172 -15.31 25.34 29.06
N ILE D 173 -16.60 25.04 29.05
CA ILE D 173 -17.16 24.11 30.02
C ILE D 173 -17.81 22.94 29.29
N SER D 174 -17.42 21.74 29.69
CA SER D 174 -17.94 20.54 29.10
C SER D 174 -18.97 19.90 30.05
N LEU D 175 -20.24 20.02 29.67
CA LEU D 175 -21.35 19.48 30.44
C LEU D 175 -21.45 17.99 30.13
N GLY D 176 -21.06 17.15 31.07
CA GLY D 176 -21.07 15.73 30.81
C GLY D 176 -22.17 14.87 31.42
N ASP D 177 -22.54 13.83 30.68
CA ASP D 177 -23.55 12.87 31.10
C ASP D 177 -22.76 11.62 31.47
N THR D 178 -21.92 11.77 32.49
CA THR D 178 -21.06 10.72 33.00
C THR D 178 -21.64 9.31 32.87
N ILE D 179 -22.90 9.14 33.29
CA ILE D 179 -23.56 7.84 33.28
C ILE D 179 -24.47 7.56 32.09
N GLY D 180 -24.47 8.45 31.11
CA GLY D 180 -25.26 8.28 29.91
C GLY D 180 -26.70 7.85 30.14
N VAL D 181 -27.32 8.35 31.20
CA VAL D 181 -28.70 8.00 31.52
C VAL D 181 -29.68 8.93 30.80
N GLY D 182 -29.27 10.17 30.57
CA GLY D 182 -30.14 11.12 29.92
C GLY D 182 -30.62 10.77 28.53
N THR D 183 -31.65 11.49 28.09
CA THR D 183 -32.24 11.30 26.78
C THR D 183 -32.36 12.69 26.14
N PRO D 184 -32.53 12.75 24.81
CA PRO D 184 -32.64 14.02 24.08
C PRO D 184 -33.40 15.17 24.75
N GLY D 185 -34.58 14.89 25.30
CA GLY D 185 -35.36 15.93 25.96
C GLY D 185 -34.65 16.55 27.15
N ILE D 186 -34.09 15.70 28.01
CA ILE D 186 -33.37 16.17 29.17
C ILE D 186 -32.27 17.13 28.68
N MET D 187 -31.55 16.71 27.65
CA MET D 187 -30.46 17.50 27.08
C MET D 187 -30.91 18.90 26.65
N LYS D 188 -32.03 18.95 25.95
CA LYS D 188 -32.55 20.23 25.48
C LYS D 188 -32.87 21.17 26.63
N ASP D 189 -33.35 20.60 27.74
CA ASP D 189 -33.70 21.42 28.89
C ASP D 189 -32.47 21.90 29.64
N MET D 190 -31.51 21.01 29.83
CA MET D 190 -30.27 21.37 30.53
C MET D 190 -29.55 22.48 29.74
N LEU D 191 -29.31 22.23 28.46
CA LEU D 191 -28.63 23.19 27.60
C LEU D 191 -29.25 24.59 27.61
N SER D 192 -30.56 24.64 27.41
CA SER D 192 -31.25 25.92 27.36
C SER D 192 -31.02 26.76 28.61
N ALA D 193 -31.22 26.15 29.78
CA ALA D 193 -31.04 26.83 31.06
C ALA D 193 -29.62 27.41 31.14
N VAL D 194 -28.66 26.66 30.62
CA VAL D 194 -27.28 27.10 30.63
C VAL D 194 -26.98 28.20 29.62
N MET D 195 -27.69 28.23 28.50
CA MET D 195 -27.46 29.26 27.49
C MET D 195 -27.80 30.66 27.98
N GLN D 196 -28.76 30.76 28.89
CA GLN D 196 -29.16 32.04 29.43
C GLN D 196 -28.00 32.71 30.16
N GLU D 197 -27.11 31.90 30.73
CA GLU D 197 -25.98 32.41 31.48
C GLU D 197 -24.68 32.50 30.70
N VAL D 198 -24.30 31.38 30.10
CA VAL D 198 -23.06 31.26 29.35
C VAL D 198 -23.24 31.28 27.83
N PRO D 199 -22.42 32.08 27.11
CA PRO D 199 -22.53 32.15 25.65
C PRO D 199 -22.27 30.78 25.01
N LEU D 200 -22.97 30.50 23.92
CA LEU D 200 -22.88 29.23 23.20
C LEU D 200 -21.48 28.74 22.83
N ALA D 201 -20.67 29.65 22.30
CA ALA D 201 -19.31 29.30 21.89
C ALA D 201 -18.50 28.69 23.02
N ALA D 202 -18.94 28.89 24.26
CA ALA D 202 -18.23 28.36 25.43
C ALA D 202 -18.71 26.99 25.91
N LEU D 203 -19.83 26.51 25.39
CA LEU D 203 -20.34 25.23 25.83
C LEU D 203 -19.78 24.01 25.08
N ALA D 204 -19.71 22.87 25.77
CA ALA D 204 -19.22 21.61 25.21
C ALA D 204 -20.03 20.48 25.83
N VAL D 205 -20.11 19.35 25.12
CA VAL D 205 -20.86 18.21 25.60
C VAL D 205 -20.03 16.91 25.66
N HIS D 206 -20.15 16.20 26.78
CA HIS D 206 -19.44 14.95 27.04
C HIS D 206 -20.52 13.89 27.32
N CYS D 207 -20.88 13.11 26.31
CA CYS D 207 -21.91 12.09 26.49
C CYS D 207 -21.35 10.67 26.51
N HIS D 208 -21.65 9.94 27.57
CA HIS D 208 -21.21 8.55 27.67
C HIS D 208 -22.33 7.70 27.07
N ASP D 209 -21.95 6.62 26.38
CA ASP D 209 -22.91 5.76 25.69
C ASP D 209 -23.47 4.55 26.45
N THR D 210 -23.40 4.58 27.77
CA THR D 210 -23.90 3.48 28.59
C THR D 210 -25.25 2.91 28.14
N TYR D 211 -26.24 3.78 28.01
CA TYR D 211 -27.57 3.35 27.60
C TYR D 211 -27.84 3.52 26.11
N GLY D 212 -26.80 3.85 25.36
CA GLY D 212 -26.94 4.03 23.91
C GLY D 212 -27.67 5.29 23.49
N GLN D 213 -27.43 6.39 24.18
CA GLN D 213 -28.09 7.66 23.88
C GLN D 213 -27.08 8.75 23.52
N ALA D 214 -25.82 8.45 23.75
CA ALA D 214 -24.72 9.40 23.52
C ALA D 214 -24.80 10.20 22.23
N LEU D 215 -25.00 9.53 21.09
CA LEU D 215 -25.05 10.23 19.81
C LEU D 215 -26.40 10.88 19.57
N ALA D 216 -27.47 10.33 20.13
CA ALA D 216 -28.77 10.95 19.96
C ALA D 216 -28.80 12.25 20.77
N ASN D 217 -28.10 12.28 21.91
CA ASN D 217 -28.07 13.48 22.74
C ASN D 217 -27.09 14.52 22.22
N THR D 218 -26.05 14.06 21.54
CA THR D 218 -25.08 14.98 20.97
C THR D 218 -25.75 15.76 19.85
N LEU D 219 -26.51 15.05 19.01
CA LEU D 219 -27.23 15.69 17.91
C LEU D 219 -28.20 16.73 18.45
N MET D 220 -28.89 16.40 19.54
CA MET D 220 -29.85 17.32 20.14
C MET D 220 -29.11 18.58 20.53
N ALA D 221 -27.90 18.41 21.03
CA ALA D 221 -27.08 19.55 21.42
C ALA D 221 -26.69 20.40 20.19
N LEU D 222 -26.35 19.73 19.09
CA LEU D 222 -25.98 20.41 17.85
C LEU D 222 -27.09 21.32 17.36
N GLN D 223 -28.32 20.82 17.41
CA GLN D 223 -29.49 21.58 16.98
C GLN D 223 -29.64 22.81 17.87
N MET D 224 -29.03 22.75 19.05
CA MET D 224 -29.08 23.86 19.98
C MET D 224 -28.02 24.90 19.58
N GLY D 225 -26.94 24.43 18.95
CA GLY D 225 -25.89 25.34 18.53
C GLY D 225 -24.56 25.09 19.21
N VAL D 226 -24.43 23.97 19.90
CA VAL D 226 -23.18 23.61 20.57
C VAL D 226 -22.21 23.13 19.49
N SER D 227 -21.04 23.77 19.41
CA SER D 227 -20.06 23.42 18.38
C SER D 227 -18.80 22.72 18.87
N VAL D 228 -18.89 22.02 20.01
CA VAL D 228 -17.76 21.27 20.53
C VAL D 228 -18.23 20.08 21.34
N VAL D 229 -17.89 18.88 20.88
CA VAL D 229 -18.31 17.67 21.57
C VAL D 229 -17.10 16.81 21.94
N ASP D 230 -17.24 16.04 23.02
CA ASP D 230 -16.19 15.16 23.51
C ASP D 230 -16.52 13.77 23.07
N SER D 231 -15.52 13.06 22.57
CA SER D 231 -15.68 11.68 22.13
C SER D 231 -14.44 10.87 22.48
N SER D 232 -14.58 9.55 22.47
CA SER D 232 -13.46 8.66 22.77
C SER D 232 -13.17 7.81 21.53
N VAL D 233 -11.93 7.40 21.38
CA VAL D 233 -11.53 6.60 20.22
C VAL D 233 -12.43 5.41 19.92
N ALA D 234 -11.92 4.19 20.07
CA ALA D 234 -12.71 3.01 19.75
C ALA D 234 -13.86 2.80 20.73
N GLY D 235 -14.37 3.89 21.30
CA GLY D 235 -15.40 3.75 22.28
C GLY D 235 -14.84 3.28 23.61
N LEU D 236 -13.54 3.50 23.83
CA LEU D 236 -12.87 3.17 25.12
C LEU D 236 -13.58 3.86 26.34
N GLY D 237 -13.68 3.15 27.48
CA GLY D 237 -14.39 3.68 28.64
C GLY D 237 -15.36 2.71 29.32
N ALA D 245 -21.13 -1.09 31.46
CA ALA D 245 -21.41 -1.28 30.01
C ALA D 245 -20.52 -0.36 29.14
N SER D 246 -21.07 0.13 28.03
CA SER D 246 -20.31 1.02 27.14
C SER D 246 -19.71 2.20 27.91
N GLY D 247 -18.86 2.96 27.23
CA GLY D 247 -18.21 4.12 27.86
C GLY D 247 -18.51 5.43 27.16
N ASN D 248 -17.47 6.07 26.61
CA ASN D 248 -17.64 7.33 25.90
C ASN D 248 -18.17 7.11 24.48
N LEU D 249 -18.72 8.16 23.89
CA LEU D 249 -19.21 8.09 22.53
C LEU D 249 -18.04 7.73 21.64
N ALA D 250 -18.24 6.85 20.67
CA ALA D 250 -17.15 6.46 19.78
C ALA D 250 -16.91 7.57 18.74
N THR D 251 -15.73 8.17 18.79
CA THR D 251 -15.36 9.26 17.88
C THR D 251 -15.56 8.95 16.39
N GLU D 252 -15.22 7.74 15.97
CA GLU D 252 -15.39 7.37 14.57
C GLU D 252 -16.85 7.53 14.18
N ASP D 253 -17.75 6.99 15.01
CA ASP D 253 -19.18 7.07 14.75
C ASP D 253 -19.65 8.53 14.63
N LEU D 254 -19.09 9.39 15.49
CA LEU D 254 -19.42 10.80 15.52
C LEU D 254 -18.93 11.56 14.29
N VAL D 255 -17.73 11.25 13.81
CA VAL D 255 -17.21 11.93 12.62
C VAL D 255 -17.93 11.39 11.39
N TYR D 256 -18.48 10.18 11.50
CA TYR D 256 -19.21 9.58 10.39
C TYR D 256 -20.52 10.37 10.24
N MET D 257 -21.11 10.74 11.37
CA MET D 257 -22.34 11.53 11.37
C MET D 257 -22.07 12.94 10.85
N LEU D 258 -21.09 13.61 11.45
CA LEU D 258 -20.73 14.96 11.07
C LEU D 258 -20.47 15.15 9.58
N GLU D 259 -19.81 14.19 8.95
CA GLU D 259 -19.51 14.27 7.53
C GLU D 259 -20.79 14.16 6.72
N GLY D 260 -21.73 13.35 7.20
CA GLY D 260 -22.99 13.22 6.50
C GLY D 260 -23.76 14.53 6.57
N LEU D 261 -23.59 15.27 7.66
CA LEU D 261 -24.25 16.56 7.85
C LEU D 261 -23.50 17.70 7.17
N GLY D 262 -22.37 17.38 6.54
CA GLY D 262 -21.58 18.39 5.85
C GLY D 262 -20.82 19.30 6.82
N ILE D 263 -20.80 18.91 8.10
CA ILE D 263 -20.12 19.70 9.11
C ILE D 263 -18.63 19.40 9.10
N HIS D 264 -17.83 20.45 9.13
CA HIS D 264 -16.36 20.37 9.12
C HIS D 264 -15.84 19.82 10.44
N THR D 265 -14.77 19.04 10.39
CA THR D 265 -14.17 18.47 11.61
C THR D 265 -12.66 18.49 11.53
N GLY D 266 -12.13 18.29 10.33
CA GLY D 266 -10.69 18.30 10.13
C GLY D 266 -10.04 16.95 10.38
N VAL D 267 -10.81 16.00 10.88
CA VAL D 267 -10.29 14.67 11.17
C VAL D 267 -10.20 13.83 9.90
N ASN D 268 -9.34 12.82 9.94
CA ASN D 268 -9.20 11.93 8.80
C ASN D 268 -9.73 10.61 9.30
N LEU D 269 -11.00 10.35 8.99
CA LEU D 269 -11.66 9.14 9.44
C LEU D 269 -10.85 7.87 9.25
N GLN D 270 -10.20 7.72 8.11
CA GLN D 270 -9.40 6.54 7.86
C GLN D 270 -8.31 6.41 8.93
N LYS D 271 -7.57 7.49 9.18
CA LYS D 271 -6.50 7.47 10.17
C LYS D 271 -7.05 7.26 11.58
N LEU D 272 -8.17 7.90 11.87
CA LEU D 272 -8.79 7.76 13.18
C LEU D 272 -8.93 6.28 13.44
N LEU D 273 -9.50 5.59 12.46
CA LEU D 273 -9.70 4.14 12.54
C LEU D 273 -8.42 3.38 12.89
N GLU D 274 -7.35 3.68 12.16
CA GLU D 274 -6.05 3.05 12.40
C GLU D 274 -5.58 3.23 13.83
N ALA D 275 -5.93 4.36 14.44
CA ALA D 275 -5.56 4.67 15.80
C ALA D 275 -6.33 3.78 16.77
N GLY D 276 -7.65 3.73 16.61
CA GLY D 276 -8.47 2.90 17.49
C GLY D 276 -8.19 1.44 17.25
N ASN D 277 -7.75 1.13 16.03
CA ASN D 277 -7.42 -0.23 15.67
C ASN D 277 -6.16 -0.63 16.41
N PHE D 278 -5.32 0.36 16.70
CA PHE D 278 -4.08 0.14 17.41
C PHE D 278 -4.35 -0.13 18.89
N ILE D 279 -4.73 0.93 19.60
CA ILE D 279 -5.01 0.85 21.03
C ILE D 279 -5.87 -0.35 21.42
N CYS D 280 -6.79 -0.74 20.54
CA CYS D 280 -7.64 -1.88 20.84
C CYS D 280 -6.86 -3.21 20.91
N GLN D 281 -5.84 -3.36 20.07
CA GLN D 281 -5.02 -4.56 20.07
C GLN D 281 -4.03 -4.53 21.24
N ALA D 282 -3.40 -3.38 21.44
CA ALA D 282 -2.45 -3.18 22.53
C ALA D 282 -3.17 -3.31 23.87
N LEU D 283 -4.50 -3.34 23.80
CA LEU D 283 -5.36 -3.42 24.97
C LEU D 283 -6.13 -4.76 24.91
N ASN D 284 -5.96 -5.46 23.80
CA ASN D 284 -6.60 -6.75 23.53
C ASN D 284 -8.09 -6.82 23.87
N ARG D 285 -8.84 -5.87 23.33
CA ARG D 285 -10.29 -5.80 23.49
C ARG D 285 -10.78 -5.18 22.19
N LYS D 286 -11.94 -5.60 21.70
CA LYS D 286 -12.41 -5.06 20.44
C LYS D 286 -13.15 -3.73 20.47
N THR D 287 -12.91 -2.95 19.43
CA THR D 287 -13.51 -1.65 19.24
C THR D 287 -15.01 -1.62 19.54
N SER D 288 -15.53 -0.46 19.92
CA SER D 288 -16.95 -0.27 20.22
C SER D 288 -17.55 0.70 19.19
N SER D 289 -16.76 1.01 18.17
CA SER D 289 -17.16 1.90 17.10
C SER D 289 -17.86 1.06 16.04
N LYS D 290 -19.16 1.31 15.83
CA LYS D 290 -19.91 0.56 14.83
C LYS D 290 -19.28 0.79 13.44
N VAL D 291 -18.72 1.97 13.25
CA VAL D 291 -18.08 2.31 11.98
C VAL D 291 -16.86 1.44 11.72
N ALA D 292 -16.04 1.24 12.75
CA ALA D 292 -14.84 0.42 12.60
C ALA D 292 -15.21 -1.00 12.18
N GLN D 293 -16.32 -1.50 12.69
CA GLN D 293 -16.78 -2.84 12.38
C GLN D 293 -17.28 -2.99 10.96
N ALA D 294 -18.06 -2.02 10.51
CA ALA D 294 -18.62 -2.04 9.17
C ALA D 294 -17.53 -1.84 8.12
N THR D 295 -16.51 -1.08 8.49
CA THR D 295 -15.40 -0.77 7.59
C THR D 295 -14.39 -1.91 7.44
N CYS D 296 -14.03 -2.52 8.58
CA CYS D 296 -13.08 -3.62 8.62
C CYS D 296 -12.50 -3.69 10.03
N THR E 1 -23.07 5.52 -26.45
CA THR E 1 -21.73 4.84 -26.39
C THR E 1 -21.68 3.76 -25.29
N LEU E 2 -20.53 3.64 -24.61
CA LEU E 2 -20.30 2.63 -23.57
C LEU E 2 -21.05 2.78 -22.24
N PRO E 3 -21.44 1.65 -21.62
CA PRO E 3 -22.17 1.68 -20.35
C PRO E 3 -21.23 1.98 -19.18
N LYS E 4 -21.79 2.46 -18.07
CA LYS E 4 -20.99 2.78 -16.90
C LYS E 4 -20.63 1.53 -16.11
N ARG E 5 -21.52 0.55 -16.12
CA ARG E 5 -21.28 -0.69 -15.41
C ARG E 5 -21.75 -1.92 -16.18
N VAL E 6 -20.90 -2.94 -16.24
CA VAL E 6 -21.22 -4.17 -16.96
C VAL E 6 -21.46 -5.36 -16.04
N LYS E 7 -22.59 -6.05 -16.22
CA LYS E 7 -22.92 -7.22 -15.41
C LYS E 7 -22.29 -8.42 -16.12
N ILE E 8 -21.31 -9.05 -15.50
CA ILE E 8 -20.67 -10.20 -16.12
C ILE E 8 -21.36 -11.49 -15.72
N VAL E 9 -21.76 -12.28 -16.71
CA VAL E 9 -22.41 -13.55 -16.42
C VAL E 9 -21.42 -14.69 -16.55
N GLU E 10 -20.80 -15.08 -15.43
CA GLU E 10 -19.85 -16.17 -15.44
C GLU E 10 -20.55 -17.50 -15.71
N VAL E 11 -20.03 -18.23 -16.70
CA VAL E 11 -20.59 -19.51 -17.10
C VAL E 11 -19.57 -20.65 -17.07
N GLY E 12 -18.39 -20.39 -16.52
CA GLY E 12 -17.37 -21.41 -16.44
C GLY E 12 -17.86 -22.70 -15.80
N PRO E 13 -18.49 -22.63 -14.61
CA PRO E 13 -18.97 -23.88 -14.00
C PRO E 13 -19.95 -24.70 -14.83
N ARG E 14 -20.77 -24.05 -15.65
CA ARG E 14 -21.73 -24.77 -16.47
C ARG E 14 -21.29 -24.91 -17.93
N ASP E 15 -21.47 -23.86 -18.72
CA ASP E 15 -21.10 -23.91 -20.13
C ASP E 15 -19.63 -24.29 -20.29
N GLY E 16 -18.78 -23.77 -19.42
CA GLY E 16 -17.37 -24.07 -19.52
C GLY E 16 -17.02 -25.51 -19.22
N LEU E 17 -17.47 -25.99 -18.07
CA LEU E 17 -17.19 -27.35 -17.63
C LEU E 17 -17.93 -28.43 -18.46
N GLN E 18 -19.17 -28.15 -18.86
CA GLN E 18 -19.95 -29.09 -19.64
C GLN E 18 -19.24 -29.45 -20.95
N ASN E 19 -18.46 -28.52 -21.48
CA ASN E 19 -17.78 -28.79 -22.72
C ASN E 19 -16.29 -29.01 -22.57
N GLU E 20 -15.85 -29.19 -21.33
CA GLU E 20 -14.45 -29.45 -21.05
C GLU E 20 -14.15 -30.95 -21.24
N LYS E 21 -12.95 -31.29 -21.67
CA LYS E 21 -12.62 -32.69 -21.91
C LYS E 21 -12.46 -33.54 -20.64
N ASN E 22 -11.83 -33.01 -19.60
CA ASN E 22 -11.65 -33.76 -18.35
C ASN E 22 -12.76 -33.37 -17.36
N ILE E 23 -12.95 -34.19 -16.33
CA ILE E 23 -13.98 -33.93 -15.32
C ILE E 23 -13.40 -33.73 -13.92
N VAL E 24 -14.15 -33.05 -13.07
CA VAL E 24 -13.73 -32.78 -11.69
C VAL E 24 -14.82 -33.23 -10.74
N SER E 25 -14.44 -33.59 -9.53
CA SER E 25 -15.43 -34.05 -8.55
C SER E 25 -16.49 -32.99 -8.24
N THR E 26 -17.49 -33.35 -7.46
CA THR E 26 -18.54 -32.39 -7.11
C THR E 26 -17.99 -31.31 -6.22
N PRO E 27 -17.15 -31.69 -5.23
CA PRO E 27 -16.56 -30.71 -4.32
C PRO E 27 -15.68 -29.68 -4.99
N VAL E 28 -15.06 -30.03 -6.12
CA VAL E 28 -14.23 -29.04 -6.81
C VAL E 28 -15.18 -28.01 -7.39
N LYS E 29 -16.34 -28.48 -7.85
CA LYS E 29 -17.30 -27.59 -8.46
C LYS E 29 -17.77 -26.57 -7.42
N ILE E 30 -18.33 -27.06 -6.33
CA ILE E 30 -18.82 -26.19 -5.27
C ILE E 30 -17.80 -25.14 -4.83
N LYS E 31 -16.54 -25.53 -4.73
CA LYS E 31 -15.49 -24.60 -4.32
C LYS E 31 -15.21 -23.56 -5.39
N LEU E 32 -15.22 -23.98 -6.65
CA LEU E 32 -14.99 -23.06 -7.77
C LEU E 32 -16.06 -21.99 -7.75
N ILE E 33 -17.31 -22.42 -7.56
CA ILE E 33 -18.44 -21.50 -7.50
C ILE E 33 -18.33 -20.56 -6.30
N ASP E 34 -17.89 -21.09 -5.16
CA ASP E 34 -17.74 -20.27 -3.98
C ASP E 34 -16.60 -19.29 -4.18
N MET E 35 -15.55 -19.74 -4.87
CA MET E 35 -14.41 -18.87 -5.13
C MET E 35 -14.86 -17.75 -6.06
N LEU E 36 -15.71 -18.09 -7.03
CA LEU E 36 -16.22 -17.12 -7.98
C LEU E 36 -17.13 -16.14 -7.28
N SER E 37 -17.94 -16.66 -6.34
CA SER E 37 -18.85 -15.82 -5.57
C SER E 37 -18.06 -14.82 -4.74
N GLU E 38 -16.89 -15.24 -4.27
CA GLU E 38 -16.04 -14.38 -3.48
C GLU E 38 -15.24 -13.40 -4.34
N ALA E 39 -14.84 -13.85 -5.53
CA ALA E 39 -14.08 -13.00 -6.46
C ALA E 39 -14.92 -11.81 -6.90
N GLY E 40 -16.23 -11.90 -6.74
CA GLY E 40 -17.09 -10.79 -7.09
C GLY E 40 -18.20 -10.95 -8.12
N LEU E 41 -18.12 -11.93 -9.02
CA LEU E 41 -19.17 -12.12 -10.02
C LEU E 41 -20.56 -12.12 -9.37
N SER E 42 -21.49 -11.40 -9.97
CA SER E 42 -22.86 -11.29 -9.48
C SER E 42 -23.80 -12.30 -10.11
N VAL E 43 -23.30 -13.02 -11.12
CA VAL E 43 -24.11 -14.05 -11.80
C VAL E 43 -23.23 -15.24 -12.19
N ILE E 44 -23.39 -16.37 -11.53
CA ILE E 44 -22.60 -17.54 -11.85
C ILE E 44 -23.48 -18.71 -12.25
N GLU E 45 -23.51 -19.02 -13.54
CA GLU E 45 -24.32 -20.14 -14.05
C GLU E 45 -23.81 -21.38 -13.30
N THR E 46 -24.68 -22.02 -12.54
CA THR E 46 -24.26 -23.15 -11.72
C THR E 46 -24.14 -24.56 -12.30
N THR E 47 -25.19 -25.02 -12.96
CA THR E 47 -25.20 -26.37 -13.51
C THR E 47 -26.46 -26.56 -14.35
N SER E 48 -26.55 -27.70 -15.05
CA SER E 48 -27.72 -27.97 -15.90
C SER E 48 -28.50 -29.18 -15.41
N PHE E 49 -29.81 -28.99 -15.25
CA PHE E 49 -30.69 -30.06 -14.80
C PHE E 49 -31.19 -30.90 -15.96
N VAL E 50 -30.25 -31.58 -16.60
CA VAL E 50 -30.52 -32.43 -17.75
C VAL E 50 -30.09 -33.86 -17.37
N SER E 51 -30.75 -34.84 -17.97
CA SER E 51 -30.52 -36.26 -17.72
C SER E 51 -29.07 -36.71 -17.60
N PRO E 52 -28.68 -37.20 -16.41
CA PRO E 52 -27.29 -37.65 -16.24
C PRO E 52 -26.91 -38.68 -17.31
N LYS E 53 -27.91 -39.37 -17.84
CA LYS E 53 -27.71 -40.40 -18.86
C LYS E 53 -27.55 -39.85 -20.29
N TRP E 54 -27.60 -38.54 -20.44
CA TRP E 54 -27.42 -37.91 -21.74
C TRP E 54 -26.20 -37.01 -21.70
N VAL E 55 -25.97 -36.43 -20.53
CA VAL E 55 -24.83 -35.55 -20.30
C VAL E 55 -24.40 -35.71 -18.85
N PRO E 56 -23.63 -36.77 -18.56
CA PRO E 56 -23.15 -37.06 -17.21
C PRO E 56 -22.19 -36.05 -16.59
N GLN E 57 -21.60 -35.16 -17.39
CA GLN E 57 -20.68 -34.19 -16.82
C GLN E 57 -21.48 -33.24 -15.95
N MET E 58 -22.80 -33.38 -16.01
CA MET E 58 -23.70 -32.54 -15.25
C MET E 58 -24.56 -33.37 -14.29
N GLY E 59 -24.30 -34.66 -14.20
CA GLY E 59 -25.07 -35.52 -13.33
C GLY E 59 -25.26 -35.07 -11.89
N ASP E 60 -24.28 -34.36 -11.36
CA ASP E 60 -24.32 -33.85 -9.98
C ASP E 60 -25.05 -32.52 -9.89
N HIS E 61 -26.01 -32.28 -10.78
CA HIS E 61 -26.72 -31.01 -10.80
C HIS E 61 -27.51 -30.60 -9.58
N THR E 62 -27.99 -31.57 -8.80
CA THR E 62 -28.76 -31.23 -7.61
C THR E 62 -27.84 -30.94 -6.44
N GLU E 63 -26.81 -31.77 -6.28
CA GLU E 63 -25.87 -31.58 -5.20
C GLU E 63 -25.06 -30.30 -5.34
N VAL E 64 -24.65 -29.96 -6.57
CA VAL E 64 -23.86 -28.75 -6.80
C VAL E 64 -24.66 -27.52 -6.39
N LEU E 65 -25.90 -27.44 -6.83
CA LEU E 65 -26.74 -26.30 -6.50
C LEU E 65 -27.10 -26.24 -5.02
N LYS E 66 -27.32 -27.40 -4.41
CA LYS E 66 -27.68 -27.43 -2.99
C LYS E 66 -26.52 -27.16 -2.03
N GLY E 67 -25.29 -27.44 -2.48
CA GLY E 67 -24.14 -27.24 -1.62
C GLY E 67 -23.35 -25.96 -1.78
N ILE E 68 -23.68 -25.13 -2.76
CA ILE E 68 -22.91 -23.89 -2.93
C ILE E 68 -23.39 -22.83 -1.97
N GLN E 69 -22.47 -21.97 -1.54
CA GLN E 69 -22.81 -20.89 -0.63
C GLN E 69 -23.67 -19.88 -1.39
N LYS E 70 -24.84 -19.57 -0.85
CA LYS E 70 -25.72 -18.60 -1.50
C LYS E 70 -25.39 -17.19 -1.03
N PHE E 71 -24.36 -16.58 -1.61
CA PHE E 71 -23.95 -15.23 -1.26
C PHE E 71 -25.05 -14.20 -1.49
N PRO E 72 -24.99 -13.08 -0.76
CA PRO E 72 -25.97 -11.99 -0.85
C PRO E 72 -25.85 -11.22 -2.16
N GLY E 73 -27.00 -10.99 -2.81
CA GLY E 73 -27.01 -10.26 -4.06
C GLY E 73 -26.31 -10.92 -5.25
N ILE E 74 -26.06 -12.23 -5.16
CA ILE E 74 -25.43 -12.97 -6.25
C ILE E 74 -26.42 -14.02 -6.76
N ASN E 75 -26.54 -14.12 -8.09
CA ASN E 75 -27.45 -15.07 -8.71
C ASN E 75 -26.76 -16.27 -9.31
N TYR E 76 -27.39 -17.43 -9.12
CA TYR E 76 -26.90 -18.72 -9.60
C TYR E 76 -27.94 -19.43 -10.49
N PRO E 77 -28.11 -18.97 -11.73
CA PRO E 77 -29.07 -19.59 -12.65
C PRO E 77 -28.68 -20.99 -13.13
N VAL E 78 -29.68 -21.79 -13.46
CA VAL E 78 -29.43 -23.15 -13.92
C VAL E 78 -30.30 -23.55 -15.11
N LEU E 79 -29.68 -24.29 -16.05
CA LEU E 79 -30.36 -24.76 -17.24
C LEU E 79 -31.45 -25.80 -16.97
N THR E 80 -32.59 -25.63 -17.65
CA THR E 80 -33.71 -26.57 -17.51
C THR E 80 -34.36 -26.76 -18.87
N PRO E 81 -33.85 -27.71 -19.66
CA PRO E 81 -34.44 -27.95 -20.98
C PRO E 81 -35.87 -28.44 -20.88
N ASN E 82 -36.05 -29.63 -20.34
CA ASN E 82 -37.38 -30.22 -20.19
C ASN E 82 -38.10 -29.72 -18.94
N LEU E 83 -39.26 -30.30 -18.66
CA LEU E 83 -40.05 -29.86 -17.53
C LEU E 83 -39.69 -30.54 -16.21
N LYS E 84 -39.45 -31.85 -16.22
CA LYS E 84 -39.08 -32.49 -14.96
C LYS E 84 -37.77 -31.87 -14.51
N GLY E 85 -36.92 -31.53 -15.48
CA GLY E 85 -35.65 -30.92 -15.17
C GLY E 85 -35.87 -29.58 -14.48
N PHE E 86 -36.98 -28.92 -14.84
CA PHE E 86 -37.33 -27.65 -14.22
C PHE E 86 -37.78 -27.99 -12.81
N GLU E 87 -38.63 -28.99 -12.71
CA GLU E 87 -39.15 -29.42 -11.43
C GLU E 87 -38.03 -29.81 -10.46
N ALA E 88 -36.93 -30.31 -11.01
CA ALA E 88 -35.79 -30.69 -10.18
C ALA E 88 -35.02 -29.44 -9.81
N ALA E 89 -35.05 -28.45 -10.70
CA ALA E 89 -34.36 -27.20 -10.45
C ALA E 89 -35.01 -26.54 -9.26
N VAL E 90 -36.32 -26.40 -9.30
CA VAL E 90 -37.06 -25.78 -8.20
C VAL E 90 -36.86 -26.50 -6.87
N ALA E 91 -36.88 -27.83 -6.90
CA ALA E 91 -36.69 -28.61 -5.68
C ALA E 91 -35.30 -28.34 -5.11
N ALA E 92 -34.34 -28.15 -6.00
CA ALA E 92 -32.97 -27.89 -5.61
C ALA E 92 -32.79 -26.47 -5.08
N GLY E 93 -33.88 -25.70 -5.08
CA GLY E 93 -33.81 -24.35 -4.58
C GLY E 93 -33.43 -23.27 -5.58
N ALA E 94 -33.67 -23.54 -6.86
CA ALA E 94 -33.33 -22.57 -7.90
C ALA E 94 -34.29 -21.35 -7.86
N LYS E 95 -33.78 -20.18 -8.27
CA LYS E 95 -34.58 -18.95 -8.29
C LYS E 95 -34.64 -18.36 -9.70
N GLU E 96 -33.77 -18.85 -10.58
CA GLU E 96 -33.69 -18.40 -11.97
C GLU E 96 -33.25 -19.57 -12.86
N VAL E 97 -33.99 -19.83 -13.94
CA VAL E 97 -33.63 -20.91 -14.85
C VAL E 97 -33.26 -20.40 -16.25
N VAL E 98 -32.69 -21.28 -17.05
CA VAL E 98 -32.25 -20.89 -18.39
C VAL E 98 -32.71 -21.86 -19.48
N ILE E 99 -33.35 -21.34 -20.51
CA ILE E 99 -33.82 -22.16 -21.62
C ILE E 99 -32.94 -21.92 -22.85
N PHE E 100 -32.81 -22.94 -23.70
CA PHE E 100 -31.95 -22.92 -24.89
C PHE E 100 -32.65 -22.80 -26.25
N GLY E 101 -32.50 -21.67 -26.92
CA GLY E 101 -33.13 -21.53 -28.23
C GLY E 101 -32.12 -21.42 -29.36
N ALA E 102 -32.60 -21.16 -30.58
CA ALA E 102 -31.71 -21.02 -31.73
C ALA E 102 -32.34 -20.26 -32.89
N ALA E 103 -31.52 -19.44 -33.54
CA ALA E 103 -31.95 -18.67 -34.69
C ALA E 103 -31.82 -19.52 -35.95
N SER E 104 -31.22 -20.70 -35.81
CA SER E 104 -31.05 -21.58 -36.94
C SER E 104 -32.02 -22.77 -36.89
N GLU E 105 -32.89 -22.85 -37.90
CA GLU E 105 -33.87 -23.94 -38.02
C GLU E 105 -33.19 -25.30 -38.11
N LEU E 106 -32.20 -25.38 -39.00
CA LEU E 106 -31.45 -26.61 -39.23
C LEU E 106 -30.75 -27.05 -37.95
N PHE E 107 -30.35 -26.08 -37.15
CA PHE E 107 -29.68 -26.33 -35.88
C PHE E 107 -30.71 -26.79 -34.85
N THR E 108 -31.88 -26.16 -34.87
CA THR E 108 -32.95 -26.53 -33.94
C THR E 108 -33.36 -27.99 -34.19
N LYS E 109 -33.42 -28.37 -35.46
CA LYS E 109 -33.80 -29.72 -35.84
C LYS E 109 -32.73 -30.76 -35.46
N LYS E 110 -31.46 -30.38 -35.55
CA LYS E 110 -30.38 -31.30 -35.23
C LYS E 110 -30.02 -31.38 -33.75
N ASN E 111 -30.87 -30.83 -32.90
CA ASN E 111 -30.64 -30.86 -31.46
C ASN E 111 -31.88 -31.21 -30.66
N ILE E 112 -32.99 -31.43 -31.35
CA ILE E 112 -34.26 -31.79 -30.71
C ILE E 112 -35.28 -32.32 -31.72
N ASN E 113 -34.86 -32.43 -32.97
CA ASN E 113 -35.70 -32.93 -34.07
C ASN E 113 -36.80 -31.94 -34.48
N CYS E 114 -37.21 -31.11 -33.52
CA CYS E 114 -38.26 -30.12 -33.74
C CYS E 114 -37.72 -28.84 -34.39
N SER E 115 -38.64 -28.00 -34.86
CA SER E 115 -38.27 -26.73 -35.49
C SER E 115 -38.42 -25.59 -34.49
N ILE E 116 -37.78 -24.46 -34.79
CA ILE E 116 -37.81 -23.28 -33.94
C ILE E 116 -39.18 -23.00 -33.31
N GLU E 117 -40.23 -23.50 -33.94
CA GLU E 117 -41.59 -23.29 -33.44
C GLU E 117 -41.91 -24.33 -32.37
N GLU E 118 -41.89 -25.61 -32.75
CA GLU E 118 -42.19 -26.66 -31.80
C GLU E 118 -41.30 -26.47 -30.54
N SER E 119 -40.13 -25.84 -30.72
CA SER E 119 -39.23 -25.60 -29.61
C SER E 119 -39.79 -24.59 -28.61
N PHE E 120 -40.61 -23.66 -29.11
CA PHE E 120 -41.24 -22.65 -28.27
C PHE E 120 -42.40 -23.28 -27.49
N GLN E 121 -43.18 -24.08 -28.18
CA GLN E 121 -44.31 -24.75 -27.57
C GLN E 121 -43.81 -25.41 -26.28
N ARG E 122 -42.63 -26.00 -26.35
CA ARG E 122 -42.03 -26.68 -25.21
C ARG E 122 -41.69 -25.75 -24.05
N PHE E 123 -40.98 -24.66 -24.34
CA PHE E 123 -40.58 -23.68 -23.33
C PHE E 123 -41.80 -23.11 -22.61
N ASP E 124 -42.90 -22.99 -23.33
CA ASP E 124 -44.14 -22.45 -22.77
C ASP E 124 -44.53 -23.09 -21.46
N ALA E 125 -44.46 -24.42 -21.41
CA ALA E 125 -44.81 -25.13 -20.19
C ALA E 125 -43.92 -24.65 -19.06
N ILE E 126 -42.63 -24.48 -19.35
CA ILE E 126 -41.68 -24.00 -18.35
C ILE E 126 -41.95 -22.55 -17.98
N LEU E 127 -42.28 -21.74 -18.98
CA LEU E 127 -42.56 -20.33 -18.74
C LEU E 127 -43.68 -20.18 -17.75
N LYS E 128 -44.81 -20.84 -18.03
CA LYS E 128 -45.94 -20.76 -17.14
C LYS E 128 -45.54 -21.29 -15.77
N ALA E 129 -44.68 -22.30 -15.78
CA ALA E 129 -44.20 -22.92 -14.55
C ALA E 129 -43.43 -21.96 -13.64
N ALA E 130 -42.40 -21.34 -14.20
CA ALA E 130 -41.56 -20.42 -13.46
C ALA E 130 -42.36 -19.23 -12.94
N GLN E 131 -43.22 -18.68 -13.79
CA GLN E 131 -44.05 -17.52 -13.44
C GLN E 131 -45.00 -17.85 -12.30
N SER E 132 -45.53 -19.07 -12.29
CA SER E 132 -46.45 -19.51 -11.25
C SER E 132 -45.72 -19.83 -9.96
N ALA E 133 -44.39 -20.02 -10.05
CA ALA E 133 -43.57 -20.32 -8.89
C ALA E 133 -42.64 -19.15 -8.57
N ASN E 134 -42.79 -18.08 -9.35
CA ASN E 134 -41.99 -16.87 -9.21
C ASN E 134 -40.49 -17.09 -9.32
N ILE E 135 -40.07 -17.52 -10.51
CA ILE E 135 -38.68 -17.76 -10.82
C ILE E 135 -38.32 -17.12 -12.16
N SER E 136 -37.22 -16.37 -12.19
CA SER E 136 -36.78 -15.67 -13.39
C SER E 136 -36.32 -16.62 -14.48
N VAL E 137 -36.64 -16.31 -15.73
CA VAL E 137 -36.24 -17.17 -16.83
C VAL E 137 -35.44 -16.38 -17.84
N ARG E 138 -34.21 -16.82 -18.09
CA ARG E 138 -33.34 -16.17 -19.06
C ARG E 138 -33.23 -17.06 -20.29
N GLY E 139 -33.10 -16.43 -21.46
CA GLY E 139 -33.02 -17.18 -22.70
C GLY E 139 -31.70 -17.11 -23.45
N TYR E 140 -31.32 -18.24 -24.04
CA TYR E 140 -30.10 -18.38 -24.83
C TYR E 140 -30.49 -18.52 -26.30
N VAL E 141 -29.98 -17.65 -27.14
CA VAL E 141 -30.26 -17.74 -28.58
C VAL E 141 -28.93 -17.95 -29.30
N SER E 142 -28.60 -19.19 -29.64
CA SER E 142 -27.33 -19.48 -30.30
C SER E 142 -27.40 -19.35 -31.82
N CYS E 143 -26.23 -19.41 -32.46
CA CYS E 143 -26.15 -19.28 -33.90
C CYS E 143 -26.61 -17.90 -34.31
N ALA E 144 -26.36 -16.92 -33.43
CA ALA E 144 -26.76 -15.54 -33.64
C ALA E 144 -25.85 -14.77 -34.59
N LEU E 145 -24.63 -15.28 -34.78
CA LEU E 145 -23.68 -14.63 -35.68
C LEU E 145 -23.17 -15.63 -36.68
N GLY E 146 -23.94 -16.68 -36.91
CA GLY E 146 -23.52 -17.71 -37.84
C GLY E 146 -24.00 -19.06 -37.37
N CYS E 147 -24.03 -20.01 -38.29
CA CYS E 147 -24.50 -21.35 -37.97
C CYS E 147 -23.63 -22.38 -38.66
N PRO E 148 -23.20 -23.42 -37.93
CA PRO E 148 -22.35 -24.46 -38.50
C PRO E 148 -23.00 -25.23 -39.64
N TYR E 149 -24.33 -25.24 -39.66
CA TYR E 149 -25.07 -25.94 -40.70
C TYR E 149 -25.63 -24.94 -41.71
N GLU E 150 -26.53 -24.08 -41.24
CA GLU E 150 -27.16 -23.08 -42.09
C GLU E 150 -26.25 -21.94 -42.51
N GLY E 151 -25.08 -21.86 -41.90
CA GLY E 151 -24.16 -20.79 -42.26
C GLY E 151 -24.62 -19.43 -41.78
N LYS E 152 -24.65 -18.45 -42.67
CA LYS E 152 -25.06 -17.09 -42.30
C LYS E 152 -26.50 -17.02 -41.80
N ILE E 153 -26.68 -16.28 -40.69
CA ILE E 153 -27.98 -16.08 -40.08
C ILE E 153 -28.30 -14.58 -40.18
N SER E 154 -29.47 -14.25 -40.71
CA SER E 154 -29.87 -12.86 -40.88
C SER E 154 -30.24 -12.16 -39.58
N PRO E 155 -29.88 -10.89 -39.46
CA PRO E 155 -30.19 -10.12 -38.25
C PRO E 155 -31.69 -10.17 -37.94
N ALA E 156 -32.49 -10.21 -39.01
CA ALA E 156 -33.94 -10.25 -38.87
C ALA E 156 -34.38 -11.50 -38.14
N LYS E 157 -33.86 -12.65 -38.58
CA LYS E 157 -34.20 -13.93 -37.97
C LYS E 157 -33.87 -13.92 -36.50
N VAL E 158 -32.72 -13.34 -36.17
CA VAL E 158 -32.28 -13.25 -34.78
C VAL E 158 -33.23 -12.31 -34.02
N ALA E 159 -33.50 -11.15 -34.61
CA ALA E 159 -34.40 -10.17 -33.99
C ALA E 159 -35.75 -10.80 -33.75
N GLU E 160 -36.10 -11.79 -34.56
CA GLU E 160 -37.39 -12.45 -34.47
C GLU E 160 -37.53 -13.43 -33.30
N VAL E 161 -36.59 -14.36 -33.15
CA VAL E 161 -36.67 -15.31 -32.05
C VAL E 161 -36.40 -14.60 -30.73
N THR E 162 -35.60 -13.53 -30.77
CA THR E 162 -35.27 -12.77 -29.56
C THR E 162 -36.52 -12.05 -29.08
N LYS E 163 -37.28 -11.55 -30.04
CA LYS E 163 -38.51 -10.84 -29.77
C LYS E 163 -39.50 -11.84 -29.15
N LYS E 164 -39.39 -13.09 -29.59
CA LYS E 164 -40.26 -14.16 -29.13
C LYS E 164 -40.00 -14.57 -27.67
N PHE E 165 -38.74 -14.70 -27.29
CA PHE E 165 -38.36 -15.06 -25.92
C PHE E 165 -38.75 -13.99 -24.91
N TYR E 166 -38.50 -12.73 -25.27
CA TYR E 166 -38.79 -11.58 -24.42
C TYR E 166 -40.29 -11.42 -24.12
N SER E 167 -41.11 -11.68 -25.13
CA SER E 167 -42.56 -11.56 -24.99
C SER E 167 -43.23 -12.82 -24.42
N MET E 168 -42.43 -13.85 -24.16
CA MET E 168 -42.96 -15.08 -23.59
C MET E 168 -42.73 -15.11 -22.10
N GLY E 169 -41.71 -14.36 -21.65
CA GLY E 169 -41.41 -14.32 -20.23
C GLY E 169 -39.96 -14.08 -19.87
N CYS E 170 -39.04 -14.37 -20.79
CA CYS E 170 -37.62 -14.17 -20.49
C CYS E 170 -37.28 -12.73 -20.20
N TYR E 171 -36.72 -12.46 -19.03
CA TYR E 171 -36.36 -11.08 -18.69
C TYR E 171 -35.10 -10.69 -19.44
N GLU E 172 -34.36 -11.69 -19.92
CA GLU E 172 -33.12 -11.42 -20.61
C GLU E 172 -32.82 -12.54 -21.59
N ILE E 173 -32.19 -12.18 -22.72
CA ILE E 173 -31.83 -13.16 -23.74
C ILE E 173 -30.35 -13.02 -24.09
N SER E 174 -29.67 -14.15 -24.22
CA SER E 174 -28.25 -14.17 -24.50
C SER E 174 -27.91 -14.50 -25.97
N LEU E 175 -27.46 -13.49 -26.71
CA LEU E 175 -27.11 -13.69 -28.12
C LEU E 175 -25.71 -14.35 -28.24
N GLY E 176 -25.67 -15.58 -28.74
CA GLY E 176 -24.41 -16.27 -28.82
C GLY E 176 -23.78 -16.67 -30.15
N ASP E 177 -22.50 -16.33 -30.30
CA ASP E 177 -21.75 -16.71 -31.47
C ASP E 177 -21.13 -18.01 -31.00
N THR E 178 -21.98 -19.04 -30.92
CA THR E 178 -21.61 -20.37 -30.45
C THR E 178 -20.33 -20.91 -31.09
N ILE E 179 -20.25 -20.79 -32.41
CA ILE E 179 -19.10 -21.27 -33.14
C ILE E 179 -17.97 -20.26 -33.24
N GLY E 180 -18.23 -19.02 -32.82
CA GLY E 180 -17.22 -17.97 -32.85
C GLY E 180 -16.65 -17.58 -34.20
N VAL E 181 -17.53 -17.42 -35.19
CA VAL E 181 -17.10 -17.05 -36.54
C VAL E 181 -17.44 -15.60 -36.81
N GLY E 182 -18.09 -14.96 -35.84
CA GLY E 182 -18.48 -13.57 -36.02
C GLY E 182 -17.36 -12.56 -36.02
N THR E 183 -17.64 -11.39 -36.55
CA THR E 183 -16.68 -10.30 -36.60
C THR E 183 -17.43 -9.04 -36.24
N PRO E 184 -16.71 -7.99 -35.82
CA PRO E 184 -17.39 -6.74 -35.45
C PRO E 184 -18.59 -6.33 -36.30
N GLY E 185 -18.46 -6.40 -37.62
CA GLY E 185 -19.58 -6.02 -38.47
C GLY E 185 -20.81 -6.89 -38.33
N ILE E 186 -20.61 -8.21 -38.33
CA ILE E 186 -21.70 -9.17 -38.21
C ILE E 186 -22.41 -8.93 -36.89
N MET E 187 -21.62 -8.67 -35.85
CA MET E 187 -22.12 -8.41 -34.52
C MET E 187 -23.02 -7.16 -34.52
N LYS E 188 -22.49 -6.04 -35.05
CA LYS E 188 -23.24 -4.79 -35.10
C LYS E 188 -24.56 -4.86 -35.87
N ASP E 189 -24.60 -5.62 -36.96
CA ASP E 189 -25.83 -5.74 -37.73
C ASP E 189 -26.86 -6.56 -36.96
N MET E 190 -26.39 -7.57 -36.22
CA MET E 190 -27.29 -8.42 -35.43
C MET E 190 -27.92 -7.57 -34.34
N LEU E 191 -27.10 -6.89 -33.56
CA LEU E 191 -27.62 -6.04 -32.49
C LEU E 191 -28.61 -4.99 -33.03
N SER E 192 -28.17 -4.19 -34.00
CA SER E 192 -29.06 -3.18 -34.58
C SER E 192 -30.46 -3.72 -34.74
N ALA E 193 -30.56 -4.86 -35.42
CA ALA E 193 -31.85 -5.52 -35.64
C ALA E 193 -32.59 -5.79 -34.33
N VAL E 194 -31.95 -6.49 -33.41
CA VAL E 194 -32.54 -6.82 -32.12
C VAL E 194 -32.94 -5.58 -31.33
N MET E 195 -32.13 -4.53 -31.38
CA MET E 195 -32.44 -3.32 -30.65
C MET E 195 -33.72 -2.64 -31.11
N GLN E 196 -34.17 -2.97 -32.31
CA GLN E 196 -35.39 -2.37 -32.84
C GLN E 196 -36.61 -2.92 -32.14
N GLU E 197 -36.56 -4.20 -31.78
CA GLU E 197 -37.70 -4.85 -31.15
C GLU E 197 -37.60 -5.22 -29.66
N VAL E 198 -36.40 -5.18 -29.10
CA VAL E 198 -36.19 -5.54 -27.70
C VAL E 198 -35.34 -4.53 -26.95
N PRO E 199 -35.81 -4.07 -25.77
CA PRO E 199 -35.06 -3.09 -24.97
C PRO E 199 -33.63 -3.54 -24.65
N LEU E 200 -32.70 -2.64 -24.89
CA LEU E 200 -31.28 -2.88 -24.70
C LEU E 200 -30.88 -3.58 -23.41
N ALA E 201 -31.54 -3.22 -22.30
CA ALA E 201 -31.24 -3.78 -20.96
C ALA E 201 -31.59 -5.25 -20.80
N ALA E 202 -32.39 -5.80 -21.71
CA ALA E 202 -32.79 -7.21 -21.67
C ALA E 202 -31.88 -8.02 -22.58
N LEU E 203 -30.81 -7.41 -23.06
CA LEU E 203 -29.90 -8.10 -23.97
C LEU E 203 -28.55 -8.45 -23.41
N ALA E 204 -28.03 -9.55 -23.89
CA ALA E 204 -26.73 -10.00 -23.44
C ALA E 204 -25.99 -10.61 -24.62
N VAL E 205 -24.67 -10.55 -24.57
CA VAL E 205 -23.82 -11.09 -25.61
C VAL E 205 -23.01 -12.24 -25.02
N HIS E 206 -22.79 -13.26 -25.83
CA HIS E 206 -22.07 -14.46 -25.41
C HIS E 206 -21.23 -14.96 -26.59
N CYS E 207 -19.95 -14.61 -26.61
CA CYS E 207 -19.10 -15.00 -27.73
C CYS E 207 -18.03 -16.03 -27.39
N HIS E 208 -17.72 -16.87 -28.38
CA HIS E 208 -16.67 -17.87 -28.23
C HIS E 208 -15.44 -17.33 -28.98
N ASP E 209 -14.26 -17.65 -28.46
CA ASP E 209 -13.03 -17.16 -29.04
C ASP E 209 -12.35 -18.11 -30.02
N THR E 210 -13.15 -19.01 -30.59
CA THR E 210 -12.64 -20.00 -31.54
C THR E 210 -11.87 -19.40 -32.73
N TYR E 211 -11.96 -18.09 -32.90
CA TYR E 211 -11.26 -17.42 -34.00
C TYR E 211 -10.58 -16.16 -33.51
N GLY E 212 -10.39 -16.09 -32.19
CA GLY E 212 -9.76 -14.93 -31.58
C GLY E 212 -10.55 -13.66 -31.80
N GLN E 213 -11.86 -13.79 -32.03
CA GLN E 213 -12.73 -12.63 -32.27
C GLN E 213 -13.64 -12.29 -31.09
N ALA E 214 -13.66 -13.15 -30.07
CA ALA E 214 -14.54 -12.93 -28.92
C ALA E 214 -14.50 -11.55 -28.24
N LEU E 215 -13.32 -11.14 -27.77
CA LEU E 215 -13.20 -9.85 -27.09
C LEU E 215 -13.56 -8.68 -27.99
N ALA E 216 -13.05 -8.68 -29.21
CA ALA E 216 -13.35 -7.62 -30.14
C ALA E 216 -14.87 -7.55 -30.38
N ASN E 217 -15.53 -8.70 -30.56
CA ASN E 217 -16.99 -8.73 -30.77
C ASN E 217 -17.75 -8.22 -29.55
N THR E 218 -17.21 -8.50 -28.37
CA THR E 218 -17.82 -8.05 -27.14
C THR E 218 -17.77 -6.53 -27.12
N LEU E 219 -16.59 -5.99 -27.39
CA LEU E 219 -16.38 -4.55 -27.42
C LEU E 219 -17.40 -3.87 -28.34
N MET E 220 -17.59 -4.45 -29.52
CA MET E 220 -18.53 -3.91 -30.50
C MET E 220 -19.94 -3.81 -29.90
N ALA E 221 -20.36 -4.84 -29.16
CA ALA E 221 -21.67 -4.84 -28.54
C ALA E 221 -21.69 -3.87 -27.38
N LEU E 222 -20.54 -3.70 -26.73
CA LEU E 222 -20.43 -2.79 -25.61
C LEU E 222 -20.55 -1.36 -26.09
N GLN E 223 -20.11 -1.12 -27.32
CA GLN E 223 -20.20 0.23 -27.90
C GLN E 223 -21.63 0.48 -28.36
N MET E 224 -22.35 -0.60 -28.68
CA MET E 224 -23.74 -0.49 -29.12
C MET E 224 -24.64 -0.22 -27.91
N GLY E 225 -24.03 -0.25 -26.73
CA GLY E 225 -24.77 0.00 -25.51
C GLY E 225 -25.24 -1.23 -24.75
N VAL E 226 -24.73 -2.42 -25.10
CA VAL E 226 -25.12 -3.66 -24.44
C VAL E 226 -24.41 -3.73 -23.10
N SER E 227 -25.16 -3.96 -22.02
CA SER E 227 -24.57 -3.97 -20.68
C SER E 227 -24.25 -5.31 -20.04
N VAL E 228 -24.79 -6.41 -20.56
CA VAL E 228 -24.45 -7.70 -19.96
C VAL E 228 -23.72 -8.61 -20.96
N VAL E 229 -22.73 -9.36 -20.45
CA VAL E 229 -21.91 -10.25 -21.28
C VAL E 229 -21.46 -11.53 -20.54
N ASP E 230 -21.33 -12.63 -21.28
CA ASP E 230 -20.95 -13.93 -20.71
C ASP E 230 -19.49 -14.29 -20.99
N SER E 231 -18.90 -15.04 -20.06
CA SER E 231 -17.51 -15.48 -20.16
C SER E 231 -17.23 -16.68 -19.25
N SER E 232 -16.07 -17.30 -19.43
CA SER E 232 -15.67 -18.44 -18.61
C SER E 232 -14.28 -18.18 -18.03
N VAL E 233 -14.16 -18.37 -16.71
CA VAL E 233 -12.90 -18.12 -16.00
C VAL E 233 -11.59 -18.47 -16.72
N ALA E 234 -11.20 -19.73 -16.75
CA ALA E 234 -9.95 -20.04 -17.42
C ALA E 234 -10.18 -20.23 -18.91
N GLY E 235 -11.10 -19.47 -19.47
CA GLY E 235 -11.38 -19.63 -20.88
C GLY E 235 -11.97 -21.01 -21.09
N LEU E 236 -12.46 -21.60 -19.99
CA LEU E 236 -13.06 -22.93 -20.01
C LEU E 236 -14.15 -23.07 -21.06
N GLY E 237 -14.37 -24.30 -21.52
CA GLY E 237 -15.39 -24.56 -22.51
C GLY E 237 -14.83 -24.66 -23.90
N GLY E 238 -15.44 -25.51 -24.71
CA GLY E 238 -15.00 -25.69 -26.07
C GLY E 238 -16.22 -25.81 -26.96
N CYS E 239 -16.01 -26.00 -28.26
CA CYS E 239 -17.14 -26.13 -29.16
C CYS E 239 -17.20 -27.44 -29.94
N PRO E 240 -18.30 -28.18 -29.78
CA PRO E 240 -18.53 -29.48 -30.44
C PRO E 240 -18.60 -29.29 -31.96
N TYR E 241 -19.59 -28.52 -32.40
CA TYR E 241 -19.81 -28.24 -33.81
C TYR E 241 -18.72 -27.33 -34.35
N ALA E 242 -17.50 -27.47 -33.84
CA ALA E 242 -16.39 -26.63 -34.29
C ALA E 242 -15.12 -27.42 -34.52
N GLN E 243 -14.00 -26.88 -34.03
CA GLN E 243 -12.70 -27.51 -34.16
C GLN E 243 -12.01 -27.46 -32.80
N GLY E 244 -10.84 -28.10 -32.70
CA GLY E 244 -10.11 -28.12 -31.44
C GLY E 244 -9.52 -26.78 -31.01
N ALA E 245 -10.15 -25.68 -31.45
CA ALA E 245 -9.68 -24.33 -31.14
C ALA E 245 -9.97 -23.87 -29.71
N SER E 246 -11.04 -23.10 -29.53
CA SER E 246 -11.39 -22.60 -28.21
C SER E 246 -12.89 -22.51 -27.98
N GLY E 247 -13.25 -22.11 -26.75
CA GLY E 247 -14.64 -21.97 -26.39
C GLY E 247 -14.92 -20.55 -25.93
N ASN E 248 -15.57 -20.45 -24.77
CA ASN E 248 -15.93 -19.16 -24.18
C ASN E 248 -14.80 -18.16 -23.99
N LEU E 249 -15.18 -16.89 -23.95
CA LEU E 249 -14.23 -15.82 -23.73
C LEU E 249 -13.68 -16.04 -22.32
N ALA E 250 -12.44 -15.62 -22.07
CA ALA E 250 -11.85 -15.78 -20.74
C ALA E 250 -12.32 -14.63 -19.88
N THR E 251 -13.03 -14.95 -18.81
CA THR E 251 -13.54 -13.92 -17.92
C THR E 251 -12.47 -12.96 -17.46
N GLU E 252 -11.27 -13.49 -17.21
CA GLU E 252 -10.14 -12.67 -16.76
C GLU E 252 -9.82 -11.61 -17.79
N ASP E 253 -9.61 -12.05 -19.04
CA ASP E 253 -9.28 -11.15 -20.14
C ASP E 253 -10.32 -10.08 -20.25
N LEU E 254 -11.56 -10.47 -20.00
CA LEU E 254 -12.68 -9.53 -20.04
C LEU E 254 -12.56 -8.45 -18.97
N VAL E 255 -12.65 -8.81 -17.69
CA VAL E 255 -12.57 -7.79 -16.64
C VAL E 255 -11.31 -6.94 -16.77
N TYR E 256 -10.25 -7.53 -17.31
CA TYR E 256 -9.03 -6.77 -17.50
C TYR E 256 -9.36 -5.61 -18.42
N MET E 257 -9.98 -5.92 -19.56
CA MET E 257 -10.36 -4.90 -20.54
C MET E 257 -11.32 -3.92 -19.90
N LEU E 258 -12.35 -4.45 -19.25
CA LEU E 258 -13.33 -3.61 -18.59
C LEU E 258 -12.64 -2.66 -17.60
N GLU E 259 -11.91 -3.21 -16.63
CA GLU E 259 -11.22 -2.36 -15.66
C GLU E 259 -10.44 -1.25 -16.33
N GLY E 260 -9.77 -1.57 -17.43
CA GLY E 260 -8.99 -0.56 -18.13
C GLY E 260 -9.86 0.60 -18.57
N LEU E 261 -11.09 0.28 -18.97
CA LEU E 261 -12.06 1.28 -19.42
C LEU E 261 -12.81 1.93 -18.28
N GLY E 262 -12.42 1.59 -17.06
CA GLY E 262 -13.08 2.18 -15.90
C GLY E 262 -14.55 1.85 -15.80
N ILE E 263 -14.94 0.71 -16.36
CA ILE E 263 -16.32 0.29 -16.29
C ILE E 263 -16.48 -0.62 -15.08
N HIS E 264 -17.44 -0.30 -14.21
CA HIS E 264 -17.67 -1.11 -13.02
C HIS E 264 -18.09 -2.55 -13.33
N THR E 265 -17.35 -3.51 -12.76
CA THR E 265 -17.62 -4.92 -12.95
C THR E 265 -18.00 -5.54 -11.62
N GLY E 266 -17.49 -4.94 -10.55
CA GLY E 266 -17.75 -5.40 -9.20
C GLY E 266 -16.91 -6.61 -8.86
N VAL E 267 -15.99 -6.94 -9.75
CA VAL E 267 -15.16 -8.12 -9.57
C VAL E 267 -13.70 -7.90 -9.26
N ASN E 268 -13.18 -8.73 -8.35
CA ASN E 268 -11.80 -8.69 -7.91
C ASN E 268 -10.98 -9.62 -8.78
N LEU E 269 -10.24 -9.04 -9.73
CA LEU E 269 -9.41 -9.81 -10.66
C LEU E 269 -8.44 -10.78 -10.01
N GLN E 270 -7.82 -10.38 -8.91
CA GLN E 270 -6.87 -11.25 -8.26
C GLN E 270 -7.54 -12.54 -7.84
N LYS E 271 -8.68 -12.44 -7.15
CA LYS E 271 -9.42 -13.62 -6.71
C LYS E 271 -9.96 -14.44 -7.88
N LEU E 272 -10.18 -13.78 -9.02
CA LEU E 272 -10.69 -14.45 -10.21
C LEU E 272 -9.59 -15.37 -10.69
N LEU E 273 -8.39 -14.82 -10.82
CA LEU E 273 -7.25 -15.59 -11.29
C LEU E 273 -6.99 -16.82 -10.41
N GLU E 274 -7.44 -16.76 -9.17
CA GLU E 274 -7.27 -17.85 -8.21
C GLU E 274 -8.35 -18.94 -8.34
N ALA E 275 -9.55 -18.55 -8.74
CA ALA E 275 -10.64 -19.51 -8.91
C ALA E 275 -10.32 -20.26 -10.20
N GLY E 276 -9.89 -19.50 -11.20
CA GLY E 276 -9.55 -20.07 -12.47
C GLY E 276 -8.34 -20.97 -12.36
N ASN E 277 -7.32 -20.51 -11.63
CA ASN E 277 -6.13 -21.35 -11.50
C ASN E 277 -6.44 -22.60 -10.69
N PHE E 278 -7.42 -22.49 -9.80
CA PHE E 278 -7.83 -23.60 -8.96
C PHE E 278 -8.48 -24.68 -9.82
N ILE E 279 -9.44 -24.28 -10.64
CA ILE E 279 -10.13 -25.23 -11.49
C ILE E 279 -9.21 -25.82 -12.56
N CYS E 280 -8.18 -25.08 -12.94
CA CYS E 280 -7.25 -25.55 -13.97
C CYS E 280 -6.33 -26.66 -13.48
N GLN E 281 -6.06 -26.68 -12.19
CA GLN E 281 -5.21 -27.70 -11.63
C GLN E 281 -6.01 -28.95 -11.37
N ALA E 282 -7.28 -28.79 -11.00
CA ALA E 282 -8.12 -29.96 -10.75
C ALA E 282 -8.43 -30.66 -12.08
N LEU E 283 -8.60 -29.86 -13.12
CA LEU E 283 -8.92 -30.33 -14.47
C LEU E 283 -7.65 -30.76 -15.19
N ASN E 284 -6.50 -30.37 -14.63
CA ASN E 284 -5.21 -30.69 -15.21
C ASN E 284 -5.12 -30.18 -16.65
N ARG E 285 -5.60 -28.97 -16.87
CA ARG E 285 -5.57 -28.36 -18.19
C ARG E 285 -4.95 -27.00 -18.01
N LYS E 286 -4.31 -26.47 -19.05
CA LYS E 286 -3.70 -25.15 -18.93
C LYS E 286 -4.77 -24.08 -19.15
N THR E 287 -4.54 -22.89 -18.60
CA THR E 287 -5.49 -21.77 -18.72
C THR E 287 -5.59 -21.27 -20.15
N SER E 288 -6.77 -20.81 -20.54
CA SER E 288 -6.99 -20.26 -21.89
C SER E 288 -6.94 -18.73 -21.79
N SER E 289 -6.83 -18.24 -20.56
CA SER E 289 -6.77 -16.82 -20.27
C SER E 289 -5.37 -16.26 -20.51
N LYS E 290 -5.24 -15.35 -21.46
CA LYS E 290 -3.94 -14.75 -21.74
C LYS E 290 -3.48 -13.97 -20.50
N VAL E 291 -4.45 -13.42 -19.78
CA VAL E 291 -4.20 -12.64 -18.57
C VAL E 291 -3.54 -13.46 -17.48
N ALA E 292 -4.08 -14.66 -17.25
CA ALA E 292 -3.56 -15.55 -16.23
C ALA E 292 -2.20 -16.11 -16.65
N GLN E 293 -1.98 -16.24 -17.96
CA GLN E 293 -0.71 -16.75 -18.47
C GLN E 293 0.42 -15.78 -18.15
N ALA E 294 0.14 -14.49 -18.21
CA ALA E 294 1.15 -13.46 -17.92
C ALA E 294 1.08 -13.03 -16.45
N THR E 295 0.13 -13.60 -15.72
CA THR E 295 -0.04 -13.29 -14.29
C THR E 295 0.73 -14.28 -13.44
N CYS E 296 0.80 -15.53 -13.90
CA CYS E 296 1.50 -16.61 -13.21
C CYS E 296 2.74 -16.17 -12.45
N THR F 1 -14.87 7.13 -39.46
CA THR F 1 -15.16 5.69 -39.23
C THR F 1 -14.02 4.78 -39.72
N LEU F 2 -14.32 3.50 -39.98
CA LEU F 2 -13.34 2.53 -40.44
C LEU F 2 -12.80 2.73 -41.85
N PRO F 3 -11.48 2.47 -42.03
CA PRO F 3 -10.77 2.59 -43.31
C PRO F 3 -11.24 1.56 -44.32
N LYS F 4 -11.23 1.92 -45.58
CA LYS F 4 -11.68 1.01 -46.62
C LYS F 4 -10.69 -0.12 -46.90
N ARG F 5 -9.41 0.14 -46.62
CA ARG F 5 -8.35 -0.83 -46.84
C ARG F 5 -7.29 -0.70 -45.76
N VAL F 6 -6.60 -1.80 -45.43
CA VAL F 6 -5.58 -1.77 -44.40
C VAL F 6 -4.26 -2.32 -44.91
N LYS F 7 -3.16 -1.76 -44.41
CA LYS F 7 -1.81 -2.18 -44.80
C LYS F 7 -1.21 -2.95 -43.65
N ILE F 8 -1.11 -4.28 -43.80
CA ILE F 8 -0.54 -5.12 -42.76
C ILE F 8 0.96 -5.28 -42.96
N VAL F 9 1.72 -4.99 -41.92
CA VAL F 9 3.17 -5.11 -41.99
C VAL F 9 3.51 -6.37 -41.20
N GLU F 10 4.04 -7.35 -41.90
CA GLU F 10 4.41 -8.62 -41.30
C GLU F 10 5.72 -8.47 -40.54
N VAL F 11 5.67 -8.72 -39.23
CA VAL F 11 6.85 -8.64 -38.40
C VAL F 11 7.28 -10.04 -37.95
N GLY F 12 6.64 -11.05 -38.53
CA GLY F 12 6.95 -12.44 -38.20
C GLY F 12 8.43 -12.78 -38.27
N PRO F 13 9.05 -12.64 -39.45
CA PRO F 13 10.48 -12.94 -39.62
C PRO F 13 11.44 -12.21 -38.67
N ARG F 14 11.06 -11.03 -38.18
CA ARG F 14 11.92 -10.31 -37.26
C ARG F 14 11.38 -10.34 -35.84
N ASP F 15 10.46 -9.43 -35.53
CA ASP F 15 9.87 -9.35 -34.19
C ASP F 15 9.48 -10.73 -33.69
N GLY F 16 8.85 -11.52 -34.57
CA GLY F 16 8.45 -12.85 -34.19
C GLY F 16 9.65 -13.75 -33.97
N LEU F 17 10.32 -14.10 -35.07
CA LEU F 17 11.49 -14.96 -35.03
C LEU F 17 12.52 -14.49 -33.99
N GLN F 18 12.85 -13.21 -34.02
CA GLN F 18 13.83 -12.69 -33.07
C GLN F 18 13.46 -12.97 -31.61
N ASN F 19 12.18 -12.97 -31.28
CA ASN F 19 11.77 -13.22 -29.90
C ASN F 19 11.23 -14.62 -29.62
N GLU F 20 11.80 -15.62 -30.29
CA GLU F 20 11.34 -16.98 -30.08
C GLU F 20 12.41 -17.87 -29.44
N LYS F 21 11.98 -18.74 -28.52
CA LYS F 21 12.88 -19.66 -27.82
C LYS F 21 13.99 -20.23 -28.70
N ASN F 22 13.63 -21.28 -29.44
CA ASN F 22 14.58 -21.96 -30.33
C ASN F 22 14.77 -21.20 -31.64
N ILE F 23 16.03 -21.03 -32.05
CA ILE F 23 16.31 -20.31 -33.31
C ILE F 23 16.10 -21.18 -34.56
N VAL F 24 16.42 -20.65 -35.73
CA VAL F 24 16.24 -21.41 -36.97
C VAL F 24 17.33 -21.20 -38.02
N SER F 25 17.33 -22.09 -39.00
CA SER F 25 18.30 -22.07 -40.10
C SER F 25 17.95 -20.99 -41.11
N THR F 26 18.96 -20.50 -41.82
CA THR F 26 18.75 -19.45 -42.81
C THR F 26 17.85 -19.88 -43.97
N PRO F 27 18.05 -21.09 -44.53
CA PRO F 27 17.22 -21.55 -45.66
C PRO F 27 15.72 -21.48 -45.40
N VAL F 28 15.33 -21.71 -44.16
CA VAL F 28 13.91 -21.65 -43.78
C VAL F 28 13.41 -20.19 -43.68
N LYS F 29 14.21 -19.33 -43.03
CA LYS F 29 13.86 -17.92 -42.91
C LYS F 29 13.58 -17.38 -44.31
N ILE F 30 14.49 -17.65 -45.24
CA ILE F 30 14.33 -17.20 -46.61
C ILE F 30 13.09 -17.86 -47.24
N LYS F 31 12.76 -19.05 -46.77
CA LYS F 31 11.60 -19.79 -47.27
C LYS F 31 10.33 -19.08 -46.81
N LEU F 32 10.21 -18.95 -45.48
CA LEU F 32 9.07 -18.29 -44.86
C LEU F 32 8.78 -16.95 -45.53
N ILE F 33 9.78 -16.06 -45.51
CA ILE F 33 9.65 -14.73 -46.11
C ILE F 33 9.14 -14.87 -47.52
N ASP F 34 9.64 -15.86 -48.23
CA ASP F 34 9.22 -16.08 -49.60
C ASP F 34 7.76 -16.50 -49.64
N MET F 35 7.33 -17.31 -48.68
CA MET F 35 5.94 -17.75 -48.62
C MET F 35 5.05 -16.54 -48.36
N LEU F 36 5.39 -15.76 -47.35
CA LEU F 36 4.64 -14.56 -46.98
C LEU F 36 4.49 -13.62 -48.17
N SER F 37 5.58 -13.43 -48.92
CA SER F 37 5.52 -12.56 -50.09
C SER F 37 4.43 -13.08 -51.03
N GLU F 38 4.33 -14.40 -51.11
CA GLU F 38 3.35 -15.06 -51.97
C GLU F 38 1.96 -15.15 -51.37
N ALA F 39 1.87 -14.88 -50.07
CA ALA F 39 0.59 -14.91 -49.38
C ALA F 39 -0.08 -13.59 -49.69
N GLY F 40 0.73 -12.62 -50.08
CA GLY F 40 0.20 -11.32 -50.44
C GLY F 40 0.66 -10.16 -49.58
N LEU F 41 1.35 -10.43 -48.47
CA LEU F 41 1.81 -9.36 -47.61
C LEU F 41 2.46 -8.25 -48.43
N SER F 42 2.06 -7.00 -48.19
CA SER F 42 2.60 -5.85 -48.92
C SER F 42 3.90 -5.32 -48.30
N VAL F 43 4.23 -5.83 -47.12
CA VAL F 43 5.45 -5.41 -46.44
C VAL F 43 5.78 -6.37 -45.31
N ILE F 44 6.94 -7.02 -45.43
CA ILE F 44 7.41 -7.98 -44.45
C ILE F 44 8.71 -7.47 -43.84
N GLU F 45 8.73 -7.37 -42.51
CA GLU F 45 9.90 -6.88 -41.79
C GLU F 45 11.00 -7.97 -41.70
N THR F 46 11.62 -8.27 -42.85
CA THR F 46 12.69 -9.27 -43.02
C THR F 46 13.58 -9.65 -41.82
N THR F 47 14.66 -8.90 -41.58
CA THR F 47 15.57 -9.20 -40.46
C THR F 47 15.91 -8.01 -39.55
N SER F 48 17.16 -7.94 -39.09
CA SER F 48 17.60 -6.85 -38.20
C SER F 48 19.12 -6.82 -38.02
N PHE F 49 19.82 -6.11 -38.89
CA PHE F 49 21.27 -5.99 -38.82
C PHE F 49 21.75 -5.55 -37.45
N VAL F 50 21.83 -6.50 -36.53
CA VAL F 50 22.27 -6.19 -35.18
C VAL F 50 23.36 -7.14 -34.68
N SER F 51 24.14 -6.64 -33.72
CA SER F 51 25.23 -7.39 -33.13
C SER F 51 24.80 -8.75 -32.57
N PRO F 52 25.27 -9.82 -33.20
CA PRO F 52 24.96 -11.20 -32.80
C PRO F 52 25.39 -11.41 -31.35
N LYS F 53 26.26 -10.52 -30.89
CA LYS F 53 26.81 -10.55 -29.54
C LYS F 53 25.73 -10.92 -28.53
N TRP F 54 24.59 -10.24 -28.65
CA TRP F 54 23.48 -10.46 -27.75
C TRP F 54 22.31 -11.15 -28.44
N VAL F 55 21.85 -10.57 -29.54
CA VAL F 55 20.72 -11.10 -30.32
C VAL F 55 21.18 -12.02 -31.45
N PRO F 56 21.27 -13.33 -31.18
CA PRO F 56 21.70 -14.33 -32.17
C PRO F 56 20.67 -14.80 -33.20
N GLN F 57 19.40 -14.84 -32.83
CA GLN F 57 18.36 -15.31 -33.74
C GLN F 57 18.36 -14.55 -35.05
N MET F 58 18.93 -13.34 -35.04
CA MET F 58 18.99 -12.50 -36.22
C MET F 58 20.38 -12.52 -36.87
N GLY F 59 21.34 -13.12 -36.16
CA GLY F 59 22.71 -13.21 -36.63
C GLY F 59 22.98 -13.35 -38.13
N ASP F 60 22.06 -14.00 -38.85
CA ASP F 60 22.23 -14.19 -40.29
C ASP F 60 21.50 -13.15 -41.11
N HIS F 61 21.35 -11.96 -40.53
CA HIS F 61 20.64 -10.88 -41.19
C HIS F 61 21.02 -10.55 -42.62
N THR F 62 22.32 -10.43 -42.90
CA THR F 62 22.75 -10.10 -44.27
C THR F 62 22.25 -11.12 -45.28
N GLU F 63 22.60 -12.38 -45.05
CA GLU F 63 22.21 -13.49 -45.92
C GLU F 63 20.70 -13.60 -46.04
N VAL F 64 20.01 -13.35 -44.93
CA VAL F 64 18.56 -13.41 -44.94
C VAL F 64 18.02 -12.44 -45.98
N LEU F 65 18.38 -11.18 -45.83
CA LEU F 65 17.93 -10.14 -46.76
C LEU F 65 18.40 -10.39 -48.19
N LYS F 66 19.63 -10.87 -48.31
CA LYS F 66 20.19 -11.14 -49.63
C LYS F 66 19.56 -12.39 -50.25
N GLY F 67 19.19 -13.35 -49.40
CA GLY F 67 18.59 -14.57 -49.89
C GLY F 67 17.16 -14.47 -50.40
N ILE F 68 16.30 -13.78 -49.66
CA ILE F 68 14.88 -13.63 -50.04
C ILE F 68 14.69 -13.26 -51.50
N GLN F 69 13.51 -13.55 -52.01
CA GLN F 69 13.17 -13.22 -53.39
C GLN F 69 12.51 -11.86 -53.29
N LYS F 70 12.84 -10.96 -54.22
CA LYS F 70 12.28 -9.62 -54.17
C LYS F 70 11.07 -9.46 -55.10
N PHE F 71 9.87 -9.56 -54.54
CA PHE F 71 8.64 -9.42 -55.32
C PHE F 71 8.34 -7.94 -55.59
N PRO F 72 7.67 -7.66 -56.72
CA PRO F 72 7.30 -6.29 -57.12
C PRO F 72 6.38 -5.58 -56.13
N GLY F 73 6.78 -4.40 -55.70
CA GLY F 73 5.97 -3.64 -54.77
C GLY F 73 6.08 -4.04 -53.30
N ILE F 74 6.52 -5.28 -53.04
CA ILE F 74 6.63 -5.72 -51.67
C ILE F 74 7.87 -5.13 -50.98
N ASN F 75 7.64 -4.45 -49.86
CA ASN F 75 8.71 -3.83 -49.10
C ASN F 75 9.27 -4.77 -48.04
N TYR F 76 10.59 -4.95 -48.03
CA TYR F 76 11.22 -5.83 -47.05
C TYR F 76 12.13 -5.00 -46.16
N PRO F 77 11.54 -4.13 -45.33
CA PRO F 77 12.32 -3.29 -44.43
C PRO F 77 13.15 -4.12 -43.47
N VAL F 78 14.10 -3.48 -42.80
CA VAL F 78 14.97 -4.16 -41.84
C VAL F 78 15.51 -3.17 -40.80
N LEU F 79 15.49 -3.58 -39.54
CA LEU F 79 15.98 -2.73 -38.45
C LEU F 79 17.43 -2.31 -38.69
N THR F 80 17.90 -1.36 -37.87
CA THR F 80 19.26 -0.84 -37.92
C THR F 80 19.49 -0.05 -36.62
N PRO F 81 19.87 -0.75 -35.53
CA PRO F 81 20.13 -0.14 -34.21
C PRO F 81 21.27 0.88 -34.10
N ASN F 82 22.05 1.04 -35.17
CA ASN F 82 23.15 2.02 -35.17
C ASN F 82 23.59 2.35 -36.60
N LEU F 83 24.42 3.39 -36.73
CA LEU F 83 24.89 3.82 -38.04
C LEU F 83 25.66 2.70 -38.73
N LYS F 84 26.38 1.92 -37.92
CA LYS F 84 27.16 0.78 -38.39
C LYS F 84 26.23 -0.22 -39.07
N GLY F 85 25.13 -0.55 -38.39
CA GLY F 85 24.16 -1.49 -38.93
C GLY F 85 23.53 -0.99 -40.22
N PHE F 86 23.10 0.27 -40.23
CA PHE F 86 22.49 0.82 -41.44
C PHE F 86 23.46 0.63 -42.61
N GLU F 87 24.72 0.96 -42.37
CA GLU F 87 25.76 0.83 -43.40
C GLU F 87 25.77 -0.61 -43.95
N ALA F 88 25.64 -1.58 -43.05
CA ALA F 88 25.63 -2.99 -43.42
C ALA F 88 24.34 -3.38 -44.16
N ALA F 89 23.23 -2.78 -43.74
CA ALA F 89 21.92 -3.06 -44.33
C ALA F 89 21.81 -2.53 -45.75
N VAL F 90 22.49 -1.43 -46.03
CA VAL F 90 22.45 -0.87 -47.37
C VAL F 90 23.15 -1.88 -48.25
N ALA F 91 24.26 -2.41 -47.75
CA ALA F 91 25.06 -3.41 -48.45
C ALA F 91 24.19 -4.54 -48.95
N ALA F 92 23.41 -5.12 -48.05
CA ALA F 92 22.51 -6.22 -48.39
C ALA F 92 21.54 -5.77 -49.46
N GLY F 93 21.49 -4.46 -49.72
CA GLY F 93 20.61 -3.92 -50.75
C GLY F 93 19.28 -3.39 -50.26
N ALA F 94 19.18 -3.15 -48.95
CA ALA F 94 17.96 -2.64 -48.34
C ALA F 94 17.47 -1.33 -48.95
N LYS F 95 16.15 -1.21 -49.12
CA LYS F 95 15.55 0.01 -49.67
C LYS F 95 14.67 0.68 -48.61
N GLU F 96 14.93 0.34 -47.35
CA GLU F 96 14.21 0.89 -46.22
C GLU F 96 14.74 0.25 -44.94
N VAL F 97 14.96 1.07 -43.91
CA VAL F 97 15.46 0.57 -42.63
C VAL F 97 14.46 0.89 -41.53
N VAL F 98 14.76 0.49 -40.31
CA VAL F 98 13.87 0.70 -39.18
C VAL F 98 14.58 1.04 -37.87
N ILE F 99 14.24 2.20 -37.31
CA ILE F 99 14.82 2.68 -36.05
C ILE F 99 13.74 2.54 -34.97
N PHE F 100 14.12 2.14 -33.76
CA PHE F 100 13.12 1.98 -32.72
C PHE F 100 13.42 2.76 -31.43
N GLY F 101 12.37 3.22 -30.76
CA GLY F 101 12.52 3.96 -29.52
C GLY F 101 11.41 3.66 -28.52
N ALA F 102 11.04 4.67 -27.73
CA ALA F 102 9.98 4.52 -26.75
C ALA F 102 9.59 5.86 -26.10
N ALA F 103 8.37 5.94 -25.60
CA ALA F 103 7.88 7.15 -24.95
C ALA F 103 8.31 7.07 -23.49
N SER F 104 9.17 6.10 -23.20
CA SER F 104 9.66 5.89 -21.86
C SER F 104 11.14 6.26 -21.76
N GLU F 105 11.52 6.85 -20.63
CA GLU F 105 12.91 7.24 -20.40
C GLU F 105 13.63 6.04 -19.81
N LEU F 106 13.04 5.46 -18.78
CA LEU F 106 13.62 4.29 -18.13
C LEU F 106 13.84 3.24 -19.21
N PHE F 107 12.75 2.82 -19.85
CA PHE F 107 12.82 1.80 -20.89
C PHE F 107 13.99 2.05 -21.84
N THR F 108 14.38 3.31 -22.02
CA THR F 108 15.49 3.63 -22.91
C THR F 108 16.83 3.41 -22.21
N LYS F 109 16.99 3.97 -21.00
CA LYS F 109 18.23 3.78 -20.28
C LYS F 109 18.52 2.29 -20.21
N LYS F 110 17.68 1.55 -19.47
CA LYS F 110 17.85 0.11 -19.33
C LYS F 110 17.96 -0.61 -20.67
N ASN F 111 17.45 0.01 -21.72
CA ASN F 111 17.55 -0.57 -23.05
C ASN F 111 18.75 0.09 -23.71
N ILE F 112 18.64 0.37 -25.01
CA ILE F 112 19.72 1.01 -25.77
C ILE F 112 20.45 2.06 -24.92
N ASN F 113 21.62 1.70 -24.41
CA ASN F 113 22.42 2.57 -23.55
C ASN F 113 22.49 4.03 -23.99
N CYS F 114 21.62 4.86 -23.42
CA CYS F 114 21.55 6.31 -23.70
C CYS F 114 20.25 6.92 -23.15
N SER F 115 19.94 8.15 -23.59
CA SER F 115 18.73 8.83 -23.15
C SER F 115 17.80 9.06 -24.33
N ILE F 116 16.53 9.33 -24.05
CA ILE F 116 15.56 9.58 -25.09
C ILE F 116 16.01 10.73 -25.97
N GLU F 117 16.51 11.80 -25.35
CA GLU F 117 16.96 12.96 -26.12
C GLU F 117 18.28 12.62 -26.81
N GLU F 118 18.98 11.63 -26.26
CA GLU F 118 20.26 11.19 -26.83
C GLU F 118 19.95 10.28 -28.03
N SER F 119 19.01 9.37 -27.84
CA SER F 119 18.60 8.45 -28.89
C SER F 119 18.28 9.25 -30.13
N PHE F 120 17.73 10.44 -29.93
CA PHE F 120 17.36 11.31 -31.04
C PHE F 120 18.56 11.73 -31.87
N GLN F 121 19.63 12.13 -31.19
CA GLN F 121 20.83 12.56 -31.88
C GLN F 121 21.39 11.37 -32.66
N ARG F 122 21.27 10.19 -32.07
CA ARG F 122 21.77 8.98 -32.70
C ARG F 122 21.01 8.66 -33.99
N PHE F 123 19.69 8.63 -33.91
CA PHE F 123 18.86 8.33 -35.08
C PHE F 123 19.08 9.32 -36.22
N ASP F 124 19.24 10.59 -35.86
CA ASP F 124 19.45 11.64 -36.85
C ASP F 124 20.52 11.19 -37.82
N ALA F 125 21.63 10.68 -37.28
CA ALA F 125 22.74 10.19 -38.10
C ALA F 125 22.21 9.30 -39.23
N ILE F 126 21.56 8.20 -38.86
CA ILE F 126 21.01 7.25 -39.82
C ILE F 126 20.02 7.95 -40.74
N LEU F 127 19.25 8.88 -40.16
CA LEU F 127 18.25 9.62 -40.91
C LEU F 127 18.87 10.45 -42.02
N LYS F 128 19.99 11.10 -41.71
CA LYS F 128 20.67 11.91 -42.70
C LYS F 128 21.32 10.96 -43.70
N ALA F 129 21.92 9.89 -43.19
CA ALA F 129 22.57 8.90 -44.04
C ALA F 129 21.59 8.33 -45.06
N ALA F 130 20.38 8.04 -44.58
CA ALA F 130 19.33 7.46 -45.41
C ALA F 130 18.88 8.32 -46.58
N GLN F 131 18.59 9.59 -46.32
CA GLN F 131 18.13 10.49 -47.38
C GLN F 131 19.22 10.73 -48.43
N SER F 132 20.46 10.40 -48.07
CA SER F 132 21.58 10.58 -48.97
C SER F 132 21.58 9.42 -49.95
N ALA F 133 20.97 8.32 -49.56
CA ALA F 133 20.92 7.15 -50.42
C ALA F 133 19.52 6.79 -50.82
N ASN F 134 18.61 7.75 -50.76
CA ASN F 134 17.21 7.49 -51.10
C ASN F 134 16.78 6.20 -50.38
N ILE F 135 16.53 6.31 -49.07
CA ILE F 135 16.14 5.16 -48.27
C ILE F 135 15.12 5.49 -47.16
N SER F 136 13.88 5.06 -47.37
CA SER F 136 12.82 5.30 -46.41
C SER F 136 13.22 4.81 -45.02
N VAL F 137 12.80 5.53 -44.00
CA VAL F 137 13.09 5.13 -42.63
C VAL F 137 11.80 5.06 -41.80
N ARG F 138 11.56 3.90 -41.18
CA ARG F 138 10.39 3.73 -40.35
C ARG F 138 10.81 3.72 -38.89
N GLY F 139 10.07 4.44 -38.06
CA GLY F 139 10.41 4.51 -36.65
C GLY F 139 9.40 3.76 -35.78
N TYR F 140 9.88 3.23 -34.67
CA TYR F 140 9.07 2.47 -33.72
C TYR F 140 8.99 3.22 -32.41
N VAL F 141 7.79 3.37 -31.84
CA VAL F 141 7.68 4.04 -30.55
C VAL F 141 7.04 3.08 -29.55
N SER F 142 7.90 2.25 -28.95
CA SER F 142 7.50 1.27 -27.96
C SER F 142 7.02 1.91 -26.68
N CYS F 143 6.26 1.15 -25.90
CA CYS F 143 5.71 1.65 -24.64
C CYS F 143 4.63 2.70 -24.88
N ALA F 144 4.06 2.69 -26.07
CA ALA F 144 3.01 3.64 -26.43
C ALA F 144 1.83 3.55 -25.47
N LEU F 145 1.43 2.33 -25.10
CA LEU F 145 0.31 2.17 -24.20
C LEU F 145 0.73 1.72 -22.82
N GLY F 146 1.99 1.97 -22.49
CA GLY F 146 2.50 1.57 -21.18
C GLY F 146 3.92 1.03 -21.22
N CYS F 147 4.58 1.08 -20.07
CA CYS F 147 5.95 0.61 -19.92
C CYS F 147 6.11 -0.20 -18.65
N PRO F 148 6.90 -1.29 -18.71
CA PRO F 148 7.13 -2.16 -17.55
C PRO F 148 7.97 -1.48 -16.47
N TYR F 149 8.62 -0.38 -16.85
CA TYR F 149 9.47 0.38 -15.92
C TYR F 149 8.76 1.60 -15.36
N GLU F 150 8.40 2.53 -16.24
CA GLU F 150 7.72 3.75 -15.81
C GLU F 150 6.24 3.56 -15.51
N GLY F 151 5.66 2.50 -16.07
CA GLY F 151 4.24 2.27 -15.86
C GLY F 151 3.42 3.03 -16.88
N LYS F 152 2.31 3.63 -16.45
CA LYS F 152 1.45 4.38 -17.36
C LYS F 152 2.25 5.41 -18.16
N ILE F 153 1.93 5.57 -19.43
CA ILE F 153 2.63 6.51 -20.30
C ILE F 153 1.69 7.56 -20.90
N SER F 154 1.90 8.81 -20.51
CA SER F 154 1.06 9.90 -20.99
C SER F 154 1.05 10.09 -22.51
N PRO F 155 -0.15 10.30 -23.08
CA PRO F 155 -0.29 10.50 -24.52
C PRO F 155 0.62 11.65 -24.93
N ALA F 156 0.59 12.72 -24.14
CA ALA F 156 1.42 13.88 -24.40
C ALA F 156 2.82 13.40 -24.78
N LYS F 157 3.39 12.55 -23.93
CA LYS F 157 4.73 12.03 -24.17
C LYS F 157 4.79 11.32 -25.52
N VAL F 158 3.97 10.29 -25.69
CA VAL F 158 3.94 9.51 -26.93
C VAL F 158 3.83 10.41 -28.16
N ALA F 159 3.00 11.45 -28.06
CA ALA F 159 2.79 12.39 -29.16
C ALA F 159 4.08 13.10 -29.54
N GLU F 160 4.70 13.72 -28.54
CA GLU F 160 5.95 14.46 -28.71
C GLU F 160 7.05 13.63 -29.36
N VAL F 161 7.22 12.40 -28.87
CA VAL F 161 8.26 11.53 -29.40
C VAL F 161 7.92 11.10 -30.83
N THR F 162 6.64 10.85 -31.07
CA THR F 162 6.18 10.44 -32.38
C THR F 162 6.30 11.57 -33.37
N LYS F 163 5.95 12.77 -32.91
CA LYS F 163 6.01 13.98 -33.72
C LYS F 163 7.47 14.27 -34.07
N LYS F 164 8.36 14.02 -33.11
CA LYS F 164 9.78 14.25 -33.31
C LYS F 164 10.22 13.31 -34.43
N PHE F 165 10.18 12.02 -34.13
CA PHE F 165 10.54 10.98 -35.08
C PHE F 165 10.08 11.33 -36.50
N TYR F 166 8.86 11.83 -36.61
CA TYR F 166 8.27 12.19 -37.90
C TYR F 166 9.00 13.35 -38.56
N SER F 167 9.19 14.42 -37.80
CA SER F 167 9.85 15.62 -38.27
C SER F 167 11.31 15.35 -38.66
N MET F 168 11.90 14.32 -38.06
CA MET F 168 13.29 13.96 -38.36
C MET F 168 13.40 13.27 -39.72
N GLY F 169 12.35 12.55 -40.11
CA GLY F 169 12.37 11.89 -41.40
C GLY F 169 11.42 10.71 -41.54
N CYS F 170 11.29 9.90 -40.49
CA CYS F 170 10.41 8.74 -40.50
C CYS F 170 9.12 9.07 -41.24
N TYR F 171 8.79 8.30 -42.26
CA TYR F 171 7.57 8.53 -43.03
C TYR F 171 6.40 7.82 -42.36
N GLU F 172 6.70 6.95 -41.41
CA GLU F 172 5.65 6.22 -40.72
C GLU F 172 6.13 5.77 -39.36
N ILE F 173 5.36 6.06 -38.32
CA ILE F 173 5.74 5.66 -36.98
C ILE F 173 4.82 4.62 -36.37
N SER F 174 5.34 3.41 -36.19
CA SER F 174 4.54 2.34 -35.62
C SER F 174 4.48 2.46 -34.09
N LEU F 175 3.28 2.72 -33.57
CA LEU F 175 3.08 2.87 -32.13
C LEU F 175 2.85 1.49 -31.56
N GLY F 176 3.76 1.02 -30.71
CA GLY F 176 3.61 -0.32 -30.18
C GLY F 176 3.41 -0.53 -28.70
N ASP F 177 2.33 -1.23 -28.38
CA ASP F 177 2.03 -1.58 -27.01
C ASP F 177 2.93 -2.80 -26.87
N THR F 178 4.20 -2.55 -26.63
CA THR F 178 5.21 -3.61 -26.52
C THR F 178 5.00 -4.65 -25.41
N ILE F 179 4.38 -4.24 -24.31
CA ILE F 179 4.14 -5.16 -23.22
C ILE F 179 2.74 -5.76 -23.25
N GLY F 180 1.88 -5.19 -24.10
CA GLY F 180 0.52 -5.69 -24.24
C GLY F 180 -0.42 -5.41 -23.08
N VAL F 181 -0.15 -4.35 -22.34
CA VAL F 181 -0.98 -3.97 -21.21
C VAL F 181 -2.06 -2.98 -21.58
N GLY F 182 -2.04 -2.54 -22.83
CA GLY F 182 -3.04 -1.58 -23.27
C GLY F 182 -4.45 -2.12 -23.38
N THR F 183 -5.41 -1.21 -23.21
CA THR F 183 -6.82 -1.53 -23.32
C THR F 183 -7.36 -0.48 -24.27
N PRO F 184 -8.51 -0.75 -24.91
CA PRO F 184 -9.10 0.20 -25.86
C PRO F 184 -9.16 1.68 -25.44
N GLY F 185 -9.43 1.93 -24.17
CA GLY F 185 -9.50 3.30 -23.70
C GLY F 185 -8.15 3.97 -23.75
N ILE F 186 -7.13 3.26 -23.29
CA ILE F 186 -5.76 3.75 -23.29
C ILE F 186 -5.30 4.02 -24.71
N MET F 187 -5.72 3.15 -25.62
CA MET F 187 -5.35 3.26 -27.03
C MET F 187 -5.99 4.49 -27.67
N LYS F 188 -7.26 4.72 -27.38
CA LYS F 188 -7.97 5.86 -27.94
C LYS F 188 -7.32 7.15 -27.50
N ASP F 189 -7.02 7.27 -26.21
CA ASP F 189 -6.37 8.47 -25.71
C ASP F 189 -5.04 8.71 -26.40
N MET F 190 -4.22 7.68 -26.42
CA MET F 190 -2.91 7.73 -27.03
C MET F 190 -3.05 8.28 -28.44
N LEU F 191 -3.76 7.55 -29.28
CA LEU F 191 -3.97 7.95 -30.66
C LEU F 191 -4.59 9.32 -30.80
N SER F 192 -5.40 9.71 -29.82
CA SER F 192 -6.06 11.01 -29.90
C SER F 192 -5.05 12.14 -29.86
N ALA F 193 -4.05 12.01 -28.99
CA ALA F 193 -3.01 13.02 -28.88
C ALA F 193 -2.14 12.97 -30.14
N VAL F 194 -1.42 11.87 -30.29
CA VAL F 194 -0.56 11.68 -31.45
C VAL F 194 -1.11 12.28 -32.75
N MET F 195 -2.36 11.96 -33.08
CA MET F 195 -3.00 12.46 -34.30
C MET F 195 -3.00 13.97 -34.43
N GLN F 196 -3.06 14.68 -33.30
CA GLN F 196 -3.07 16.14 -33.31
C GLN F 196 -1.79 16.70 -33.92
N GLU F 197 -0.68 15.99 -33.72
CA GLU F 197 0.63 16.43 -34.18
C GLU F 197 1.16 15.80 -35.45
N VAL F 198 0.72 14.58 -35.76
CA VAL F 198 1.21 13.88 -36.94
C VAL F 198 0.09 13.35 -37.83
N PRO F 199 0.18 13.59 -39.15
CA PRO F 199 -0.83 13.13 -40.10
C PRO F 199 -1.21 11.66 -39.94
N LEU F 200 -2.50 11.38 -40.08
CA LEU F 200 -3.01 10.04 -39.90
C LEU F 200 -2.41 8.92 -40.72
N ALA F 201 -2.19 9.16 -42.01
CA ALA F 201 -1.63 8.14 -42.89
C ALA F 201 -0.17 7.77 -42.57
N ALA F 202 0.37 8.33 -41.49
CA ALA F 202 1.74 8.03 -41.09
C ALA F 202 1.83 7.19 -39.81
N LEU F 203 0.70 7.00 -39.14
CA LEU F 203 0.70 6.22 -37.90
C LEU F 203 0.46 4.73 -38.17
N ALA F 204 1.07 3.89 -37.36
CA ALA F 204 0.91 2.45 -37.48
C ALA F 204 0.76 1.93 -36.06
N VAL F 205 0.10 0.79 -35.91
CA VAL F 205 -0.09 0.25 -34.58
C VAL F 205 0.52 -1.16 -34.43
N HIS F 206 1.33 -1.34 -33.40
CA HIS F 206 2.02 -2.60 -33.10
C HIS F 206 1.55 -3.08 -31.72
N CYS F 207 0.47 -3.85 -31.69
CA CYS F 207 -0.04 -4.34 -30.41
C CYS F 207 0.31 -5.79 -30.11
N HIS F 208 0.94 -6.04 -28.97
CA HIS F 208 1.30 -7.39 -28.58
C HIS F 208 0.12 -7.97 -27.77
N ASP F 209 -0.33 -9.16 -28.14
CA ASP F 209 -1.48 -9.80 -27.50
C ASP F 209 -1.21 -10.51 -26.17
N THR F 210 -0.18 -10.09 -25.46
CA THR F 210 0.18 -10.73 -24.19
C THR F 210 -1.01 -10.88 -23.23
N TYR F 211 -1.89 -9.87 -23.19
CA TYR F 211 -3.04 -9.90 -22.30
C TYR F 211 -4.37 -10.19 -23.00
N GLY F 212 -4.31 -10.62 -24.26
CA GLY F 212 -5.54 -10.88 -24.99
C GLY F 212 -6.32 -9.64 -25.39
N GLN F 213 -5.65 -8.50 -25.37
CA GLN F 213 -6.27 -7.23 -25.72
C GLN F 213 -5.84 -6.76 -27.11
N ALA F 214 -4.93 -7.48 -27.76
CA ALA F 214 -4.43 -7.06 -29.07
C ALA F 214 -5.45 -6.77 -30.18
N LEU F 215 -6.29 -7.75 -30.52
CA LEU F 215 -7.26 -7.52 -31.58
C LEU F 215 -8.26 -6.42 -31.21
N ALA F 216 -8.70 -6.39 -29.95
CA ALA F 216 -9.64 -5.38 -29.48
C ALA F 216 -8.98 -4.00 -29.61
N ASN F 217 -7.73 -3.87 -29.17
CA ASN F 217 -7.00 -2.61 -29.26
C ASN F 217 -6.77 -2.17 -30.71
N THR F 218 -6.58 -3.14 -31.60
CA THR F 218 -6.36 -2.82 -32.99
C THR F 218 -7.68 -2.27 -33.57
N LEU F 219 -8.79 -2.89 -33.17
CA LEU F 219 -10.11 -2.47 -33.65
C LEU F 219 -10.38 -1.04 -33.22
N MET F 220 -9.93 -0.68 -32.03
CA MET F 220 -10.11 0.68 -31.52
C MET F 220 -9.33 1.60 -32.43
N ALA F 221 -8.08 1.25 -32.70
CA ALA F 221 -7.22 2.05 -33.56
C ALA F 221 -7.85 2.32 -34.92
N LEU F 222 -8.34 1.26 -35.58
CA LEU F 222 -8.98 1.39 -36.89
C LEU F 222 -10.12 2.37 -36.80
N GLN F 223 -10.95 2.20 -35.77
CA GLN F 223 -12.09 3.09 -35.54
C GLN F 223 -11.65 4.56 -35.48
N MET F 224 -10.38 4.78 -35.16
CA MET F 224 -9.81 6.13 -35.07
C MET F 224 -9.30 6.65 -36.40
N GLY F 225 -9.22 5.78 -37.40
CA GLY F 225 -8.75 6.21 -38.71
C GLY F 225 -7.42 5.63 -39.17
N VAL F 226 -6.71 4.97 -38.26
CA VAL F 226 -5.43 4.36 -38.59
C VAL F 226 -5.63 3.32 -39.68
N SER F 227 -4.68 3.18 -40.59
CA SER F 227 -4.86 2.21 -41.67
C SER F 227 -3.71 1.25 -41.89
N VAL F 228 -2.75 1.22 -40.96
CA VAL F 228 -1.60 0.33 -41.08
C VAL F 228 -1.31 -0.33 -39.73
N VAL F 229 -1.33 -1.66 -39.69
CA VAL F 229 -1.09 -2.38 -38.44
C VAL F 229 -0.14 -3.57 -38.57
N ASP F 230 0.77 -3.69 -37.60
CA ASP F 230 1.78 -4.75 -37.56
C ASP F 230 1.26 -6.01 -36.90
N SER F 231 1.79 -7.15 -37.31
CA SER F 231 1.38 -8.44 -36.75
C SER F 231 2.30 -9.54 -37.25
N SER F 232 2.51 -10.55 -36.40
CA SER F 232 3.35 -11.69 -36.72
C SER F 232 2.48 -12.83 -37.26
N VAL F 233 3.07 -13.73 -38.05
CA VAL F 233 2.31 -14.82 -38.65
C VAL F 233 1.45 -15.59 -37.67
N ALA F 234 1.98 -16.67 -37.12
CA ALA F 234 1.20 -17.48 -36.19
C ALA F 234 1.32 -17.05 -34.73
N GLY F 235 1.39 -15.74 -34.51
CA GLY F 235 1.50 -15.26 -33.15
C GLY F 235 2.93 -15.34 -32.67
N LEU F 236 3.86 -15.50 -33.62
CA LEU F 236 5.28 -15.59 -33.30
C LEU F 236 5.79 -14.37 -32.55
N GLY F 237 6.53 -14.62 -31.48
CA GLY F 237 7.06 -13.52 -30.70
C GLY F 237 7.07 -13.82 -29.23
N GLY F 238 6.82 -12.79 -28.43
CA GLY F 238 6.82 -12.93 -26.99
C GLY F 238 7.68 -11.82 -26.43
N CYS F 239 7.26 -11.20 -25.33
CA CYS F 239 8.05 -10.12 -24.76
C CYS F 239 8.92 -10.60 -23.61
N PRO F 240 10.20 -10.20 -23.60
CA PRO F 240 11.16 -10.57 -22.56
C PRO F 240 10.72 -10.10 -21.17
N TYR F 241 9.98 -9.00 -21.15
CA TYR F 241 9.50 -8.40 -19.90
C TYR F 241 8.37 -9.15 -19.17
N ALA F 242 7.50 -9.81 -19.93
CA ALA F 242 6.42 -10.59 -19.34
C ALA F 242 6.83 -12.05 -19.33
N GLN F 243 6.19 -12.84 -18.48
CA GLN F 243 6.51 -14.27 -18.36
C GLN F 243 6.52 -15.03 -19.70
N GLY F 244 5.84 -16.17 -19.71
CA GLY F 244 5.76 -16.97 -20.92
C GLY F 244 4.35 -16.92 -21.50
N ALA F 245 3.86 -15.71 -21.75
CA ALA F 245 2.52 -15.52 -22.31
C ALA F 245 2.59 -15.53 -23.84
N SER F 246 2.25 -14.41 -24.48
CA SER F 246 2.31 -14.36 -25.93
C SER F 246 2.92 -13.04 -26.39
N GLY F 247 3.28 -12.97 -27.68
CA GLY F 247 3.88 -11.78 -28.22
C GLY F 247 2.97 -10.99 -29.13
N ASN F 248 3.30 -10.98 -30.42
CA ASN F 248 2.54 -10.24 -31.42
C ASN F 248 1.16 -10.79 -31.79
N LEU F 249 0.36 -9.89 -32.37
CA LEU F 249 -0.98 -10.18 -32.82
C LEU F 249 -0.87 -11.12 -34.01
N ALA F 250 -1.50 -12.29 -33.93
CA ALA F 250 -1.46 -13.25 -35.04
C ALA F 250 -2.09 -12.63 -36.29
N THR F 251 -1.36 -12.65 -37.39
CA THR F 251 -1.85 -12.07 -38.63
C THR F 251 -3.16 -12.64 -39.13
N GLU F 252 -3.26 -13.97 -39.16
CA GLU F 252 -4.47 -14.64 -39.65
C GLU F 252 -5.72 -14.20 -38.91
N ASP F 253 -5.63 -14.13 -37.60
CA ASP F 253 -6.76 -13.72 -36.79
C ASP F 253 -7.08 -12.26 -37.12
N LEU F 254 -6.05 -11.50 -37.46
CA LEU F 254 -6.24 -10.11 -37.84
C LEU F 254 -6.88 -10.06 -39.23
N VAL F 255 -6.31 -10.75 -40.21
CA VAL F 255 -6.89 -10.75 -41.55
C VAL F 255 -8.29 -11.41 -41.52
N TYR F 256 -8.51 -12.32 -40.59
CA TYR F 256 -9.82 -12.96 -40.49
C TYR F 256 -10.85 -11.92 -40.07
N MET F 257 -10.44 -11.02 -39.18
CA MET F 257 -11.33 -9.96 -38.71
C MET F 257 -11.50 -8.92 -39.79
N LEU F 258 -10.39 -8.47 -40.37
CA LEU F 258 -10.45 -7.48 -41.42
C LEU F 258 -11.35 -7.90 -42.56
N GLU F 259 -11.15 -9.11 -43.06
CA GLU F 259 -11.98 -9.62 -44.16
C GLU F 259 -13.44 -9.63 -43.75
N GLY F 260 -13.72 -10.12 -42.55
CA GLY F 260 -15.09 -10.17 -42.07
C GLY F 260 -15.78 -8.82 -42.17
N LEU F 261 -14.99 -7.76 -42.04
CA LEU F 261 -15.50 -6.40 -42.13
C LEU F 261 -15.58 -5.92 -43.58
N GLY F 262 -14.92 -6.64 -44.48
CA GLY F 262 -14.95 -6.22 -45.87
C GLY F 262 -13.83 -5.24 -46.17
N ILE F 263 -12.84 -5.19 -45.28
CA ILE F 263 -11.71 -4.28 -45.48
C ILE F 263 -10.64 -5.00 -46.27
N HIS F 264 -10.27 -4.41 -47.40
CA HIS F 264 -9.24 -5.00 -48.25
C HIS F 264 -7.88 -5.12 -47.57
N THR F 265 -7.15 -6.18 -47.92
CA THR F 265 -5.81 -6.43 -47.36
C THR F 265 -4.91 -7.10 -48.39
N GLY F 266 -5.52 -7.67 -49.43
CA GLY F 266 -4.75 -8.34 -50.47
C GLY F 266 -3.95 -9.52 -49.96
N VAL F 267 -4.45 -10.13 -48.90
CA VAL F 267 -3.77 -11.29 -48.33
C VAL F 267 -4.66 -12.52 -48.52
N ASN F 268 -4.03 -13.63 -48.90
CA ASN F 268 -4.72 -14.88 -49.11
C ASN F 268 -4.57 -15.68 -47.82
N LEU F 269 -5.56 -15.56 -46.94
CA LEU F 269 -5.55 -16.23 -45.65
C LEU F 269 -5.03 -17.65 -45.72
N GLN F 270 -5.48 -18.37 -46.75
CA GLN F 270 -5.08 -19.75 -46.96
C GLN F 270 -3.55 -19.81 -47.00
N LYS F 271 -2.96 -19.20 -48.01
CA LYS F 271 -1.52 -19.20 -48.15
C LYS F 271 -0.84 -18.67 -46.90
N LEU F 272 -1.47 -17.70 -46.24
CA LEU F 272 -0.90 -17.16 -45.01
C LEU F 272 -0.90 -18.25 -43.93
N LEU F 273 -2.01 -18.98 -43.83
CA LEU F 273 -2.12 -20.04 -42.83
C LEU F 273 -1.00 -21.07 -43.01
N GLU F 274 -0.58 -21.29 -44.25
CA GLU F 274 0.48 -22.24 -44.56
C GLU F 274 1.84 -21.72 -44.13
N ALA F 275 2.13 -20.48 -44.53
CA ALA F 275 3.40 -19.86 -44.17
C ALA F 275 3.59 -20.09 -42.67
N GLY F 276 2.52 -19.85 -41.92
CA GLY F 276 2.55 -20.04 -40.48
C GLY F 276 2.66 -21.50 -40.13
N ASN F 277 2.03 -22.34 -40.95
CA ASN F 277 2.07 -23.78 -40.71
C ASN F 277 3.53 -24.20 -40.76
N PHE F 278 4.17 -23.91 -41.89
CA PHE F 278 5.57 -24.24 -42.08
C PHE F 278 6.44 -23.86 -40.89
N ILE F 279 6.68 -22.57 -40.75
CA ILE F 279 7.53 -22.04 -39.69
C ILE F 279 7.30 -22.64 -38.30
N CYS F 280 6.04 -22.93 -37.98
CA CYS F 280 5.70 -23.50 -36.67
C CYS F 280 6.27 -24.90 -36.52
N GLN F 281 6.21 -25.69 -37.58
CA GLN F 281 6.76 -27.03 -37.55
C GLN F 281 8.27 -26.86 -37.45
N ALA F 282 8.78 -25.85 -38.13
CA ALA F 282 10.21 -25.55 -38.13
C ALA F 282 10.72 -25.36 -36.71
N LEU F 283 10.05 -24.52 -35.93
CA LEU F 283 10.47 -24.27 -34.55
C LEU F 283 9.94 -25.36 -33.62
N ASN F 284 8.95 -26.09 -34.10
CA ASN F 284 8.32 -27.16 -33.34
C ASN F 284 7.55 -26.58 -32.14
N ARG F 285 6.49 -25.86 -32.47
CA ARG F 285 5.62 -25.21 -31.49
C ARG F 285 4.23 -25.02 -32.10
N LYS F 286 3.21 -25.04 -31.25
CA LYS F 286 1.84 -24.87 -31.73
C LYS F 286 1.55 -23.45 -32.18
N THR F 287 0.98 -23.31 -33.37
CA THR F 287 0.62 -22.01 -33.92
C THR F 287 -0.29 -21.27 -32.95
N SER F 288 -0.01 -19.98 -32.75
CA SER F 288 -0.82 -19.18 -31.84
C SER F 288 -1.97 -18.46 -32.54
N SER F 289 -2.37 -18.99 -33.68
CA SER F 289 -3.48 -18.41 -34.41
C SER F 289 -4.73 -19.21 -34.07
N LYS F 290 -5.79 -18.52 -33.69
CA LYS F 290 -7.04 -19.18 -33.33
C LYS F 290 -7.75 -19.65 -34.60
N VAL F 291 -7.52 -18.93 -35.69
CA VAL F 291 -8.10 -19.25 -36.98
C VAL F 291 -7.31 -20.38 -37.63
N ALA F 292 -6.08 -20.58 -37.17
CA ALA F 292 -5.26 -21.67 -37.67
C ALA F 292 -5.67 -22.93 -36.92
N GLN F 293 -6.02 -22.77 -35.65
CA GLN F 293 -6.41 -23.89 -34.80
C GLN F 293 -7.85 -24.33 -35.04
N ALA F 294 -8.65 -23.46 -35.63
CA ALA F 294 -10.03 -23.82 -35.90
C ALA F 294 -10.18 -24.30 -37.34
N THR F 295 -9.12 -24.14 -38.13
CA THR F 295 -9.14 -24.55 -39.53
C THR F 295 -8.59 -25.95 -39.75
N CYS F 296 -7.55 -26.34 -39.01
CA CYS F 296 -7.00 -27.70 -39.14
C CYS F 296 -5.83 -27.98 -38.21
O2 3HG G . 44.21 -0.09 -9.12
O1 3HG G . 43.77 -1.33 -13.28
C1 3HG G . 44.08 -1.11 -12.09
O3 3HG G . 44.87 -1.93 -11.56
C2 3HG G . 43.49 0.16 -11.41
C3 3HG G . 43.10 0.00 -9.91
C4 3HG G . 42.20 1.24 -9.57
C5 3HG G . 41.69 1.28 -8.11
O4 3HG G . 40.55 1.71 -7.93
O5 3HG G . 42.37 0.91 -7.12
MG MG H . 40.26 2.01 -5.55
N1 HGG I . 35.97 4.15 45.37
C2 HGG I . 36.06 2.78 45.89
N3 HGG I . 34.82 2.18 46.60
C4 HGG I . 33.58 3.05 46.72
C5 HGG I . 33.39 4.47 46.23
C6 HGG I . 34.63 5.01 45.52
N6 HGG I . 34.63 6.22 45.04
N7 HGG I . 32.14 4.95 46.51
C8 HGG I . 31.56 3.95 47.12
N9 HGG I . 32.38 2.77 47.28
C1' HGG I . 31.08 4.78 31.37
O1' HGG I . 31.90 3.88 31.02
C15 HGG I . 32.14 1.43 47.88
C16 HGG I . 31.53 1.35 49.32
C17 HGG I . 30.76 -0.06 49.24
C18 HGG I . 30.27 -0.15 47.75
C19 HGG I . 28.97 0.52 47.30
C2' HGG I . 30.27 5.53 30.42
O20 HGG I . 32.51 1.54 50.41
O21 HGG I . 31.68 -1.22 49.39
O22 HGG I . 31.13 0.74 47.08
O23 HGG I . 28.16 1.24 48.27
C3' HGG I . 30.89 6.79 29.87
O3' HGG I . 32.07 6.45 29.23
P31 HGG I . 26.56 1.46 48.25
O32 HGG I . 26.06 -0.01 47.61
O33 HGG I . 26.13 1.64 49.69
O34 HGG I . 26.17 2.59 47.28
P35 HGG I . 25.78 -0.37 46.00
O36 HGG I . 27.09 -1.21 45.57
O37 HGG I . 24.60 -1.34 45.77
O38 HGG I . 25.56 0.89 45.02
P39 HGG I . 32.28 -2.51 50.28
C4' HGG I . 29.90 7.43 28.91
O4' HGG I . 28.29 6.14 27.75
O40 HGG I . 33.69 -2.04 50.80
O41 HGG I . 31.23 -2.76 51.45
O42 HGG I . 32.34 -3.69 49.25
C43 HGG I . 28.98 1.90 41.78
C44 HGG I . 27.91 2.89 42.27
C45 HGG I . 27.16 2.65 43.74
C46 HGG I . 26.34 1.34 43.86
C5' HGG I . 29.48 6.77 27.72
O5' HGG I . 30.22 6.74 26.70
O51 HGG I . 29.59 1.01 42.52
O52 HGG I . 28.63 4.14 42.25
C53 HGG I . 26.12 3.76 43.98
C57 HGG I . 28.14 2.76 44.84
C61 HGG I . 30.75 2.19 38.59
C62 HGG I . 30.22 1.30 39.69
N68 HGG I . 29.28 2.04 40.42
C69 HGG I . 30.55 1.87 37.07
N71 HGG I . 31.16 2.87 36.19
O72 HGG I . 29.89 0.77 36.75
C73 HGG I . 32.11 4.09 34.21
C74 HGG I . 31.48 2.95 34.76
S81 HGG I . 31.02 5.07 33.10
MG MG J . 32.35 5.45 26.59
MG MG K . -34.04 -4.85 8.16
MG MG L . -16.02 11.24 31.48
MG MG M . -21.46 -21.09 -24.85
MG MG N . 7.84 -5.55 -30.60
#